data_3DT5
# 
_entry.id   3DT5 
# 
_audit_conform.dict_name       mmcif_pdbx.dic 
_audit_conform.dict_version    5.399 
_audit_conform.dict_location   http://mmcif.pdb.org/dictionaries/ascii/mmcif_pdbx.dic 
# 
loop_
_database_2.database_id 
_database_2.database_code 
_database_2.pdbx_database_accession 
_database_2.pdbx_DOI 
PDB   3DT5         pdb_00003dt5 10.2210/pdb3dt5/pdb 
RCSB  RCSB048455   ?            ?                   
WWPDB D_1000048455 ?            ?                   
# 
loop_
_pdbx_audit_revision_history.ordinal 
_pdbx_audit_revision_history.data_content_type 
_pdbx_audit_revision_history.major_revision 
_pdbx_audit_revision_history.minor_revision 
_pdbx_audit_revision_history.revision_date 
1 'Structure model' 1 0 2008-07-29 
2 'Structure model' 1 1 2011-07-13 
3 'Structure model' 1 2 2017-10-25 
4 'Structure model' 1 3 2024-11-20 
# 
_pdbx_audit_revision_details.ordinal             1 
_pdbx_audit_revision_details.revision_ordinal    1 
_pdbx_audit_revision_details.data_content_type   'Structure model' 
_pdbx_audit_revision_details.provider            repository 
_pdbx_audit_revision_details.type                'Initial release' 
_pdbx_audit_revision_details.description         ? 
_pdbx_audit_revision_details.details             ? 
# 
loop_
_pdbx_audit_revision_group.ordinal 
_pdbx_audit_revision_group.revision_ordinal 
_pdbx_audit_revision_group.data_content_type 
_pdbx_audit_revision_group.group 
1 2 'Structure model' Advisory                    
2 2 'Structure model' 'Version format compliance' 
3 3 'Structure model' 'Refinement description'    
4 4 'Structure model' 'Data collection'           
5 4 'Structure model' 'Database references'       
6 4 'Structure model' 'Derived calculations'      
7 4 'Structure model' 'Structure summary'         
# 
loop_
_pdbx_audit_revision_category.ordinal 
_pdbx_audit_revision_category.revision_ordinal 
_pdbx_audit_revision_category.data_content_type 
_pdbx_audit_revision_category.category 
1 3 'Structure model' software                  
2 4 'Structure model' chem_comp_atom            
3 4 'Structure model' chem_comp_bond            
4 4 'Structure model' database_2                
5 4 'Structure model' pdbx_entry_details        
6 4 'Structure model' pdbx_modification_feature 
7 4 'Structure model' struct_conn               
8 4 'Structure model' struct_ref_seq_dif        
9 4 'Structure model' struct_site               
# 
loop_
_pdbx_audit_revision_item.ordinal 
_pdbx_audit_revision_item.revision_ordinal 
_pdbx_audit_revision_item.data_content_type 
_pdbx_audit_revision_item.item 
1  3 'Structure model' '_software.classification'            
2  3 'Structure model' '_software.contact_author'            
3  3 'Structure model' '_software.contact_author_email'      
4  3 'Structure model' '_software.date'                      
5  3 'Structure model' '_software.language'                  
6  3 'Structure model' '_software.location'                  
7  3 'Structure model' '_software.name'                      
8  3 'Structure model' '_software.type'                      
9  3 'Structure model' '_software.version'                   
10 4 'Structure model' '_database_2.pdbx_DOI'                
11 4 'Structure model' '_database_2.pdbx_database_accession' 
12 4 'Structure model' '_struct_conn.pdbx_leaving_atom_flag' 
13 4 'Structure model' '_struct_ref_seq_dif.details'         
14 4 'Structure model' '_struct_site.pdbx_auth_asym_id'      
15 4 'Structure model' '_struct_site.pdbx_auth_comp_id'      
16 4 'Structure model' '_struct_site.pdbx_auth_seq_id'       
# 
_pdbx_database_status.entry_id                        3DT5 
_pdbx_database_status.deposit_site                    RCSB 
_pdbx_database_status.process_site                    RCSB 
_pdbx_database_status.recvd_initial_deposition_date   2008-07-14 
_pdbx_database_status.status_code                     REL 
_pdbx_database_status.status_code_sf                  REL 
_pdbx_database_status.status_code_mr                  ? 
_pdbx_database_status.SG_entry                        Y 
_pdbx_database_status.pdb_format_compatible           Y 
_pdbx_database_status.status_code_cs                  ? 
_pdbx_database_status.methods_development_category    ? 
_pdbx_database_status.status_code_nmr_data            ? 
# 
_pdbx_database_related.db_name        TargetDB 
_pdbx_database_related.db_id          APC7732 
_pdbx_database_related.details        . 
_pdbx_database_related.content_type   unspecified 
# 
loop_
_audit_author.name 
_audit_author.pdbx_ordinal 
'Osipiuk, J.'                                   1 
'Evdokimova, E.'                                2 
'Kudritska, M.'                                 3 
'Savchenko, A.'                                 4 
'Edwards, A.M.'                                 5 
'Joachimiak, A.'                                6 
'Midwest Center for Structural Genomics (MCSG)' 7 
# 
_citation.id                        primary 
_citation.title                     
'X-ray crystal structure of C_terminal domain of protein of unknown function AF_0924 from Archaeoglobus fulgidus.' 
_citation.journal_abbrev            'To be Published' 
_citation.journal_volume            ? 
_citation.page_first                ? 
_citation.page_last                 ? 
_citation.year                      ? 
_citation.journal_id_ASTM           ? 
_citation.country                   ? 
_citation.journal_id_ISSN           ? 
_citation.journal_id_CSD            0353 
_citation.book_publisher            ? 
_citation.pdbx_database_id_PubMed   ? 
_citation.pdbx_database_id_DOI      ? 
# 
loop_
_citation_author.citation_id 
_citation_author.name 
_citation_author.ordinal 
_citation_author.identifier_ORCID 
primary 'OSIPIUK, J.'    1 ? 
primary 'EVDOKIMOVA, E.' 2 ? 
primary 'KUDRITSKA, M.'  3 ? 
primary 'SAVCHENKO, A.'  4 ? 
primary 'EDWARDS, A.M.'  5 ? 
primary 'JOACHIMIAK, A.' 6 ? 
# 
loop_
_entity.id 
_entity.type 
_entity.src_method 
_entity.pdbx_description 
_entity.formula_weight 
_entity.pdbx_number_of_molecules 
_entity.pdbx_ec 
_entity.pdbx_mutation 
_entity.pdbx_fragment 
_entity.details 
1 polymer     man 'Uncharacterized protein AF_0924' 16048.986 1  ? ? 'C-terminal domain' ? 
2 non-polymer syn 'CALCIUM ION'                     40.078    1  ? ? ?                   ? 
3 non-polymer syn 1,2-ETHANEDIOL                    62.068    1  ? ? ?                   ? 
4 water       nat water                             18.015    89 ? ? ?                   ? 
# 
_entity_poly.entity_id                      1 
_entity_poly.type                           'polypeptide(L)' 
_entity_poly.nstd_linkage                   no 
_entity_poly.nstd_monomer                   yes 
_entity_poly.pdbx_seq_one_letter_code       
;GHSNRQVQL(MSE)ARQQRLKAIEDRLEKFYIPLIKAFSSYVYTAQTEDEIETIITCRRYLAGNNLLRVLP(MSE)HFKF
KADKIAGSANWTFYAKEDFEQWKEALDVLWEEFLEVLKEYYTLSGTEISLPEKPDWLIGYKGS
;
_entity_poly.pdbx_seq_one_letter_code_can   
;GHSNRQVQLMARQQRLKAIEDRLEKFYIPLIKAFSSYVYTAQTEDEIETIITCRRYLAGNNLLRVLPMHFKFKADKIAGS
ANWTFYAKEDFEQWKEALDVLWEEFLEVLKEYYTLSGTEISLPEKPDWLIGYKGS
;
_entity_poly.pdbx_strand_id                 A 
_entity_poly.pdbx_target_identifier         APC7732 
# 
loop_
_pdbx_entity_nonpoly.entity_id 
_pdbx_entity_nonpoly.name 
_pdbx_entity_nonpoly.comp_id 
2 'CALCIUM ION'  CA  
3 1,2-ETHANEDIOL EDO 
4 water          HOH 
# 
loop_
_entity_poly_seq.entity_id 
_entity_poly_seq.num 
_entity_poly_seq.mon_id 
_entity_poly_seq.hetero 
1 1   GLY n 
1 2   HIS n 
1 3   SER n 
1 4   ASN n 
1 5   ARG n 
1 6   GLN n 
1 7   VAL n 
1 8   GLN n 
1 9   LEU n 
1 10  MSE n 
1 11  ALA n 
1 12  ARG n 
1 13  GLN n 
1 14  GLN n 
1 15  ARG n 
1 16  LEU n 
1 17  LYS n 
1 18  ALA n 
1 19  ILE n 
1 20  GLU n 
1 21  ASP n 
1 22  ARG n 
1 23  LEU n 
1 24  GLU n 
1 25  LYS n 
1 26  PHE n 
1 27  TYR n 
1 28  ILE n 
1 29  PRO n 
1 30  LEU n 
1 31  ILE n 
1 32  LYS n 
1 33  ALA n 
1 34  PHE n 
1 35  SER n 
1 36  SER n 
1 37  TYR n 
1 38  VAL n 
1 39  TYR n 
1 40  THR n 
1 41  ALA n 
1 42  GLN n 
1 43  THR n 
1 44  GLU n 
1 45  ASP n 
1 46  GLU n 
1 47  ILE n 
1 48  GLU n 
1 49  THR n 
1 50  ILE n 
1 51  ILE n 
1 52  THR n 
1 53  CYS n 
1 54  ARG n 
1 55  ARG n 
1 56  TYR n 
1 57  LEU n 
1 58  ALA n 
1 59  GLY n 
1 60  ASN n 
1 61  ASN n 
1 62  LEU n 
1 63  LEU n 
1 64  ARG n 
1 65  VAL n 
1 66  LEU n 
1 67  PRO n 
1 68  MSE n 
1 69  HIS n 
1 70  PHE n 
1 71  LYS n 
1 72  PHE n 
1 73  LYS n 
1 74  ALA n 
1 75  ASP n 
1 76  LYS n 
1 77  ILE n 
1 78  ALA n 
1 79  GLY n 
1 80  SER n 
1 81  ALA n 
1 82  ASN n 
1 83  TRP n 
1 84  THR n 
1 85  PHE n 
1 86  TYR n 
1 87  ALA n 
1 88  LYS n 
1 89  GLU n 
1 90  ASP n 
1 91  PHE n 
1 92  GLU n 
1 93  GLN n 
1 94  TRP n 
1 95  LYS n 
1 96  GLU n 
1 97  ALA n 
1 98  LEU n 
1 99  ASP n 
1 100 VAL n 
1 101 LEU n 
1 102 TRP n 
1 103 GLU n 
1 104 GLU n 
1 105 PHE n 
1 106 LEU n 
1 107 GLU n 
1 108 VAL n 
1 109 LEU n 
1 110 LYS n 
1 111 GLU n 
1 112 TYR n 
1 113 TYR n 
1 114 THR n 
1 115 LEU n 
1 116 SER n 
1 117 GLY n 
1 118 THR n 
1 119 GLU n 
1 120 ILE n 
1 121 SER n 
1 122 LEU n 
1 123 PRO n 
1 124 GLU n 
1 125 LYS n 
1 126 PRO n 
1 127 ASP n 
1 128 TRP n 
1 129 LEU n 
1 130 ILE n 
1 131 GLY n 
1 132 TYR n 
1 133 LYS n 
1 134 GLY n 
1 135 SER n 
# 
_entity_src_gen.entity_id                          1 
_entity_src_gen.pdbx_src_id                        1 
_entity_src_gen.pdbx_alt_source_flag               sample 
_entity_src_gen.pdbx_seq_type                      ? 
_entity_src_gen.pdbx_beg_seq_num                   ? 
_entity_src_gen.pdbx_end_seq_num                   ? 
_entity_src_gen.gene_src_common_name               ? 
_entity_src_gen.gene_src_genus                     ? 
_entity_src_gen.pdbx_gene_src_gene                 AF_0924 
_entity_src_gen.gene_src_species                   ? 
_entity_src_gen.gene_src_strain                    'DSM 4304' 
_entity_src_gen.gene_src_tissue                    ? 
_entity_src_gen.gene_src_tissue_fraction           ? 
_entity_src_gen.gene_src_details                   ? 
_entity_src_gen.pdbx_gene_src_fragment             ? 
_entity_src_gen.pdbx_gene_src_scientific_name      'Archaeoglobus fulgidus' 
_entity_src_gen.pdbx_gene_src_ncbi_taxonomy_id     2234 
_entity_src_gen.pdbx_gene_src_variant              ? 
_entity_src_gen.pdbx_gene_src_cell_line            ? 
_entity_src_gen.pdbx_gene_src_atcc                 ? 
_entity_src_gen.pdbx_gene_src_organ                ? 
_entity_src_gen.pdbx_gene_src_organelle            ? 
_entity_src_gen.pdbx_gene_src_cell                 ? 
_entity_src_gen.pdbx_gene_src_cellular_location    ? 
_entity_src_gen.host_org_common_name               ? 
_entity_src_gen.pdbx_host_org_scientific_name      'Escherichia coli' 
_entity_src_gen.pdbx_host_org_ncbi_taxonomy_id     562 
_entity_src_gen.host_org_genus                     ? 
_entity_src_gen.pdbx_host_org_gene                 ? 
_entity_src_gen.pdbx_host_org_organ                ? 
_entity_src_gen.host_org_species                   ? 
_entity_src_gen.pdbx_host_org_tissue               ? 
_entity_src_gen.pdbx_host_org_tissue_fraction      ? 
_entity_src_gen.pdbx_host_org_strain               'BL21(DE3)' 
_entity_src_gen.pdbx_host_org_variant              ? 
_entity_src_gen.pdbx_host_org_cell_line            ? 
_entity_src_gen.pdbx_host_org_atcc                 ? 
_entity_src_gen.pdbx_host_org_culture_collection   ? 
_entity_src_gen.pdbx_host_org_cell                 ? 
_entity_src_gen.pdbx_host_org_organelle            ? 
_entity_src_gen.pdbx_host_org_cellular_location    ? 
_entity_src_gen.pdbx_host_org_vector_type          plasmid 
_entity_src_gen.pdbx_host_org_vector               ? 
_entity_src_gen.host_org_details                   ? 
_entity_src_gen.expression_system_id               ? 
_entity_src_gen.plasmid_name                       'pET15b modified' 
_entity_src_gen.plasmid_details                    ? 
_entity_src_gen.pdbx_description                   ? 
# 
loop_
_chem_comp.id 
_chem_comp.type 
_chem_comp.mon_nstd_flag 
_chem_comp.name 
_chem_comp.pdbx_synonyms 
_chem_comp.formula 
_chem_comp.formula_weight 
ALA 'L-peptide linking' y ALANINE          ?                 'C3 H7 N O2'     89.093  
ARG 'L-peptide linking' y ARGININE         ?                 'C6 H15 N4 O2 1' 175.209 
ASN 'L-peptide linking' y ASPARAGINE       ?                 'C4 H8 N2 O3'    132.118 
ASP 'L-peptide linking' y 'ASPARTIC ACID'  ?                 'C4 H7 N O4'     133.103 
CA  non-polymer         . 'CALCIUM ION'    ?                 'Ca 2'           40.078  
CYS 'L-peptide linking' y CYSTEINE         ?                 'C3 H7 N O2 S'   121.158 
EDO non-polymer         . 1,2-ETHANEDIOL   'ETHYLENE GLYCOL' 'C2 H6 O2'       62.068  
GLN 'L-peptide linking' y GLUTAMINE        ?                 'C5 H10 N2 O3'   146.144 
GLU 'L-peptide linking' y 'GLUTAMIC ACID'  ?                 'C5 H9 N O4'     147.129 
GLY 'peptide linking'   y GLYCINE          ?                 'C2 H5 N O2'     75.067  
HIS 'L-peptide linking' y HISTIDINE        ?                 'C6 H10 N3 O2 1' 156.162 
HOH non-polymer         . WATER            ?                 'H2 O'           18.015  
ILE 'L-peptide linking' y ISOLEUCINE       ?                 'C6 H13 N O2'    131.173 
LEU 'L-peptide linking' y LEUCINE          ?                 'C6 H13 N O2'    131.173 
LYS 'L-peptide linking' y LYSINE           ?                 'C6 H15 N2 O2 1' 147.195 
MSE 'L-peptide linking' n SELENOMETHIONINE ?                 'C5 H11 N O2 Se' 196.106 
PHE 'L-peptide linking' y PHENYLALANINE    ?                 'C9 H11 N O2'    165.189 
PRO 'L-peptide linking' y PROLINE          ?                 'C5 H9 N O2'     115.130 
SER 'L-peptide linking' y SERINE           ?                 'C3 H7 N O3'     105.093 
THR 'L-peptide linking' y THREONINE        ?                 'C4 H9 N O3'     119.119 
TRP 'L-peptide linking' y TRYPTOPHAN       ?                 'C11 H12 N2 O2'  204.225 
TYR 'L-peptide linking' y TYROSINE         ?                 'C9 H11 N O3'    181.189 
VAL 'L-peptide linking' y VALINE           ?                 'C5 H11 N O2'    117.146 
# 
loop_
_pdbx_poly_seq_scheme.asym_id 
_pdbx_poly_seq_scheme.entity_id 
_pdbx_poly_seq_scheme.seq_id 
_pdbx_poly_seq_scheme.mon_id 
_pdbx_poly_seq_scheme.ndb_seq_num 
_pdbx_poly_seq_scheme.pdb_seq_num 
_pdbx_poly_seq_scheme.auth_seq_num 
_pdbx_poly_seq_scheme.pdb_mon_id 
_pdbx_poly_seq_scheme.auth_mon_id 
_pdbx_poly_seq_scheme.pdb_strand_id 
_pdbx_poly_seq_scheme.pdb_ins_code 
_pdbx_poly_seq_scheme.hetero 
A 1 1   GLY 1   63  ?   ?   ?   A . n 
A 1 2   HIS 2   64  ?   ?   ?   A . n 
A 1 3   SER 3   65  ?   ?   ?   A . n 
A 1 4   ASN 4   66  ?   ?   ?   A . n 
A 1 5   ARG 5   67  ?   ?   ?   A . n 
A 1 6   GLN 6   68  ?   ?   ?   A . n 
A 1 7   VAL 7   69  ?   ?   ?   A . n 
A 1 8   GLN 8   70  ?   ?   ?   A . n 
A 1 9   LEU 9   71  ?   ?   ?   A . n 
A 1 10  MSE 10  72  ?   ?   ?   A . n 
A 1 11  ALA 11  73  ?   ?   ?   A . n 
A 1 12  ARG 12  74  ?   ?   ?   A . n 
A 1 13  GLN 13  75  ?   ?   ?   A . n 
A 1 14  GLN 14  76  ?   ?   ?   A . n 
A 1 15  ARG 15  77  77  ARG ARG A . n 
A 1 16  LEU 16  78  78  LEU LEU A . n 
A 1 17  LYS 17  79  79  LYS LYS A . n 
A 1 18  ALA 18  80  80  ALA ALA A . n 
A 1 19  ILE 19  81  81  ILE ILE A . n 
A 1 20  GLU 20  82  82  GLU GLU A . n 
A 1 21  ASP 21  83  83  ASP ASP A . n 
A 1 22  ARG 22  84  84  ARG ARG A . n 
A 1 23  LEU 23  85  85  LEU LEU A . n 
A 1 24  GLU 24  86  86  GLU GLU A . n 
A 1 25  LYS 25  87  87  LYS LYS A . n 
A 1 26  PHE 26  88  88  PHE PHE A . n 
A 1 27  TYR 27  89  89  TYR TYR A . n 
A 1 28  ILE 28  90  90  ILE ILE A . n 
A 1 29  PRO 29  91  91  PRO PRO A . n 
A 1 30  LEU 30  92  92  LEU LEU A . n 
A 1 31  ILE 31  93  93  ILE ILE A . n 
A 1 32  LYS 32  94  94  LYS LYS A . n 
A 1 33  ALA 33  95  95  ALA ALA A . n 
A 1 34  PHE 34  96  96  PHE PHE A . n 
A 1 35  SER 35  97  97  SER SER A . n 
A 1 36  SER 36  98  98  SER SER A . n 
A 1 37  TYR 37  99  99  TYR TYR A . n 
A 1 38  VAL 38  100 100 VAL VAL A . n 
A 1 39  TYR 39  101 101 TYR TYR A . n 
A 1 40  THR 40  102 102 THR THR A . n 
A 1 41  ALA 41  103 103 ALA ALA A . n 
A 1 42  GLN 42  104 104 GLN GLN A . n 
A 1 43  THR 43  105 105 THR THR A . n 
A 1 44  GLU 44  106 106 GLU GLU A . n 
A 1 45  ASP 45  107 107 ASP ASP A . n 
A 1 46  GLU 46  108 108 GLU GLU A . n 
A 1 47  ILE 47  109 109 ILE ILE A . n 
A 1 48  GLU 48  110 110 GLU GLU A . n 
A 1 49  THR 49  111 111 THR THR A . n 
A 1 50  ILE 50  112 112 ILE ILE A . n 
A 1 51  ILE 51  113 113 ILE ILE A . n 
A 1 52  THR 52  114 114 THR THR A . n 
A 1 53  CYS 53  115 115 CYS CYS A . n 
A 1 54  ARG 54  116 116 ARG ARG A . n 
A 1 55  ARG 55  117 117 ARG ARG A . n 
A 1 56  TYR 56  118 118 TYR TYR A . n 
A 1 57  LEU 57  119 119 LEU LEU A . n 
A 1 58  ALA 58  120 120 ALA ALA A . n 
A 1 59  GLY 59  121 121 GLY GLY A . n 
A 1 60  ASN 60  122 122 ASN ASN A . n 
A 1 61  ASN 61  123 123 ASN ASN A . n 
A 1 62  LEU 62  124 124 LEU LEU A . n 
A 1 63  LEU 63  125 125 LEU LEU A . n 
A 1 64  ARG 64  126 126 ARG ARG A . n 
A 1 65  VAL 65  127 127 VAL VAL A . n 
A 1 66  LEU 66  128 128 LEU LEU A . n 
A 1 67  PRO 67  129 129 PRO PRO A . n 
A 1 68  MSE 68  130 130 MSE MSE A . n 
A 1 69  HIS 69  131 131 HIS HIS A . n 
A 1 70  PHE 70  132 132 PHE PHE A . n 
A 1 71  LYS 71  133 133 LYS LYS A . n 
A 1 72  PHE 72  134 134 PHE PHE A . n 
A 1 73  LYS 73  135 135 LYS LYS A . n 
A 1 74  ALA 74  136 136 ALA ALA A . n 
A 1 75  ASP 75  137 137 ASP ASP A . n 
A 1 76  LYS 76  138 138 LYS LYS A . n 
A 1 77  ILE 77  139 139 ILE ILE A . n 
A 1 78  ALA 78  140 140 ALA ALA A . n 
A 1 79  GLY 79  141 141 GLY GLY A . n 
A 1 80  SER 80  142 142 SER SER A . n 
A 1 81  ALA 81  143 143 ALA ALA A . n 
A 1 82  ASN 82  144 144 ASN ASN A . n 
A 1 83  TRP 83  145 145 TRP TRP A . n 
A 1 84  THR 84  146 146 THR THR A . n 
A 1 85  PHE 85  147 147 PHE PHE A . n 
A 1 86  TYR 86  148 148 TYR TYR A . n 
A 1 87  ALA 87  149 149 ALA ALA A . n 
A 1 88  LYS 88  150 150 LYS LYS A . n 
A 1 89  GLU 89  151 151 GLU GLU A . n 
A 1 90  ASP 90  152 152 ASP ASP A . n 
A 1 91  PHE 91  153 153 PHE PHE A . n 
A 1 92  GLU 92  154 154 GLU GLU A . n 
A 1 93  GLN 93  155 155 GLN GLN A . n 
A 1 94  TRP 94  156 156 TRP TRP A . n 
A 1 95  LYS 95  157 157 LYS LYS A . n 
A 1 96  GLU 96  158 158 GLU GLU A . n 
A 1 97  ALA 97  159 159 ALA ALA A . n 
A 1 98  LEU 98  160 160 LEU LEU A . n 
A 1 99  ASP 99  161 161 ASP ASP A . n 
A 1 100 VAL 100 162 162 VAL VAL A . n 
A 1 101 LEU 101 163 163 LEU LEU A . n 
A 1 102 TRP 102 164 164 TRP TRP A . n 
A 1 103 GLU 103 165 165 GLU GLU A . n 
A 1 104 GLU 104 166 166 GLU GLU A . n 
A 1 105 PHE 105 167 167 PHE PHE A . n 
A 1 106 LEU 106 168 168 LEU LEU A . n 
A 1 107 GLU 107 169 169 GLU GLU A . n 
A 1 108 VAL 108 170 170 VAL VAL A . n 
A 1 109 LEU 109 171 171 LEU LEU A . n 
A 1 110 LYS 110 172 172 LYS LYS A . n 
A 1 111 GLU 111 173 173 GLU GLU A . n 
A 1 112 TYR 112 174 174 TYR TYR A . n 
A 1 113 TYR 113 175 175 TYR TYR A . n 
A 1 114 THR 114 176 176 THR THR A . n 
A 1 115 LEU 115 177 177 LEU LEU A . n 
A 1 116 SER 116 178 178 SER SER A . n 
A 1 117 GLY 117 179 179 GLY GLY A . n 
A 1 118 THR 118 180 180 THR THR A . n 
A 1 119 GLU 119 181 181 GLU GLU A . n 
A 1 120 ILE 120 182 182 ILE ILE A . n 
A 1 121 SER 121 183 183 SER SER A . n 
A 1 122 LEU 122 184 184 LEU LEU A . n 
A 1 123 PRO 123 185 185 PRO PRO A . n 
A 1 124 GLU 124 186 186 GLU GLU A . n 
A 1 125 LYS 125 187 187 LYS LYS A . n 
A 1 126 PRO 126 188 188 PRO PRO A . n 
A 1 127 ASP 127 189 189 ASP ASP A . n 
A 1 128 TRP 128 190 190 TRP TRP A . n 
A 1 129 LEU 129 191 191 LEU LEU A . n 
A 1 130 ILE 130 192 192 ILE ILE A . n 
A 1 131 GLY 131 193 193 GLY GLY A . n 
A 1 132 TYR 132 194 194 TYR TYR A . n 
A 1 133 LYS 133 195 195 LYS LYS A . n 
A 1 134 GLY 134 196 ?   ?   ?   A . n 
A 1 135 SER 135 197 ?   ?   ?   A . n 
# 
loop_
_pdbx_nonpoly_scheme.asym_id 
_pdbx_nonpoly_scheme.entity_id 
_pdbx_nonpoly_scheme.mon_id 
_pdbx_nonpoly_scheme.ndb_seq_num 
_pdbx_nonpoly_scheme.pdb_seq_num 
_pdbx_nonpoly_scheme.auth_seq_num 
_pdbx_nonpoly_scheme.pdb_mon_id 
_pdbx_nonpoly_scheme.auth_mon_id 
_pdbx_nonpoly_scheme.pdb_strand_id 
_pdbx_nonpoly_scheme.pdb_ins_code 
B 2 CA  1  301 301 CA  CA  A . 
C 3 EDO 1  302 302 EDO EDO A . 
D 4 HOH 1  303 1   HOH HOH A . 
D 4 HOH 2  304 2   HOH HOH A . 
D 4 HOH 3  305 3   HOH HOH A . 
D 4 HOH 4  306 4   HOH HOH A . 
D 4 HOH 5  307 5   HOH HOH A . 
D 4 HOH 6  308 6   HOH HOH A . 
D 4 HOH 7  309 7   HOH HOH A . 
D 4 HOH 8  310 8   HOH HOH A . 
D 4 HOH 9  311 9   HOH HOH A . 
D 4 HOH 10 312 10  HOH HOH A . 
D 4 HOH 11 313 11  HOH HOH A . 
D 4 HOH 12 314 12  HOH HOH A . 
D 4 HOH 13 315 13  HOH HOH A . 
D 4 HOH 14 316 14  HOH HOH A . 
D 4 HOH 15 317 15  HOH HOH A . 
D 4 HOH 16 318 16  HOH HOH A . 
D 4 HOH 17 319 17  HOH HOH A . 
D 4 HOH 18 320 18  HOH HOH A . 
D 4 HOH 19 321 19  HOH HOH A . 
D 4 HOH 20 322 20  HOH HOH A . 
D 4 HOH 21 323 21  HOH HOH A . 
D 4 HOH 22 324 22  HOH HOH A . 
D 4 HOH 23 325 23  HOH HOH A . 
D 4 HOH 24 326 24  HOH HOH A . 
D 4 HOH 25 327 25  HOH HOH A . 
D 4 HOH 26 328 26  HOH HOH A . 
D 4 HOH 27 329 27  HOH HOH A . 
D 4 HOH 28 330 28  HOH HOH A . 
D 4 HOH 29 331 29  HOH HOH A . 
D 4 HOH 30 332 30  HOH HOH A . 
D 4 HOH 31 333 31  HOH HOH A . 
D 4 HOH 32 334 32  HOH HOH A . 
D 4 HOH 33 335 33  HOH HOH A . 
D 4 HOH 34 336 34  HOH HOH A . 
D 4 HOH 35 337 35  HOH HOH A . 
D 4 HOH 36 338 36  HOH HOH A . 
D 4 HOH 37 339 37  HOH HOH A . 
D 4 HOH 38 340 38  HOH HOH A . 
D 4 HOH 39 341 39  HOH HOH A . 
D 4 HOH 40 342 40  HOH HOH A . 
D 4 HOH 41 343 41  HOH HOH A . 
D 4 HOH 42 344 42  HOH HOH A . 
D 4 HOH 43 345 43  HOH HOH A . 
D 4 HOH 44 346 44  HOH HOH A . 
D 4 HOH 45 347 45  HOH HOH A . 
D 4 HOH 46 348 46  HOH HOH A . 
D 4 HOH 47 349 47  HOH HOH A . 
D 4 HOH 48 350 48  HOH HOH A . 
D 4 HOH 49 351 49  HOH HOH A . 
D 4 HOH 50 352 50  HOH HOH A . 
D 4 HOH 51 353 51  HOH HOH A . 
D 4 HOH 52 354 52  HOH HOH A . 
D 4 HOH 53 355 53  HOH HOH A . 
D 4 HOH 54 356 54  HOH HOH A . 
D 4 HOH 55 357 55  HOH HOH A . 
D 4 HOH 56 358 56  HOH HOH A . 
D 4 HOH 57 359 57  HOH HOH A . 
D 4 HOH 58 360 58  HOH HOH A . 
D 4 HOH 59 361 59  HOH HOH A . 
D 4 HOH 60 362 60  HOH HOH A . 
D 4 HOH 61 363 61  HOH HOH A . 
D 4 HOH 62 364 62  HOH HOH A . 
D 4 HOH 63 365 63  HOH HOH A . 
D 4 HOH 64 366 64  HOH HOH A . 
D 4 HOH 65 367 65  HOH HOH A . 
D 4 HOH 66 368 66  HOH HOH A . 
D 4 HOH 67 369 67  HOH HOH A . 
D 4 HOH 68 370 68  HOH HOH A . 
D 4 HOH 69 371 69  HOH HOH A . 
D 4 HOH 70 372 70  HOH HOH A . 
D 4 HOH 71 373 71  HOH HOH A . 
D 4 HOH 72 374 72  HOH HOH A . 
D 4 HOH 73 375 73  HOH HOH A . 
D 4 HOH 74 376 74  HOH HOH A . 
D 4 HOH 75 377 75  HOH HOH A . 
D 4 HOH 76 378 76  HOH HOH A . 
D 4 HOH 77 379 77  HOH HOH A . 
D 4 HOH 78 380 78  HOH HOH A . 
D 4 HOH 79 381 79  HOH HOH A . 
D 4 HOH 80 382 80  HOH HOH A . 
D 4 HOH 81 383 81  HOH HOH A . 
D 4 HOH 82 384 82  HOH HOH A . 
D 4 HOH 83 385 83  HOH HOH A . 
D 4 HOH 84 386 84  HOH HOH A . 
D 4 HOH 85 387 85  HOH HOH A . 
D 4 HOH 86 388 86  HOH HOH A . 
D 4 HOH 87 389 87  HOH HOH A . 
D 4 HOH 88 390 88  HOH HOH A . 
D 4 HOH 89 391 89  HOH HOH A . 
# 
loop_
_software.name 
_software.version 
_software.date 
_software.type 
_software.contact_author 
_software.contact_author_email 
_software.classification 
_software.location 
_software.language 
_software.citation_id 
_software.pdbx_ordinal 
DENZO       .     ?               package 'Zbyszek Otwinowski' hkl@hkl-xray.com      'data reduction'  http://www.hkl-xray.com/ ? 
? 1  
SCALEPACK   .     ?               package 'Zbyszek Otwinowski' hkl@hkl-xray.com      'data scaling'    http://www.hkl-xray.com/ ? 
? 2  
REFMAC      .     ?               program 'Garib N. Murshudov' garib@ysbl.york.ac.uk refinement        
http://www.ccp4.ac.uk/dist/html/refmac5.html Fortran_77 ? 3  
PDB_EXTRACT 3.006 'June 11, 2008' package PDB                  help@deposit.rcsb.org 'data extraction' 
http://sw-tools.pdb.org/apps/PDB_EXTRACT/    C++        ? 4  
SBC-Collect .     ?               ?       ?                    ?                     'data collection' ? ?          ? 5  
HKL-3000    .     ?               ?       ?                    ?                     'data reduction'  ? ?          ? 6  
SHELXD      .     ?               ?       ?                    ?                     phasing           ? ?          ? 7  
MLPHARE     .     ?               ?       ?                    ?                     phasing           ? ?          ? 8  
DM          .     ?               ?       ?                    ?                     phasing           ? ?          ? 9  
SOLVE       .     ?               ?       ?                    ?                     phasing           ? ?          ? 10 
RESOLVE     .     ?               ?       ?                    ?                     phasing           ? ?          ? 11 
HKL-3000    .     ?               ?       ?                    ?                     phasing           ? ?          ? 12 
# 
_cell.length_a           65.413 
_cell.length_b           65.413 
_cell.length_c           76.582 
_cell.angle_alpha        90.000 
_cell.angle_beta         90.000 
_cell.angle_gamma        90.000 
_cell.entry_id           3DT5 
_cell.pdbx_unique_axis   ? 
_cell.Z_PDB              8 
_cell.length_a_esd       ? 
_cell.length_b_esd       ? 
_cell.length_c_esd       ? 
_cell.angle_alpha_esd    ? 
_cell.angle_beta_esd     ? 
_cell.angle_gamma_esd    ? 
# 
_symmetry.space_group_name_H-M             'P 41 21 2' 
_symmetry.entry_id                         3DT5 
_symmetry.Int_Tables_number                92 
_symmetry.pdbx_full_space_group_name_H-M   ? 
_symmetry.cell_setting                     ? 
_symmetry.space_group_name_Hall            ? 
# 
_exptl.crystals_number   1 
_exptl.entry_id          3DT5 
_exptl.method            'X-RAY DIFFRACTION' 
# 
_exptl_crystal.id                    1 
_exptl_crystal.density_Matthews      2.55 
_exptl_crystal.density_meas          ? 
_exptl_crystal.density_percent_sol   51.81 
_exptl_crystal.description           ? 
_exptl_crystal.F_000                 ? 
_exptl_crystal.preparation           ? 
# 
_exptl_crystal_grow.crystal_id      1 
_exptl_crystal_grow.method          'VAPOR DIFFUSION, HANGING DROP' 
_exptl_crystal_grow.pH              6.5 
_exptl_crystal_grow.temp            294 
_exptl_crystal_grow.pdbx_details    
'0.2 M calcium chloride, 25% PEG 5500 MME, 0.1 M Bis-Tris buffer, pH 6.5, VAPOR DIFFUSION, HANGING DROP, temperature 294K' 
_exptl_crystal_grow.temp_details    ? 
_exptl_crystal_grow.pdbx_pH_range   . 
# 
_diffrn.id                     1 
_diffrn.ambient_temp           100 
_diffrn.ambient_temp_details   ? 
_diffrn.crystal_id             1 
# 
_diffrn_detector.diffrn_id              1 
_diffrn_detector.detector               CCD 
_diffrn_detector.type                   'ADSC QUANTUM 315' 
_diffrn_detector.pdbx_collection_date   2008-06-14 
_diffrn_detector.details                ? 
# 
_diffrn_radiation.diffrn_id                        1 
_diffrn_radiation.pdbx_diffrn_protocol             'SINGLE WAVELENGTH' 
_diffrn_radiation.monochromator                    'double crystal monochromator' 
_diffrn_radiation.wavelength_id                    1 
_diffrn_radiation.pdbx_monochromatic_or_laue_m_l   M 
_diffrn_radiation.pdbx_scattering_type             x-ray 
# 
_diffrn_radiation_wavelength.id           1 
_diffrn_radiation_wavelength.wavelength   0.9792 
_diffrn_radiation_wavelength.wt           1.0 
# 
_diffrn_source.diffrn_id                   1 
_diffrn_source.source                      SYNCHROTRON 
_diffrn_source.type                        'APS BEAMLINE 19-ID' 
_diffrn_source.pdbx_wavelength_list        0.9792 
_diffrn_source.pdbx_wavelength             ? 
_diffrn_source.pdbx_synchrotron_site       APS 
_diffrn_source.pdbx_synchrotron_beamline   19-ID 
# 
_reflns.entry_id                     3DT5 
_reflns.d_resolution_high            1.940 
_reflns.d_resolution_low             50.000 
_reflns.number_obs                   12898 
_reflns.pdbx_Rmerge_I_obs            0.063 
_reflns.pdbx_netI_over_sigmaI        13.000 
_reflns.pdbx_chi_squared             1.293 
_reflns.pdbx_redundancy              27.600 
_reflns.percent_possible_obs         99.900 
_reflns.observed_criterion_sigma_F   0 
_reflns.observed_criterion_sigma_I   0 
_reflns.number_all                   12898 
_reflns.pdbx_Rsym_value              ? 
_reflns.B_iso_Wilson_estimate        46.9 
_reflns.R_free_details               ? 
_reflns.limit_h_max                  ? 
_reflns.limit_h_min                  ? 
_reflns.limit_k_max                  ? 
_reflns.limit_k_min                  ? 
_reflns.limit_l_max                  ? 
_reflns.limit_l_min                  ? 
_reflns.observed_criterion_F_max     ? 
_reflns.observed_criterion_F_min     ? 
_reflns.pdbx_scaling_rejects         ? 
_reflns.pdbx_ordinal                 1 
_reflns.pdbx_diffrn_id               1 
# 
_reflns_shell.d_res_high             1.94 
_reflns_shell.d_res_low              1.97 
_reflns_shell.number_measured_obs    ? 
_reflns_shell.number_measured_all    ? 
_reflns_shell.number_unique_obs      ? 
_reflns_shell.Rmerge_I_obs           0.881 
_reflns_shell.meanI_over_sigI_obs    4.18 
_reflns_shell.pdbx_Rsym_value        ? 
_reflns_shell.pdbx_chi_squared       0.884 
_reflns_shell.pdbx_redundancy        23.30 
_reflns_shell.percent_possible_obs   ? 
_reflns_shell.number_unique_all      634 
_reflns_shell.percent_possible_all   100.00 
_reflns_shell.pdbx_ordinal           1 
_reflns_shell.pdbx_diffrn_id         1 
# 
_refine.entry_id                                 3DT5 
_refine.ls_d_res_high                            1.940 
_refine.ls_d_res_low                             33.000 
_refine.pdbx_ls_sigma_F                          0.00 
_refine.ls_percent_reflns_obs                    99.950 
_refine.ls_number_reflns_obs                     12850 
_refine.pdbx_ls_cross_valid_method               THROUGHOUT 
_refine.pdbx_R_Free_selection_details            RANDOM 
_refine.details                                  'HYDROGENS HAVE BEEN ADDED IN THE RIDING POSITIONS' 
_refine.ls_R_factor_obs                          0.171 
_refine.ls_R_factor_R_work                       0.169 
_refine.ls_R_factor_R_free                       0.202 
_refine.ls_percent_reflns_R_free                 4.900 
_refine.ls_number_reflns_R_free                  626 
_refine.B_iso_mean                               42.192 
_refine.aniso_B[1][1]                            -0.370 
_refine.aniso_B[2][2]                            -0.370 
_refine.aniso_B[3][3]                            0.740 
_refine.aniso_B[1][2]                            0.000 
_refine.aniso_B[1][3]                            0.000 
_refine.aniso_B[2][3]                            0.000 
_refine.correlation_coeff_Fo_to_Fc               0.969 
_refine.correlation_coeff_Fo_to_Fc_free          0.958 
_refine.pdbx_overall_ESU_R                       0.129 
_refine.pdbx_overall_ESU_R_Free                  0.121 
_refine.overall_SU_ML                            0.080 
_refine.overall_SU_B                             5.352 
_refine.solvent_model_details                    MASK 
_refine.pdbx_solvent_vdw_probe_radii             1.200 
_refine.pdbx_solvent_ion_probe_radii             0.800 
_refine.pdbx_solvent_shrinkage_radii             0.800 
_refine.pdbx_method_to_determine_struct          SAD 
_refine.pdbx_stereochemistry_target_values       'MAXIMUM LIKELIHOOD' 
_refine.overall_FOM_work_R_set                   0.881 
_refine.B_iso_max                                74.78 
_refine.B_iso_min                                25.29 
_refine.occupancy_max                            1.00 
_refine.occupancy_min                            0.28 
_refine.pdbx_ls_sigma_I                          0 
_refine.ls_number_reflns_all                     12850 
_refine.ls_R_factor_all                          0.171 
_refine.ls_redundancy_reflns_obs                 ? 
_refine.pdbx_data_cutoff_high_absF               ? 
_refine.pdbx_data_cutoff_low_absF                ? 
_refine.ls_number_parameters                     ? 
_refine.ls_number_restraints                     ? 
_refine.ls_R_factor_R_free_error                 ? 
_refine.ls_R_factor_R_free_error_details         ? 
_refine.pdbx_starting_model                      ? 
_refine.pdbx_stereochem_target_val_spec_case     ? 
_refine.solvent_model_param_bsol                 ? 
_refine.solvent_model_param_ksol                 ? 
_refine.pdbx_isotropic_thermal_model             ? 
_refine.overall_SU_R_Cruickshank_DPI             ? 
_refine.overall_SU_R_free                        ? 
_refine.pdbx_data_cutoff_high_rms_absF           ? 
_refine.ls_wR_factor_R_free                      ? 
_refine.ls_wR_factor_R_work                      ? 
_refine.overall_FOM_free_R_set                   ? 
_refine.pdbx_overall_phase_error                 ? 
_refine.pdbx_refine_id                           'X-RAY DIFFRACTION' 
_refine.pdbx_TLS_residual_ADP_flag               'LIKELY RESIDUAL' 
_refine.pdbx_diffrn_id                           1 
_refine.pdbx_overall_SU_R_free_Cruickshank_DPI   ? 
_refine.pdbx_overall_SU_R_Blow_DPI               ? 
_refine.pdbx_overall_SU_R_free_Blow_DPI          ? 
# 
_refine_hist.pdbx_refine_id                   'X-RAY DIFFRACTION' 
_refine_hist.cycle_id                         LAST 
_refine_hist.pdbx_number_atoms_protein        1003 
_refine_hist.pdbx_number_atoms_nucleic_acid   0 
_refine_hist.pdbx_number_atoms_ligand         5 
_refine_hist.number_atoms_solvent             89 
_refine_hist.number_atoms_total               1097 
_refine_hist.d_res_high                       1.940 
_refine_hist.d_res_low                        33.000 
# 
loop_
_refine_ls_restr.type 
_refine_ls_restr.number 
_refine_ls_restr.dev_ideal 
_refine_ls_restr.dev_ideal_target 
_refine_ls_restr.weight 
_refine_ls_restr.pdbx_refine_id 
_refine_ls_restr.pdbx_restraint_function 
r_bond_refined_d             1080 0.019  0.022  ? 'X-RAY DIFFRACTION' ? 
r_angle_refined_deg          1469 1.631  1.967  ? 'X-RAY DIFFRACTION' ? 
r_dihedral_angle_1_deg       132  5.372  5.000  ? 'X-RAY DIFFRACTION' ? 
r_dihedral_angle_2_deg       55   29.592 24.182 ? 'X-RAY DIFFRACTION' ? 
r_dihedral_angle_3_deg       201  17.244 15.000 ? 'X-RAY DIFFRACTION' ? 
r_dihedral_angle_4_deg       6    21.669 15.000 ? 'X-RAY DIFFRACTION' ? 
r_chiral_restr               156  0.126  0.200  ? 'X-RAY DIFFRACTION' ? 
r_gen_planes_refined         821  0.008  0.020  ? 'X-RAY DIFFRACTION' ? 
r_nbd_refined                466  0.226  0.200  ? 'X-RAY DIFFRACTION' ? 
r_nbtor_refined              744  0.312  0.200  ? 'X-RAY DIFFRACTION' ? 
r_xyhbond_nbd_refined        73   0.145  0.200  ? 'X-RAY DIFFRACTION' ? 
r_metal_ion_refined          3    0.079  0.200  ? 'X-RAY DIFFRACTION' ? 
r_symmetry_vdw_refined       35   0.223  0.200  ? 'X-RAY DIFFRACTION' ? 
r_symmetry_hbond_refined     9    0.078  0.200  ? 'X-RAY DIFFRACTION' ? 
r_symmetry_metal_ion_refined 1    0.193  0.200  ? 'X-RAY DIFFRACTION' ? 
r_mcbond_it                  636  1.055  1.500  ? 'X-RAY DIFFRACTION' ? 
r_mcangle_it                 1002 1.719  2.000  ? 'X-RAY DIFFRACTION' ? 
r_scbond_it                  525  2.654  3.000  ? 'X-RAY DIFFRACTION' ? 
r_scangle_it                 460  4.210  4.500  ? 'X-RAY DIFFRACTION' ? 
# 
_refine_ls_shell.d_res_high                       1.939 
_refine_ls_shell.d_res_low                        1.989 
_refine_ls_shell.pdbx_total_number_of_bins_used   20 
_refine_ls_shell.percent_reflns_obs               100.000 
_refine_ls_shell.number_reflns_R_work             888 
_refine_ls_shell.R_factor_all                     ? 
_refine_ls_shell.R_factor_R_work                  0.210 
_refine_ls_shell.R_factor_R_free                  0.291 
_refine_ls_shell.percent_reflns_R_free            ? 
_refine_ls_shell.number_reflns_R_free             35 
_refine_ls_shell.R_factor_R_free_error            ? 
_refine_ls_shell.number_reflns_all                923 
_refine_ls_shell.number_reflns_obs                923 
_refine_ls_shell.redundancy_reflns_obs            ? 
_refine_ls_shell.pdbx_refine_id                   'X-RAY DIFFRACTION' 
# 
_struct.entry_id                  3DT5 
_struct.title                     'C_terminal domain of protein of unknown function AF_0924 from Archaeoglobus fulgidus.' 
_struct.pdbx_model_details        ? 
_struct.pdbx_CASP_flag            ? 
_struct.pdbx_model_type_details   ? 
# 
_struct_keywords.entry_id        3DT5 
_struct_keywords.text            
;structural genomics, APC7732, unknown function, PSI-2, Protein Structure Initiative, Midwest Center for Structural Genomics, MCSG, Membrane, Transmembrane
;
_struct_keywords.pdbx_keywords   'structural genomics, unknown function' 
# 
loop_
_struct_asym.id 
_struct_asym.pdbx_blank_PDB_chainid_flag 
_struct_asym.pdbx_modified 
_struct_asym.entity_id 
_struct_asym.details 
A N N 1 ? 
B N N 2 ? 
C N N 3 ? 
D N N 4 ? 
# 
_struct_ref.id                         1 
_struct_ref.db_name                    UNP 
_struct_ref.db_code                    Y924_ARCFU 
_struct_ref.pdbx_db_accession          O29338 
_struct_ref.entity_id                  1 
_struct_ref.pdbx_seq_one_letter_code   
;SNRQVQLMARQQRLKAIEDRLEKFYIPLIKAFSSYVYTAQTEDEIETIITCRRYLAGNNLLRVLPMHFKFKADKIAGSAN
WTFYAKEDFEQWKEALDVLWEEFLEVLKEYYTLSGTEISLPEKPDWLIGYK
;
_struct_ref.pdbx_align_begin           65 
_struct_ref.pdbx_db_isoform            ? 
# 
_struct_ref_seq.align_id                      1 
_struct_ref_seq.ref_id                        1 
_struct_ref_seq.pdbx_PDB_id_code              3DT5 
_struct_ref_seq.pdbx_strand_id                A 
_struct_ref_seq.seq_align_beg                 3 
_struct_ref_seq.pdbx_seq_align_beg_ins_code   ? 
_struct_ref_seq.seq_align_end                 133 
_struct_ref_seq.pdbx_seq_align_end_ins_code   ? 
_struct_ref_seq.pdbx_db_accession             O29338 
_struct_ref_seq.db_align_beg                  65 
_struct_ref_seq.pdbx_db_align_beg_ins_code    ? 
_struct_ref_seq.db_align_end                  195 
_struct_ref_seq.pdbx_db_align_end_ins_code    ? 
_struct_ref_seq.pdbx_auth_seq_align_beg       65 
_struct_ref_seq.pdbx_auth_seq_align_end       195 
# 
loop_
_struct_ref_seq_dif.align_id 
_struct_ref_seq_dif.pdbx_pdb_id_code 
_struct_ref_seq_dif.mon_id 
_struct_ref_seq_dif.pdbx_pdb_strand_id 
_struct_ref_seq_dif.seq_num 
_struct_ref_seq_dif.pdbx_pdb_ins_code 
_struct_ref_seq_dif.pdbx_seq_db_name 
_struct_ref_seq_dif.pdbx_seq_db_accession_code 
_struct_ref_seq_dif.db_mon_id 
_struct_ref_seq_dif.pdbx_seq_db_seq_num 
_struct_ref_seq_dif.details 
_struct_ref_seq_dif.pdbx_auth_seq_num 
_struct_ref_seq_dif.pdbx_ordinal 
1 3DT5 GLY A 1   ? UNP O29338 ? ? 'expression tag' 63  1 
1 3DT5 HIS A 2   ? UNP O29338 ? ? 'expression tag' 64  2 
1 3DT5 GLY A 134 ? UNP O29338 ? ? 'expression tag' 196 3 
1 3DT5 SER A 135 ? UNP O29338 ? ? 'expression tag' 197 4 
# 
_pdbx_struct_assembly.id                   1 
_pdbx_struct_assembly.details              author_and_software_defined_assembly 
_pdbx_struct_assembly.method_details       PISA 
_pdbx_struct_assembly.oligomeric_details   monomeric 
_pdbx_struct_assembly.oligomeric_count     1 
# 
_pdbx_struct_assembly_gen.assembly_id       1 
_pdbx_struct_assembly_gen.oper_expression   1 
_pdbx_struct_assembly_gen.asym_id_list      A,B,C,D 
# 
_pdbx_struct_oper_list.id                   1 
_pdbx_struct_oper_list.type                 'identity operation' 
_pdbx_struct_oper_list.name                 1_555 
_pdbx_struct_oper_list.symmetry_operation   x,y,z 
_pdbx_struct_oper_list.matrix[1][1]         1.0000000000 
_pdbx_struct_oper_list.matrix[1][2]         0.0000000000 
_pdbx_struct_oper_list.matrix[1][3]         0.0000000000 
_pdbx_struct_oper_list.vector[1]            0.0000000000 
_pdbx_struct_oper_list.matrix[2][1]         0.0000000000 
_pdbx_struct_oper_list.matrix[2][2]         1.0000000000 
_pdbx_struct_oper_list.matrix[2][3]         0.0000000000 
_pdbx_struct_oper_list.vector[2]            0.0000000000 
_pdbx_struct_oper_list.matrix[3][1]         0.0000000000 
_pdbx_struct_oper_list.matrix[3][2]         0.0000000000 
_pdbx_struct_oper_list.matrix[3][3]         1.0000000000 
_pdbx_struct_oper_list.vector[3]            0.0000000000 
# 
_struct_biol.id        1 
_struct_biol.details   'authors state that putative biological unit is the same as asymmetric unit.' 
# 
loop_
_struct_conf.conf_type_id 
_struct_conf.id 
_struct_conf.pdbx_PDB_helix_id 
_struct_conf.beg_label_comp_id 
_struct_conf.beg_label_asym_id 
_struct_conf.beg_label_seq_id 
_struct_conf.pdbx_beg_PDB_ins_code 
_struct_conf.end_label_comp_id 
_struct_conf.end_label_asym_id 
_struct_conf.end_label_seq_id 
_struct_conf.pdbx_end_PDB_ins_code 
_struct_conf.beg_auth_comp_id 
_struct_conf.beg_auth_asym_id 
_struct_conf.beg_auth_seq_id 
_struct_conf.end_auth_comp_id 
_struct_conf.end_auth_asym_id 
_struct_conf.end_auth_seq_id 
_struct_conf.pdbx_PDB_helix_class 
_struct_conf.details 
_struct_conf.pdbx_PDB_helix_length 
HELX_P HELX_P1 1 ARG A 15 ? PHE A 26  ? ARG A 77  PHE A 88  1 ? 12 
HELX_P HELX_P2 2 PHE A 26 ? SER A 36  ? PHE A 88  SER A 98  1 ? 11 
HELX_P HELX_P3 3 GLN A 42 ? THR A 52  ? GLN A 104 THR A 114 1 ? 11 
HELX_P HELX_P4 4 ARG A 54 ? ALA A 58  ? ARG A 116 ALA A 120 5 ? 5  
HELX_P HELX_P5 5 GLY A 59 ? LEU A 66  ? GLY A 121 LEU A 128 1 ? 8  
HELX_P HELX_P6 6 PHE A 70 ? PHE A 72  ? PHE A 132 PHE A 134 5 ? 3  
HELX_P HELX_P7 7 ALA A 87 ? GLY A 117 ? ALA A 149 GLY A 179 1 ? 31 
# 
_struct_conf_type.id          HELX_P 
_struct_conf_type.criteria    ? 
_struct_conf_type.reference   ? 
# 
loop_
_struct_conn.id 
_struct_conn.conn_type_id 
_struct_conn.pdbx_leaving_atom_flag 
_struct_conn.pdbx_PDB_id 
_struct_conn.ptnr1_label_asym_id 
_struct_conn.ptnr1_label_comp_id 
_struct_conn.ptnr1_label_seq_id 
_struct_conn.ptnr1_label_atom_id 
_struct_conn.pdbx_ptnr1_label_alt_id 
_struct_conn.pdbx_ptnr1_PDB_ins_code 
_struct_conn.pdbx_ptnr1_standard_comp_id 
_struct_conn.ptnr1_symmetry 
_struct_conn.ptnr2_label_asym_id 
_struct_conn.ptnr2_label_comp_id 
_struct_conn.ptnr2_label_seq_id 
_struct_conn.ptnr2_label_atom_id 
_struct_conn.pdbx_ptnr2_label_alt_id 
_struct_conn.pdbx_ptnr2_PDB_ins_code 
_struct_conn.ptnr1_auth_asym_id 
_struct_conn.ptnr1_auth_comp_id 
_struct_conn.ptnr1_auth_seq_id 
_struct_conn.ptnr2_auth_asym_id 
_struct_conn.ptnr2_auth_comp_id 
_struct_conn.ptnr2_auth_seq_id 
_struct_conn.ptnr2_symmetry 
_struct_conn.pdbx_ptnr3_label_atom_id 
_struct_conn.pdbx_ptnr3_label_seq_id 
_struct_conn.pdbx_ptnr3_label_comp_id 
_struct_conn.pdbx_ptnr3_label_asym_id 
_struct_conn.pdbx_ptnr3_label_alt_id 
_struct_conn.pdbx_ptnr3_PDB_ins_code 
_struct_conn.details 
_struct_conn.pdbx_dist_value 
_struct_conn.pdbx_value_order 
_struct_conn.pdbx_role 
disulf1 disulf ?    ? A CYS 53 SG  A ? ? 1_555 A CYS 53 SG A ? A CYS 115 A CYS 115 7_555 ? ? ? ? ? ? ? 2.992 ? ? 
covale1 covale both ? A PRO 67 C   ? ? ? 1_555 A MSE 68 N  ? ? A PRO 129 A MSE 130 1_555 ? ? ? ? ? ? ? 1.332 ? ? 
covale2 covale both ? A MSE 68 C   ? ? ? 1_555 A HIS 69 N  ? ? A MSE 130 A HIS 131 1_555 ? ? ? ? ? ? ? 1.322 ? ? 
metalc1 metalc ?    ? A GLU 44 OE1 ? ? ? 1_555 B CA  .  CA ? ? A GLU 106 A CA  301 1_555 ? ? ? ? ? ? ? 2.518 ? ? 
metalc2 metalc ?    ? A GLU 44 OE2 ? ? ? 1_555 B CA  .  CA ? ? A GLU 106 A CA  301 1_555 ? ? ? ? ? ? ? 2.507 ? ? 
metalc3 metalc ?    ? A LYS 71 O   ? ? ? 1_555 B CA  .  CA ? ? A LYS 133 A CA  301 1_555 ? ? ? ? ? ? ? 2.357 ? ? 
metalc4 metalc ?    ? A ALA 74 O   ? ? ? 1_555 B CA  .  CA ? ? A ALA 136 A CA  301 1_555 ? ? ? ? ? ? ? 2.303 ? ? 
metalc5 metalc ?    ? A ASP 75 OD1 ? ? ? 1_555 B CA  .  CA ? ? A ASP 137 A CA  301 1_555 ? ? ? ? ? ? ? 2.388 ? ? 
# 
loop_
_struct_conn_type.id 
_struct_conn_type.criteria 
_struct_conn_type.reference 
disulf ? ? 
covale ? ? 
metalc ? ? 
# 
loop_
_pdbx_struct_conn_angle.id 
_pdbx_struct_conn_angle.ptnr1_label_atom_id 
_pdbx_struct_conn_angle.ptnr1_label_alt_id 
_pdbx_struct_conn_angle.ptnr1_label_asym_id 
_pdbx_struct_conn_angle.ptnr1_label_comp_id 
_pdbx_struct_conn_angle.ptnr1_label_seq_id 
_pdbx_struct_conn_angle.ptnr1_auth_atom_id 
_pdbx_struct_conn_angle.ptnr1_auth_asym_id 
_pdbx_struct_conn_angle.ptnr1_auth_comp_id 
_pdbx_struct_conn_angle.ptnr1_auth_seq_id 
_pdbx_struct_conn_angle.ptnr1_PDB_ins_code 
_pdbx_struct_conn_angle.ptnr1_symmetry 
_pdbx_struct_conn_angle.ptnr2_label_atom_id 
_pdbx_struct_conn_angle.ptnr2_label_alt_id 
_pdbx_struct_conn_angle.ptnr2_label_asym_id 
_pdbx_struct_conn_angle.ptnr2_label_comp_id 
_pdbx_struct_conn_angle.ptnr2_label_seq_id 
_pdbx_struct_conn_angle.ptnr2_auth_atom_id 
_pdbx_struct_conn_angle.ptnr2_auth_asym_id 
_pdbx_struct_conn_angle.ptnr2_auth_comp_id 
_pdbx_struct_conn_angle.ptnr2_auth_seq_id 
_pdbx_struct_conn_angle.ptnr2_PDB_ins_code 
_pdbx_struct_conn_angle.ptnr2_symmetry 
_pdbx_struct_conn_angle.ptnr3_label_atom_id 
_pdbx_struct_conn_angle.ptnr3_label_alt_id 
_pdbx_struct_conn_angle.ptnr3_label_asym_id 
_pdbx_struct_conn_angle.ptnr3_label_comp_id 
_pdbx_struct_conn_angle.ptnr3_label_seq_id 
_pdbx_struct_conn_angle.ptnr3_auth_atom_id 
_pdbx_struct_conn_angle.ptnr3_auth_asym_id 
_pdbx_struct_conn_angle.ptnr3_auth_comp_id 
_pdbx_struct_conn_angle.ptnr3_auth_seq_id 
_pdbx_struct_conn_angle.ptnr3_PDB_ins_code 
_pdbx_struct_conn_angle.ptnr3_symmetry 
_pdbx_struct_conn_angle.value 
_pdbx_struct_conn_angle.value_esd 
1  OE1 ? A GLU 44 ? A GLU 106 ? 1_555 CA ? B CA . ? A CA 301 ? 1_555 OE2 ? A GLU 44 ? A GLU 106 ? 1_555 51.6  ? 
2  OE1 ? A GLU 44 ? A GLU 106 ? 1_555 CA ? B CA . ? A CA 301 ? 1_555 O   ? A LYS 71 ? A LYS 133 ? 1_555 75.6  ? 
3  OE2 ? A GLU 44 ? A GLU 106 ? 1_555 CA ? B CA . ? A CA 301 ? 1_555 O   ? A LYS 71 ? A LYS 133 ? 1_555 117.9 ? 
4  OE1 ? A GLU 44 ? A GLU 106 ? 1_555 CA ? B CA . ? A CA 301 ? 1_555 O   ? A ALA 74 ? A ALA 136 ? 1_555 112.1 ? 
5  OE2 ? A GLU 44 ? A GLU 106 ? 1_555 CA ? B CA . ? A CA 301 ? 1_555 O   ? A ALA 74 ? A ALA 136 ? 1_555 84.5  ? 
6  O   ? A LYS 71 ? A LYS 133 ? 1_555 CA ? B CA . ? A CA 301 ? 1_555 O   ? A ALA 74 ? A ALA 136 ? 1_555 88.1  ? 
7  OE1 ? A GLU 44 ? A GLU 106 ? 1_555 CA ? B CA . ? A CA 301 ? 1_555 OD1 ? A ASP 75 ? A ASP 137 ? 1_555 125.2 ? 
8  OE2 ? A GLU 44 ? A GLU 106 ? 1_555 CA ? B CA . ? A CA 301 ? 1_555 OD1 ? A ASP 75 ? A ASP 137 ? 1_555 79.6  ? 
9  O   ? A LYS 71 ? A LYS 133 ? 1_555 CA ? B CA . ? A CA 301 ? 1_555 OD1 ? A ASP 75 ? A ASP 137 ? 1_555 159.0 ? 
10 O   ? A ALA 74 ? A ALA 136 ? 1_555 CA ? B CA . ? A CA 301 ? 1_555 OD1 ? A ASP 75 ? A ASP 137 ? 1_555 81.7  ? 
# 
loop_
_pdbx_modification_feature.ordinal 
_pdbx_modification_feature.label_comp_id 
_pdbx_modification_feature.label_asym_id 
_pdbx_modification_feature.label_seq_id 
_pdbx_modification_feature.label_alt_id 
_pdbx_modification_feature.modified_residue_label_comp_id 
_pdbx_modification_feature.modified_residue_label_asym_id 
_pdbx_modification_feature.modified_residue_label_seq_id 
_pdbx_modification_feature.modified_residue_label_alt_id 
_pdbx_modification_feature.auth_comp_id 
_pdbx_modification_feature.auth_asym_id 
_pdbx_modification_feature.auth_seq_id 
_pdbx_modification_feature.PDB_ins_code 
_pdbx_modification_feature.symmetry 
_pdbx_modification_feature.modified_residue_auth_comp_id 
_pdbx_modification_feature.modified_residue_auth_asym_id 
_pdbx_modification_feature.modified_residue_auth_seq_id 
_pdbx_modification_feature.modified_residue_PDB_ins_code 
_pdbx_modification_feature.modified_residue_symmetry 
_pdbx_modification_feature.comp_id_linking_atom 
_pdbx_modification_feature.modified_residue_id_linking_atom 
_pdbx_modification_feature.modified_residue_id 
_pdbx_modification_feature.ref_pcm_id 
_pdbx_modification_feature.ref_comp_id 
_pdbx_modification_feature.type 
_pdbx_modification_feature.category 
1 MSE A 68 ? .   . .  . MSE A 130 ? 1_555 .   . .   . .     .  .  MET 1 MSE Selenomethionine 'Named protein modification' 
2 CYS A 53 A CYS A 53 A CYS A 115 ? 1_555 CYS A 115 ? 7_555 SG SG .   . .   None             'Disulfide bridge'           
# 
_struct_sheet.id               A 
_struct_sheet.type             ? 
_struct_sheet.number_strands   3 
_struct_sheet.details          ? 
# 
loop_
_struct_sheet_order.sheet_id 
_struct_sheet_order.range_id_1 
_struct_sheet_order.range_id_2 
_struct_sheet_order.offset 
_struct_sheet_order.sense 
A 1 2 ? anti-parallel 
A 2 3 ? parallel      
# 
loop_
_struct_sheet_range.sheet_id 
_struct_sheet_range.id 
_struct_sheet_range.beg_label_comp_id 
_struct_sheet_range.beg_label_asym_id 
_struct_sheet_range.beg_label_seq_id 
_struct_sheet_range.pdbx_beg_PDB_ins_code 
_struct_sheet_range.end_label_comp_id 
_struct_sheet_range.end_label_asym_id 
_struct_sheet_range.end_label_seq_id 
_struct_sheet_range.pdbx_end_PDB_ins_code 
_struct_sheet_range.beg_auth_comp_id 
_struct_sheet_range.beg_auth_asym_id 
_struct_sheet_range.beg_auth_seq_id 
_struct_sheet_range.end_auth_comp_id 
_struct_sheet_range.end_auth_asym_id 
_struct_sheet_range.end_auth_seq_id 
A 1 ALA A 74  ? ASP A 75  ? ALA A 136 ASP A 137 
A 2 TRP A 83  ? PHE A 85  ? TRP A 145 PHE A 147 
A 3 ILE A 130 ? GLY A 131 ? ILE A 192 GLY A 193 
# 
loop_
_pdbx_struct_sheet_hbond.sheet_id 
_pdbx_struct_sheet_hbond.range_id_1 
_pdbx_struct_sheet_hbond.range_id_2 
_pdbx_struct_sheet_hbond.range_1_label_atom_id 
_pdbx_struct_sheet_hbond.range_1_label_comp_id 
_pdbx_struct_sheet_hbond.range_1_label_asym_id 
_pdbx_struct_sheet_hbond.range_1_label_seq_id 
_pdbx_struct_sheet_hbond.range_1_PDB_ins_code 
_pdbx_struct_sheet_hbond.range_1_auth_atom_id 
_pdbx_struct_sheet_hbond.range_1_auth_comp_id 
_pdbx_struct_sheet_hbond.range_1_auth_asym_id 
_pdbx_struct_sheet_hbond.range_1_auth_seq_id 
_pdbx_struct_sheet_hbond.range_2_label_atom_id 
_pdbx_struct_sheet_hbond.range_2_label_comp_id 
_pdbx_struct_sheet_hbond.range_2_label_asym_id 
_pdbx_struct_sheet_hbond.range_2_label_seq_id 
_pdbx_struct_sheet_hbond.range_2_PDB_ins_code 
_pdbx_struct_sheet_hbond.range_2_auth_atom_id 
_pdbx_struct_sheet_hbond.range_2_auth_comp_id 
_pdbx_struct_sheet_hbond.range_2_auth_asym_id 
_pdbx_struct_sheet_hbond.range_2_auth_seq_id 
A 1 2 N ASP A 75 ? N ASP A 137 O THR A 84  ? O THR A 146 
A 2 3 N PHE A 85 ? N PHE A 147 O GLY A 131 ? O GLY A 193 
# 
loop_
_struct_site.id 
_struct_site.pdbx_evidence_code 
_struct_site.pdbx_auth_asym_id 
_struct_site.pdbx_auth_comp_id 
_struct_site.pdbx_auth_seq_id 
_struct_site.pdbx_auth_ins_code 
_struct_site.pdbx_num_residues 
_struct_site.details 
AC1 Software A CA  301 ? 6 'BINDING SITE FOR RESIDUE CA A 301'  
AC2 Software A EDO 302 ? 8 'BINDING SITE FOR RESIDUE EDO A 302' 
# 
loop_
_struct_site_gen.id 
_struct_site_gen.site_id 
_struct_site_gen.pdbx_num_res 
_struct_site_gen.label_comp_id 
_struct_site_gen.label_asym_id 
_struct_site_gen.label_seq_id 
_struct_site_gen.pdbx_auth_ins_code 
_struct_site_gen.auth_comp_id 
_struct_site_gen.auth_asym_id 
_struct_site_gen.auth_seq_id 
_struct_site_gen.label_atom_id 
_struct_site_gen.label_alt_id 
_struct_site_gen.symmetry 
_struct_site_gen.details 
1  AC1 6 GLU A 44  ? GLU A 106 . ? 1_555 ? 
2  AC1 6 LYS A 71  ? LYS A 133 . ? 1_555 ? 
3  AC1 6 ALA A 74  ? ALA A 136 . ? 1_555 ? 
4  AC1 6 ASP A 75  ? ASP A 137 . ? 1_555 ? 
5  AC1 6 GLU A 107 ? GLU A 169 . ? 5_555 ? 
6  AC1 6 GLU A 111 ? GLU A 173 . ? 5_555 ? 
7  AC2 8 ARG A 22  ? ARG A 84  . ? 1_555 ? 
8  AC2 8 TYR A 27  ? TYR A 89  . ? 1_555 ? 
9  AC2 8 GLY A 59  ? GLY A 121 . ? 1_555 ? 
10 AC2 8 ASP A 75  ? ASP A 137 . ? 5_545 ? 
11 AC2 8 GLU A 104 ? GLU A 166 . ? 1_555 ? 
12 AC2 8 GLU A 107 ? GLU A 169 . ? 1_555 ? 
13 AC2 8 HOH D .   ? HOH A 303 . ? 5_545 ? 
14 AC2 8 HOH D .   ? HOH A 349 . ? 1_555 ? 
# 
_pdbx_entry_details.entry_id                   3DT5 
_pdbx_entry_details.compound_details           ? 
_pdbx_entry_details.source_details             ? 
_pdbx_entry_details.nonpolymer_details         ? 
_pdbx_entry_details.sequence_details           ? 
_pdbx_entry_details.has_ligand_of_interest     ? 
_pdbx_entry_details.has_protein_modification   Y 
# 
loop_
_pdbx_validate_torsion.id 
_pdbx_validate_torsion.PDB_model_num 
_pdbx_validate_torsion.auth_comp_id 
_pdbx_validate_torsion.auth_asym_id 
_pdbx_validate_torsion.auth_seq_id 
_pdbx_validate_torsion.PDB_ins_code 
_pdbx_validate_torsion.label_alt_id 
_pdbx_validate_torsion.phi 
_pdbx_validate_torsion.psi 
1 1 PHE A 88  ? ? -126.79 -66.80 
2 1 SER A 97  ? ? -140.95 -18.40 
3 1 THR A 114 ? ? -119.73 -74.81 
4 1 PHE A 132 ? ? -145.32 -45.84 
# 
_pdbx_SG_project.id                    1 
_pdbx_SG_project.project_name          'PSI, Protein Structure Initiative' 
_pdbx_SG_project.full_name_of_center   'Midwest Center for Structural Genomics' 
_pdbx_SG_project.initial_of_center     MCSG 
# 
_pdbx_struct_mod_residue.id               1 
_pdbx_struct_mod_residue.label_asym_id    A 
_pdbx_struct_mod_residue.label_comp_id    MSE 
_pdbx_struct_mod_residue.label_seq_id     68 
_pdbx_struct_mod_residue.auth_asym_id     A 
_pdbx_struct_mod_residue.auth_comp_id     MSE 
_pdbx_struct_mod_residue.auth_seq_id      130 
_pdbx_struct_mod_residue.PDB_ins_code     ? 
_pdbx_struct_mod_residue.parent_comp_id   MET 
_pdbx_struct_mod_residue.details          SELENOMETHIONINE 
# 
_pdbx_struct_special_symmetry.id              1 
_pdbx_struct_special_symmetry.PDB_model_num   1 
_pdbx_struct_special_symmetry.auth_asym_id    A 
_pdbx_struct_special_symmetry.auth_comp_id    HOH 
_pdbx_struct_special_symmetry.auth_seq_id     318 
_pdbx_struct_special_symmetry.PDB_ins_code    ? 
_pdbx_struct_special_symmetry.label_asym_id   D 
_pdbx_struct_special_symmetry.label_comp_id   HOH 
_pdbx_struct_special_symmetry.label_seq_id    . 
# 
loop_
_pdbx_refine_tls.id 
_pdbx_refine_tls.details 
_pdbx_refine_tls.method 
_pdbx_refine_tls.origin_x 
_pdbx_refine_tls.origin_y 
_pdbx_refine_tls.origin_z 
_pdbx_refine_tls.T[1][1] 
_pdbx_refine_tls.T[2][2] 
_pdbx_refine_tls.T[3][3] 
_pdbx_refine_tls.T[1][2] 
_pdbx_refine_tls.T[1][3] 
_pdbx_refine_tls.T[2][3] 
_pdbx_refine_tls.L[1][1] 
_pdbx_refine_tls.L[2][2] 
_pdbx_refine_tls.L[3][3] 
_pdbx_refine_tls.L[1][2] 
_pdbx_refine_tls.L[1][3] 
_pdbx_refine_tls.L[2][3] 
_pdbx_refine_tls.S[1][1] 
_pdbx_refine_tls.S[2][2] 
_pdbx_refine_tls.S[3][3] 
_pdbx_refine_tls.S[1][2] 
_pdbx_refine_tls.S[1][3] 
_pdbx_refine_tls.S[2][3] 
_pdbx_refine_tls.S[2][1] 
_pdbx_refine_tls.S[3][1] 
_pdbx_refine_tls.S[3][2] 
_pdbx_refine_tls.pdbx_refine_id 
1  ? refined -8.5468  -12.3346 3.7442   0.0476  0.0046  0.1254  -0.0079 -0.0188 0.1045  29.4835 7.1575  12.7899 -10.5837 -1.6347 2.9363   -0.2407 -0.1411 0.3817  -1.1768 -2.9817 0.7073  0.2695  1.1811  -0.9370 'X-RAY DIFFRACTION' 
2  ? refined 5.0822   -2.2593  2.9222   -0.1135 -0.0393 -0.0844 0.0063  -0.0073 0.0313  6.2147  0.6254  0.2066  1.7739   -0.8763 -0.1508  0.0361  -0.0165 -0.0196 -0.4270 -0.2526 -0.0471 -0.0503 -0.0040 -0.0101 'X-RAY DIFFRACTION' 
3  ? refined 9.6041   -5.3990  -5.6953  -0.1286 -0.0928 -0.0546 0.0066  -0.0067 -0.0028 10.2812 1.5714  2.8675  3.9850   3.8279  1.6803   0.0614  -0.0302 -0.0314 0.0240  -0.4608 -0.0046 0.0114  0.0613  -0.0166 'X-RAY DIFFRACTION' 
4  ? refined -0.8174  -6.1712  -7.8015  -0.0881 -0.0668 -0.0952 -0.0185 0.0021  -0.0210 5.4702  2.8003  0.8671  -2.1978  -0.1547 -1.2240  -0.1837 0.3006  -0.1169 0.0171  -0.2098 -0.1048 -0.1232 -0.0510 -0.0881 'X-RAY DIFFRACTION' 
5  ? refined -9.8544  -3.9645  -5.1395  -0.0815 -0.0858 -0.0697 0.0150  -0.0006 -0.0054 5.1711  3.5889  0.6198  -4.2267  0.2361  0.0928   -0.0704 0.1848  -0.1143 -0.1332 0.0207  -0.2324 -0.1180 0.0385  -0.2711 'X-RAY DIFFRACTION' 
6  ? refined -7.6713  3.3069   -7.4595  -0.1003 -0.1027 -0.0521 0.0311  -0.0138 0.0123  0.9727  2.7273  10.2274 1.6286   -0.2144 -0.2968  -0.1106 0.1676  -0.0570 -0.2667 0.1630  0.0576  0.0442  0.0136  -0.1056 'X-RAY DIFFRACTION' 
7  ? refined 7.5888   2.3182   -10.8171 -0.0631 0.0305  -0.0997 0.0218  0.0018  0.0182  13.6226 6.9545  3.0898  -0.2885  -4.9408 -2.8983  -0.2657 0.3109  -0.0450 0.7432  -0.5886 0.5201  -0.2691 0.0808  -0.5319 'X-RAY DIFFRACTION' 
8  ? refined 14.0508  6.6333   -2.6437  -0.1105 -0.1033 -0.0624 -0.0261 0.0068  0.0126  2.7212  0.4865  2.3151  -1.1181  1.2288  -0.2863  0.0648  -0.0972 0.0324  -0.0860 0.2406  -0.1098 0.0329  -0.0567 -0.0275 'X-RAY DIFFRACTION' 
9  ? refined 2.0908   10.6952  -5.5322  -0.0423 -0.1293 -0.0589 0.0440  -0.0634 0.0060  10.6883 3.5929  2.4238  2.5092   -4.9921 -1.6986  0.2965  -0.1925 -0.1040 0.2803  0.2296  0.3301  -0.1576 -0.5123 -0.3476 'X-RAY DIFFRACTION' 
10 ? refined -6.3835  3.1632   4.2273   -0.1299 -0.0154 -0.0988 0.0369  -0.0016 -0.0293 2.8154  0.4203  2.6746  0.2191   0.8405  0.6540   -0.1080 -0.0516 0.1597  -0.2740 0.1199  -0.1149 0.0120  -0.2400 -0.3078 'X-RAY DIFFRACTION' 
11 ? refined -13.5306 -5.3800  9.6554   -0.1139 0.0397  -0.1462 0.0372  -0.0218 0.0638  6.9696  8.7975  1.8720  -0.8645  -0.3854 -0.8392  0.0815  0.0429  -0.1244 -0.7317 -0.2901 -0.2144 0.2980  -0.1472 0.1563  'X-RAY DIFFRACTION' 
12 ? refined -12.6223 -6.7193  17.5495  0.9910  1.1340  0.5038  0.0019  0.0909  -0.0222 21.3197 38.8535 49.4639 3.8539   -7.2051 -43.6637 2.0129  -1.8631 -0.1498 -4.9909 -0.0876 -2.1962 5.5496  -4.7652 0.7295  'X-RAY DIFFRACTION' 
13 ? refined 3.5271   8.2410   5.5918   -0.0996 -0.0540 -0.0591 0.0840  -0.0714 -0.1135 13.2424 5.6809  15.9433 -0.5669  -5.3608 -0.3110  0.2277  -0.2350 0.0073  -0.3446 0.6538  0.2065  0.1655  -0.5630 -0.0152 'X-RAY DIFFRACTION' 
# 
loop_
_pdbx_refine_tls_group.id 
_pdbx_refine_tls_group.refine_tls_id 
_pdbx_refine_tls_group.beg_auth_asym_id 
_pdbx_refine_tls_group.end_auth_asym_id 
_pdbx_refine_tls_group.end_auth_seq_id 
_pdbx_refine_tls_group.selection 
_pdbx_refine_tls_group.beg_auth_seq_id 
_pdbx_refine_tls_group.beg_label_asym_id 
_pdbx_refine_tls_group.beg_label_seq_id 
_pdbx_refine_tls_group.end_label_asym_id 
_pdbx_refine_tls_group.end_label_seq_id 
_pdbx_refine_tls_group.pdbx_refine_id 
_pdbx_refine_tls_group.selection_details 
1  1  A A 87  ? 77  A 15  A 25  'X-RAY DIFFRACTION' ? 
2  2  A A 102 ? 88  A 26  A 40  'X-RAY DIFFRACTION' ? 
3  3  A A 110 ? 103 A 41  A 48  'X-RAY DIFFRACTION' ? 
4  4  A A 117 ? 111 A 49  A 55  'X-RAY DIFFRACTION' ? 
5  5  A A 123 ? 118 A 56  A 61  'X-RAY DIFFRACTION' ? 
6  6  A A 128 ? 124 A 62  A 66  'X-RAY DIFFRACTION' ? 
7  7  A A 137 ? 129 A 67  A 75  'X-RAY DIFFRACTION' ? 
8  8  A A 149 ? 138 A 76  A 87  'X-RAY DIFFRACTION' ? 
9  9  A A 160 ? 150 A 88  A 98  'X-RAY DIFFRACTION' ? 
10 10 A A 168 ? 161 A 99  A 106 'X-RAY DIFFRACTION' ? 
11 11 A A 177 ? 169 A 107 A 115 'X-RAY DIFFRACTION' ? 
12 12 A A 183 ? 178 A 116 A 121 'X-RAY DIFFRACTION' ? 
13 13 A A 195 ? 184 A 122 A 133 'X-RAY DIFFRACTION' ? 
# 
loop_
_pdbx_unobs_or_zero_occ_residues.id 
_pdbx_unobs_or_zero_occ_residues.PDB_model_num 
_pdbx_unobs_or_zero_occ_residues.polymer_flag 
_pdbx_unobs_or_zero_occ_residues.occupancy_flag 
_pdbx_unobs_or_zero_occ_residues.auth_asym_id 
_pdbx_unobs_or_zero_occ_residues.auth_comp_id 
_pdbx_unobs_or_zero_occ_residues.auth_seq_id 
_pdbx_unobs_or_zero_occ_residues.PDB_ins_code 
_pdbx_unobs_or_zero_occ_residues.label_asym_id 
_pdbx_unobs_or_zero_occ_residues.label_comp_id 
_pdbx_unobs_or_zero_occ_residues.label_seq_id 
1  1 Y 1 A GLY 63  ? A GLY 1   
2  1 Y 1 A HIS 64  ? A HIS 2   
3  1 Y 1 A SER 65  ? A SER 3   
4  1 Y 1 A ASN 66  ? A ASN 4   
5  1 Y 1 A ARG 67  ? A ARG 5   
6  1 Y 1 A GLN 68  ? A GLN 6   
7  1 Y 1 A VAL 69  ? A VAL 7   
8  1 Y 1 A GLN 70  ? A GLN 8   
9  1 Y 1 A LEU 71  ? A LEU 9   
10 1 Y 1 A MSE 72  ? A MSE 10  
11 1 Y 1 A ALA 73  ? A ALA 11  
12 1 Y 1 A ARG 74  ? A ARG 12  
13 1 Y 1 A GLN 75  ? A GLN 13  
14 1 Y 1 A GLN 76  ? A GLN 14  
15 1 Y 1 A GLY 196 ? A GLY 134 
16 1 Y 1 A SER 197 ? A SER 135 
# 
loop_
_chem_comp_atom.comp_id 
_chem_comp_atom.atom_id 
_chem_comp_atom.type_symbol 
_chem_comp_atom.pdbx_aromatic_flag 
_chem_comp_atom.pdbx_stereo_config 
_chem_comp_atom.pdbx_ordinal 
ALA N    N  N N 1   
ALA CA   C  N S 2   
ALA C    C  N N 3   
ALA O    O  N N 4   
ALA CB   C  N N 5   
ALA OXT  O  N N 6   
ALA H    H  N N 7   
ALA H2   H  N N 8   
ALA HA   H  N N 9   
ALA HB1  H  N N 10  
ALA HB2  H  N N 11  
ALA HB3  H  N N 12  
ALA HXT  H  N N 13  
ARG N    N  N N 14  
ARG CA   C  N S 15  
ARG C    C  N N 16  
ARG O    O  N N 17  
ARG CB   C  N N 18  
ARG CG   C  N N 19  
ARG CD   C  N N 20  
ARG NE   N  N N 21  
ARG CZ   C  N N 22  
ARG NH1  N  N N 23  
ARG NH2  N  N N 24  
ARG OXT  O  N N 25  
ARG H    H  N N 26  
ARG H2   H  N N 27  
ARG HA   H  N N 28  
ARG HB2  H  N N 29  
ARG HB3  H  N N 30  
ARG HG2  H  N N 31  
ARG HG3  H  N N 32  
ARG HD2  H  N N 33  
ARG HD3  H  N N 34  
ARG HE   H  N N 35  
ARG HH11 H  N N 36  
ARG HH12 H  N N 37  
ARG HH21 H  N N 38  
ARG HH22 H  N N 39  
ARG HXT  H  N N 40  
ASN N    N  N N 41  
ASN CA   C  N S 42  
ASN C    C  N N 43  
ASN O    O  N N 44  
ASN CB   C  N N 45  
ASN CG   C  N N 46  
ASN OD1  O  N N 47  
ASN ND2  N  N N 48  
ASN OXT  O  N N 49  
ASN H    H  N N 50  
ASN H2   H  N N 51  
ASN HA   H  N N 52  
ASN HB2  H  N N 53  
ASN HB3  H  N N 54  
ASN HD21 H  N N 55  
ASN HD22 H  N N 56  
ASN HXT  H  N N 57  
ASP N    N  N N 58  
ASP CA   C  N S 59  
ASP C    C  N N 60  
ASP O    O  N N 61  
ASP CB   C  N N 62  
ASP CG   C  N N 63  
ASP OD1  O  N N 64  
ASP OD2  O  N N 65  
ASP OXT  O  N N 66  
ASP H    H  N N 67  
ASP H2   H  N N 68  
ASP HA   H  N N 69  
ASP HB2  H  N N 70  
ASP HB3  H  N N 71  
ASP HD2  H  N N 72  
ASP HXT  H  N N 73  
CA  CA   CA N N 74  
CYS N    N  N N 75  
CYS CA   C  N R 76  
CYS C    C  N N 77  
CYS O    O  N N 78  
CYS CB   C  N N 79  
CYS SG   S  N N 80  
CYS OXT  O  N N 81  
CYS H    H  N N 82  
CYS H2   H  N N 83  
CYS HA   H  N N 84  
CYS HB2  H  N N 85  
CYS HB3  H  N N 86  
CYS HG   H  N N 87  
CYS HXT  H  N N 88  
EDO C1   C  N N 89  
EDO O1   O  N N 90  
EDO C2   C  N N 91  
EDO O2   O  N N 92  
EDO H11  H  N N 93  
EDO H12  H  N N 94  
EDO HO1  H  N N 95  
EDO H21  H  N N 96  
EDO H22  H  N N 97  
EDO HO2  H  N N 98  
GLN N    N  N N 99  
GLN CA   C  N S 100 
GLN C    C  N N 101 
GLN O    O  N N 102 
GLN CB   C  N N 103 
GLN CG   C  N N 104 
GLN CD   C  N N 105 
GLN OE1  O  N N 106 
GLN NE2  N  N N 107 
GLN OXT  O  N N 108 
GLN H    H  N N 109 
GLN H2   H  N N 110 
GLN HA   H  N N 111 
GLN HB2  H  N N 112 
GLN HB3  H  N N 113 
GLN HG2  H  N N 114 
GLN HG3  H  N N 115 
GLN HE21 H  N N 116 
GLN HE22 H  N N 117 
GLN HXT  H  N N 118 
GLU N    N  N N 119 
GLU CA   C  N S 120 
GLU C    C  N N 121 
GLU O    O  N N 122 
GLU CB   C  N N 123 
GLU CG   C  N N 124 
GLU CD   C  N N 125 
GLU OE1  O  N N 126 
GLU OE2  O  N N 127 
GLU OXT  O  N N 128 
GLU H    H  N N 129 
GLU H2   H  N N 130 
GLU HA   H  N N 131 
GLU HB2  H  N N 132 
GLU HB3  H  N N 133 
GLU HG2  H  N N 134 
GLU HG3  H  N N 135 
GLU HE2  H  N N 136 
GLU HXT  H  N N 137 
GLY N    N  N N 138 
GLY CA   C  N N 139 
GLY C    C  N N 140 
GLY O    O  N N 141 
GLY OXT  O  N N 142 
GLY H    H  N N 143 
GLY H2   H  N N 144 
GLY HA2  H  N N 145 
GLY HA3  H  N N 146 
GLY HXT  H  N N 147 
HIS N    N  N N 148 
HIS CA   C  N S 149 
HIS C    C  N N 150 
HIS O    O  N N 151 
HIS CB   C  N N 152 
HIS CG   C  Y N 153 
HIS ND1  N  Y N 154 
HIS CD2  C  Y N 155 
HIS CE1  C  Y N 156 
HIS NE2  N  Y N 157 
HIS OXT  O  N N 158 
HIS H    H  N N 159 
HIS H2   H  N N 160 
HIS HA   H  N N 161 
HIS HB2  H  N N 162 
HIS HB3  H  N N 163 
HIS HD1  H  N N 164 
HIS HD2  H  N N 165 
HIS HE1  H  N N 166 
HIS HE2  H  N N 167 
HIS HXT  H  N N 168 
HOH O    O  N N 169 
HOH H1   H  N N 170 
HOH H2   H  N N 171 
ILE N    N  N N 172 
ILE CA   C  N S 173 
ILE C    C  N N 174 
ILE O    O  N N 175 
ILE CB   C  N S 176 
ILE CG1  C  N N 177 
ILE CG2  C  N N 178 
ILE CD1  C  N N 179 
ILE OXT  O  N N 180 
ILE H    H  N N 181 
ILE H2   H  N N 182 
ILE HA   H  N N 183 
ILE HB   H  N N 184 
ILE HG12 H  N N 185 
ILE HG13 H  N N 186 
ILE HG21 H  N N 187 
ILE HG22 H  N N 188 
ILE HG23 H  N N 189 
ILE HD11 H  N N 190 
ILE HD12 H  N N 191 
ILE HD13 H  N N 192 
ILE HXT  H  N N 193 
LEU N    N  N N 194 
LEU CA   C  N S 195 
LEU C    C  N N 196 
LEU O    O  N N 197 
LEU CB   C  N N 198 
LEU CG   C  N N 199 
LEU CD1  C  N N 200 
LEU CD2  C  N N 201 
LEU OXT  O  N N 202 
LEU H    H  N N 203 
LEU H2   H  N N 204 
LEU HA   H  N N 205 
LEU HB2  H  N N 206 
LEU HB3  H  N N 207 
LEU HG   H  N N 208 
LEU HD11 H  N N 209 
LEU HD12 H  N N 210 
LEU HD13 H  N N 211 
LEU HD21 H  N N 212 
LEU HD22 H  N N 213 
LEU HD23 H  N N 214 
LEU HXT  H  N N 215 
LYS N    N  N N 216 
LYS CA   C  N S 217 
LYS C    C  N N 218 
LYS O    O  N N 219 
LYS CB   C  N N 220 
LYS CG   C  N N 221 
LYS CD   C  N N 222 
LYS CE   C  N N 223 
LYS NZ   N  N N 224 
LYS OXT  O  N N 225 
LYS H    H  N N 226 
LYS H2   H  N N 227 
LYS HA   H  N N 228 
LYS HB2  H  N N 229 
LYS HB3  H  N N 230 
LYS HG2  H  N N 231 
LYS HG3  H  N N 232 
LYS HD2  H  N N 233 
LYS HD3  H  N N 234 
LYS HE2  H  N N 235 
LYS HE3  H  N N 236 
LYS HZ1  H  N N 237 
LYS HZ2  H  N N 238 
LYS HZ3  H  N N 239 
LYS HXT  H  N N 240 
MSE N    N  N N 241 
MSE CA   C  N S 242 
MSE C    C  N N 243 
MSE O    O  N N 244 
MSE OXT  O  N N 245 
MSE CB   C  N N 246 
MSE CG   C  N N 247 
MSE SE   SE N N 248 
MSE CE   C  N N 249 
MSE H    H  N N 250 
MSE H2   H  N N 251 
MSE HA   H  N N 252 
MSE HXT  H  N N 253 
MSE HB2  H  N N 254 
MSE HB3  H  N N 255 
MSE HG2  H  N N 256 
MSE HG3  H  N N 257 
MSE HE1  H  N N 258 
MSE HE2  H  N N 259 
MSE HE3  H  N N 260 
PHE N    N  N N 261 
PHE CA   C  N S 262 
PHE C    C  N N 263 
PHE O    O  N N 264 
PHE CB   C  N N 265 
PHE CG   C  Y N 266 
PHE CD1  C  Y N 267 
PHE CD2  C  Y N 268 
PHE CE1  C  Y N 269 
PHE CE2  C  Y N 270 
PHE CZ   C  Y N 271 
PHE OXT  O  N N 272 
PHE H    H  N N 273 
PHE H2   H  N N 274 
PHE HA   H  N N 275 
PHE HB2  H  N N 276 
PHE HB3  H  N N 277 
PHE HD1  H  N N 278 
PHE HD2  H  N N 279 
PHE HE1  H  N N 280 
PHE HE2  H  N N 281 
PHE HZ   H  N N 282 
PHE HXT  H  N N 283 
PRO N    N  N N 284 
PRO CA   C  N S 285 
PRO C    C  N N 286 
PRO O    O  N N 287 
PRO CB   C  N N 288 
PRO CG   C  N N 289 
PRO CD   C  N N 290 
PRO OXT  O  N N 291 
PRO H    H  N N 292 
PRO HA   H  N N 293 
PRO HB2  H  N N 294 
PRO HB3  H  N N 295 
PRO HG2  H  N N 296 
PRO HG3  H  N N 297 
PRO HD2  H  N N 298 
PRO HD3  H  N N 299 
PRO HXT  H  N N 300 
SER N    N  N N 301 
SER CA   C  N S 302 
SER C    C  N N 303 
SER O    O  N N 304 
SER CB   C  N N 305 
SER OG   O  N N 306 
SER OXT  O  N N 307 
SER H    H  N N 308 
SER H2   H  N N 309 
SER HA   H  N N 310 
SER HB2  H  N N 311 
SER HB3  H  N N 312 
SER HG   H  N N 313 
SER HXT  H  N N 314 
THR N    N  N N 315 
THR CA   C  N S 316 
THR C    C  N N 317 
THR O    O  N N 318 
THR CB   C  N R 319 
THR OG1  O  N N 320 
THR CG2  C  N N 321 
THR OXT  O  N N 322 
THR H    H  N N 323 
THR H2   H  N N 324 
THR HA   H  N N 325 
THR HB   H  N N 326 
THR HG1  H  N N 327 
THR HG21 H  N N 328 
THR HG22 H  N N 329 
THR HG23 H  N N 330 
THR HXT  H  N N 331 
TRP N    N  N N 332 
TRP CA   C  N S 333 
TRP C    C  N N 334 
TRP O    O  N N 335 
TRP CB   C  N N 336 
TRP CG   C  Y N 337 
TRP CD1  C  Y N 338 
TRP CD2  C  Y N 339 
TRP NE1  N  Y N 340 
TRP CE2  C  Y N 341 
TRP CE3  C  Y N 342 
TRP CZ2  C  Y N 343 
TRP CZ3  C  Y N 344 
TRP CH2  C  Y N 345 
TRP OXT  O  N N 346 
TRP H    H  N N 347 
TRP H2   H  N N 348 
TRP HA   H  N N 349 
TRP HB2  H  N N 350 
TRP HB3  H  N N 351 
TRP HD1  H  N N 352 
TRP HE1  H  N N 353 
TRP HE3  H  N N 354 
TRP HZ2  H  N N 355 
TRP HZ3  H  N N 356 
TRP HH2  H  N N 357 
TRP HXT  H  N N 358 
TYR N    N  N N 359 
TYR CA   C  N S 360 
TYR C    C  N N 361 
TYR O    O  N N 362 
TYR CB   C  N N 363 
TYR CG   C  Y N 364 
TYR CD1  C  Y N 365 
TYR CD2  C  Y N 366 
TYR CE1  C  Y N 367 
TYR CE2  C  Y N 368 
TYR CZ   C  Y N 369 
TYR OH   O  N N 370 
TYR OXT  O  N N 371 
TYR H    H  N N 372 
TYR H2   H  N N 373 
TYR HA   H  N N 374 
TYR HB2  H  N N 375 
TYR HB3  H  N N 376 
TYR HD1  H  N N 377 
TYR HD2  H  N N 378 
TYR HE1  H  N N 379 
TYR HE2  H  N N 380 
TYR HH   H  N N 381 
TYR HXT  H  N N 382 
VAL N    N  N N 383 
VAL CA   C  N S 384 
VAL C    C  N N 385 
VAL O    O  N N 386 
VAL CB   C  N N 387 
VAL CG1  C  N N 388 
VAL CG2  C  N N 389 
VAL OXT  O  N N 390 
VAL H    H  N N 391 
VAL H2   H  N N 392 
VAL HA   H  N N 393 
VAL HB   H  N N 394 
VAL HG11 H  N N 395 
VAL HG12 H  N N 396 
VAL HG13 H  N N 397 
VAL HG21 H  N N 398 
VAL HG22 H  N N 399 
VAL HG23 H  N N 400 
VAL HXT  H  N N 401 
# 
loop_
_chem_comp_bond.comp_id 
_chem_comp_bond.atom_id_1 
_chem_comp_bond.atom_id_2 
_chem_comp_bond.value_order 
_chem_comp_bond.pdbx_aromatic_flag 
_chem_comp_bond.pdbx_stereo_config 
_chem_comp_bond.pdbx_ordinal 
ALA N   CA   sing N N 1   
ALA N   H    sing N N 2   
ALA N   H2   sing N N 3   
ALA CA  C    sing N N 4   
ALA CA  CB   sing N N 5   
ALA CA  HA   sing N N 6   
ALA C   O    doub N N 7   
ALA C   OXT  sing N N 8   
ALA CB  HB1  sing N N 9   
ALA CB  HB2  sing N N 10  
ALA CB  HB3  sing N N 11  
ALA OXT HXT  sing N N 12  
ARG N   CA   sing N N 13  
ARG N   H    sing N N 14  
ARG N   H2   sing N N 15  
ARG CA  C    sing N N 16  
ARG CA  CB   sing N N 17  
ARG CA  HA   sing N N 18  
ARG C   O    doub N N 19  
ARG C   OXT  sing N N 20  
ARG CB  CG   sing N N 21  
ARG CB  HB2  sing N N 22  
ARG CB  HB3  sing N N 23  
ARG CG  CD   sing N N 24  
ARG CG  HG2  sing N N 25  
ARG CG  HG3  sing N N 26  
ARG CD  NE   sing N N 27  
ARG CD  HD2  sing N N 28  
ARG CD  HD3  sing N N 29  
ARG NE  CZ   sing N N 30  
ARG NE  HE   sing N N 31  
ARG CZ  NH1  sing N N 32  
ARG CZ  NH2  doub N N 33  
ARG NH1 HH11 sing N N 34  
ARG NH1 HH12 sing N N 35  
ARG NH2 HH21 sing N N 36  
ARG NH2 HH22 sing N N 37  
ARG OXT HXT  sing N N 38  
ASN N   CA   sing N N 39  
ASN N   H    sing N N 40  
ASN N   H2   sing N N 41  
ASN CA  C    sing N N 42  
ASN CA  CB   sing N N 43  
ASN CA  HA   sing N N 44  
ASN C   O    doub N N 45  
ASN C   OXT  sing N N 46  
ASN CB  CG   sing N N 47  
ASN CB  HB2  sing N N 48  
ASN CB  HB3  sing N N 49  
ASN CG  OD1  doub N N 50  
ASN CG  ND2  sing N N 51  
ASN ND2 HD21 sing N N 52  
ASN ND2 HD22 sing N N 53  
ASN OXT HXT  sing N N 54  
ASP N   CA   sing N N 55  
ASP N   H    sing N N 56  
ASP N   H2   sing N N 57  
ASP CA  C    sing N N 58  
ASP CA  CB   sing N N 59  
ASP CA  HA   sing N N 60  
ASP C   O    doub N N 61  
ASP C   OXT  sing N N 62  
ASP CB  CG   sing N N 63  
ASP CB  HB2  sing N N 64  
ASP CB  HB3  sing N N 65  
ASP CG  OD1  doub N N 66  
ASP CG  OD2  sing N N 67  
ASP OD2 HD2  sing N N 68  
ASP OXT HXT  sing N N 69  
CYS N   CA   sing N N 70  
CYS N   H    sing N N 71  
CYS N   H2   sing N N 72  
CYS CA  C    sing N N 73  
CYS CA  CB   sing N N 74  
CYS CA  HA   sing N N 75  
CYS C   O    doub N N 76  
CYS C   OXT  sing N N 77  
CYS CB  SG   sing N N 78  
CYS CB  HB2  sing N N 79  
CYS CB  HB3  sing N N 80  
CYS SG  HG   sing N N 81  
CYS OXT HXT  sing N N 82  
EDO C1  O1   sing N N 83  
EDO C1  C2   sing N N 84  
EDO C1  H11  sing N N 85  
EDO C1  H12  sing N N 86  
EDO O1  HO1  sing N N 87  
EDO C2  O2   sing N N 88  
EDO C2  H21  sing N N 89  
EDO C2  H22  sing N N 90  
EDO O2  HO2  sing N N 91  
GLN N   CA   sing N N 92  
GLN N   H    sing N N 93  
GLN N   H2   sing N N 94  
GLN CA  C    sing N N 95  
GLN CA  CB   sing N N 96  
GLN CA  HA   sing N N 97  
GLN C   O    doub N N 98  
GLN C   OXT  sing N N 99  
GLN CB  CG   sing N N 100 
GLN CB  HB2  sing N N 101 
GLN CB  HB3  sing N N 102 
GLN CG  CD   sing N N 103 
GLN CG  HG2  sing N N 104 
GLN CG  HG3  sing N N 105 
GLN CD  OE1  doub N N 106 
GLN CD  NE2  sing N N 107 
GLN NE2 HE21 sing N N 108 
GLN NE2 HE22 sing N N 109 
GLN OXT HXT  sing N N 110 
GLU N   CA   sing N N 111 
GLU N   H    sing N N 112 
GLU N   H2   sing N N 113 
GLU CA  C    sing N N 114 
GLU CA  CB   sing N N 115 
GLU CA  HA   sing N N 116 
GLU C   O    doub N N 117 
GLU C   OXT  sing N N 118 
GLU CB  CG   sing N N 119 
GLU CB  HB2  sing N N 120 
GLU CB  HB3  sing N N 121 
GLU CG  CD   sing N N 122 
GLU CG  HG2  sing N N 123 
GLU CG  HG3  sing N N 124 
GLU CD  OE1  doub N N 125 
GLU CD  OE2  sing N N 126 
GLU OE2 HE2  sing N N 127 
GLU OXT HXT  sing N N 128 
GLY N   CA   sing N N 129 
GLY N   H    sing N N 130 
GLY N   H2   sing N N 131 
GLY CA  C    sing N N 132 
GLY CA  HA2  sing N N 133 
GLY CA  HA3  sing N N 134 
GLY C   O    doub N N 135 
GLY C   OXT  sing N N 136 
GLY OXT HXT  sing N N 137 
HIS N   CA   sing N N 138 
HIS N   H    sing N N 139 
HIS N   H2   sing N N 140 
HIS CA  C    sing N N 141 
HIS CA  CB   sing N N 142 
HIS CA  HA   sing N N 143 
HIS C   O    doub N N 144 
HIS C   OXT  sing N N 145 
HIS CB  CG   sing N N 146 
HIS CB  HB2  sing N N 147 
HIS CB  HB3  sing N N 148 
HIS CG  ND1  sing Y N 149 
HIS CG  CD2  doub Y N 150 
HIS ND1 CE1  doub Y N 151 
HIS ND1 HD1  sing N N 152 
HIS CD2 NE2  sing Y N 153 
HIS CD2 HD2  sing N N 154 
HIS CE1 NE2  sing Y N 155 
HIS CE1 HE1  sing N N 156 
HIS NE2 HE2  sing N N 157 
HIS OXT HXT  sing N N 158 
HOH O   H1   sing N N 159 
HOH O   H2   sing N N 160 
ILE N   CA   sing N N 161 
ILE N   H    sing N N 162 
ILE N   H2   sing N N 163 
ILE CA  C    sing N N 164 
ILE CA  CB   sing N N 165 
ILE CA  HA   sing N N 166 
ILE C   O    doub N N 167 
ILE C   OXT  sing N N 168 
ILE CB  CG1  sing N N 169 
ILE CB  CG2  sing N N 170 
ILE CB  HB   sing N N 171 
ILE CG1 CD1  sing N N 172 
ILE CG1 HG12 sing N N 173 
ILE CG1 HG13 sing N N 174 
ILE CG2 HG21 sing N N 175 
ILE CG2 HG22 sing N N 176 
ILE CG2 HG23 sing N N 177 
ILE CD1 HD11 sing N N 178 
ILE CD1 HD12 sing N N 179 
ILE CD1 HD13 sing N N 180 
ILE OXT HXT  sing N N 181 
LEU N   CA   sing N N 182 
LEU N   H    sing N N 183 
LEU N   H2   sing N N 184 
LEU CA  C    sing N N 185 
LEU CA  CB   sing N N 186 
LEU CA  HA   sing N N 187 
LEU C   O    doub N N 188 
LEU C   OXT  sing N N 189 
LEU CB  CG   sing N N 190 
LEU CB  HB2  sing N N 191 
LEU CB  HB3  sing N N 192 
LEU CG  CD1  sing N N 193 
LEU CG  CD2  sing N N 194 
LEU CG  HG   sing N N 195 
LEU CD1 HD11 sing N N 196 
LEU CD1 HD12 sing N N 197 
LEU CD1 HD13 sing N N 198 
LEU CD2 HD21 sing N N 199 
LEU CD2 HD22 sing N N 200 
LEU CD2 HD23 sing N N 201 
LEU OXT HXT  sing N N 202 
LYS N   CA   sing N N 203 
LYS N   H    sing N N 204 
LYS N   H2   sing N N 205 
LYS CA  C    sing N N 206 
LYS CA  CB   sing N N 207 
LYS CA  HA   sing N N 208 
LYS C   O    doub N N 209 
LYS C   OXT  sing N N 210 
LYS CB  CG   sing N N 211 
LYS CB  HB2  sing N N 212 
LYS CB  HB3  sing N N 213 
LYS CG  CD   sing N N 214 
LYS CG  HG2  sing N N 215 
LYS CG  HG3  sing N N 216 
LYS CD  CE   sing N N 217 
LYS CD  HD2  sing N N 218 
LYS CD  HD3  sing N N 219 
LYS CE  NZ   sing N N 220 
LYS CE  HE2  sing N N 221 
LYS CE  HE3  sing N N 222 
LYS NZ  HZ1  sing N N 223 
LYS NZ  HZ2  sing N N 224 
LYS NZ  HZ3  sing N N 225 
LYS OXT HXT  sing N N 226 
MSE N   CA   sing N N 227 
MSE N   H    sing N N 228 
MSE N   H2   sing N N 229 
MSE CA  C    sing N N 230 
MSE CA  CB   sing N N 231 
MSE CA  HA   sing N N 232 
MSE C   O    doub N N 233 
MSE C   OXT  sing N N 234 
MSE OXT HXT  sing N N 235 
MSE CB  CG   sing N N 236 
MSE CB  HB2  sing N N 237 
MSE CB  HB3  sing N N 238 
MSE CG  SE   sing N N 239 
MSE CG  HG2  sing N N 240 
MSE CG  HG3  sing N N 241 
MSE SE  CE   sing N N 242 
MSE CE  HE1  sing N N 243 
MSE CE  HE2  sing N N 244 
MSE CE  HE3  sing N N 245 
PHE N   CA   sing N N 246 
PHE N   H    sing N N 247 
PHE N   H2   sing N N 248 
PHE CA  C    sing N N 249 
PHE CA  CB   sing N N 250 
PHE CA  HA   sing N N 251 
PHE C   O    doub N N 252 
PHE C   OXT  sing N N 253 
PHE CB  CG   sing N N 254 
PHE CB  HB2  sing N N 255 
PHE CB  HB3  sing N N 256 
PHE CG  CD1  doub Y N 257 
PHE CG  CD2  sing Y N 258 
PHE CD1 CE1  sing Y N 259 
PHE CD1 HD1  sing N N 260 
PHE CD2 CE2  doub Y N 261 
PHE CD2 HD2  sing N N 262 
PHE CE1 CZ   doub Y N 263 
PHE CE1 HE1  sing N N 264 
PHE CE2 CZ   sing Y N 265 
PHE CE2 HE2  sing N N 266 
PHE CZ  HZ   sing N N 267 
PHE OXT HXT  sing N N 268 
PRO N   CA   sing N N 269 
PRO N   CD   sing N N 270 
PRO N   H    sing N N 271 
PRO CA  C    sing N N 272 
PRO CA  CB   sing N N 273 
PRO CA  HA   sing N N 274 
PRO C   O    doub N N 275 
PRO C   OXT  sing N N 276 
PRO CB  CG   sing N N 277 
PRO CB  HB2  sing N N 278 
PRO CB  HB3  sing N N 279 
PRO CG  CD   sing N N 280 
PRO CG  HG2  sing N N 281 
PRO CG  HG3  sing N N 282 
PRO CD  HD2  sing N N 283 
PRO CD  HD3  sing N N 284 
PRO OXT HXT  sing N N 285 
SER N   CA   sing N N 286 
SER N   H    sing N N 287 
SER N   H2   sing N N 288 
SER CA  C    sing N N 289 
SER CA  CB   sing N N 290 
SER CA  HA   sing N N 291 
SER C   O    doub N N 292 
SER C   OXT  sing N N 293 
SER CB  OG   sing N N 294 
SER CB  HB2  sing N N 295 
SER CB  HB3  sing N N 296 
SER OG  HG   sing N N 297 
SER OXT HXT  sing N N 298 
THR N   CA   sing N N 299 
THR N   H    sing N N 300 
THR N   H2   sing N N 301 
THR CA  C    sing N N 302 
THR CA  CB   sing N N 303 
THR CA  HA   sing N N 304 
THR C   O    doub N N 305 
THR C   OXT  sing N N 306 
THR CB  OG1  sing N N 307 
THR CB  CG2  sing N N 308 
THR CB  HB   sing N N 309 
THR OG1 HG1  sing N N 310 
THR CG2 HG21 sing N N 311 
THR CG2 HG22 sing N N 312 
THR CG2 HG23 sing N N 313 
THR OXT HXT  sing N N 314 
TRP N   CA   sing N N 315 
TRP N   H    sing N N 316 
TRP N   H2   sing N N 317 
TRP CA  C    sing N N 318 
TRP CA  CB   sing N N 319 
TRP CA  HA   sing N N 320 
TRP C   O    doub N N 321 
TRP C   OXT  sing N N 322 
TRP CB  CG   sing N N 323 
TRP CB  HB2  sing N N 324 
TRP CB  HB3  sing N N 325 
TRP CG  CD1  doub Y N 326 
TRP CG  CD2  sing Y N 327 
TRP CD1 NE1  sing Y N 328 
TRP CD1 HD1  sing N N 329 
TRP CD2 CE2  doub Y N 330 
TRP CD2 CE3  sing Y N 331 
TRP NE1 CE2  sing Y N 332 
TRP NE1 HE1  sing N N 333 
TRP CE2 CZ2  sing Y N 334 
TRP CE3 CZ3  doub Y N 335 
TRP CE3 HE3  sing N N 336 
TRP CZ2 CH2  doub Y N 337 
TRP CZ2 HZ2  sing N N 338 
TRP CZ3 CH2  sing Y N 339 
TRP CZ3 HZ3  sing N N 340 
TRP CH2 HH2  sing N N 341 
TRP OXT HXT  sing N N 342 
TYR N   CA   sing N N 343 
TYR N   H    sing N N 344 
TYR N   H2   sing N N 345 
TYR CA  C    sing N N 346 
TYR CA  CB   sing N N 347 
TYR CA  HA   sing N N 348 
TYR C   O    doub N N 349 
TYR C   OXT  sing N N 350 
TYR CB  CG   sing N N 351 
TYR CB  HB2  sing N N 352 
TYR CB  HB3  sing N N 353 
TYR CG  CD1  doub Y N 354 
TYR CG  CD2  sing Y N 355 
TYR CD1 CE1  sing Y N 356 
TYR CD1 HD1  sing N N 357 
TYR CD2 CE2  doub Y N 358 
TYR CD2 HD2  sing N N 359 
TYR CE1 CZ   doub Y N 360 
TYR CE1 HE1  sing N N 361 
TYR CE2 CZ   sing Y N 362 
TYR CE2 HE2  sing N N 363 
TYR CZ  OH   sing N N 364 
TYR OH  HH   sing N N 365 
TYR OXT HXT  sing N N 366 
VAL N   CA   sing N N 367 
VAL N   H    sing N N 368 
VAL N   H2   sing N N 369 
VAL CA  C    sing N N 370 
VAL CA  CB   sing N N 371 
VAL CA  HA   sing N N 372 
VAL C   O    doub N N 373 
VAL C   OXT  sing N N 374 
VAL CB  CG1  sing N N 375 
VAL CB  CG2  sing N N 376 
VAL CB  HB   sing N N 377 
VAL CG1 HG11 sing N N 378 
VAL CG1 HG12 sing N N 379 
VAL CG1 HG13 sing N N 380 
VAL CG2 HG21 sing N N 381 
VAL CG2 HG22 sing N N 382 
VAL CG2 HG23 sing N N 383 
VAL OXT HXT  sing N N 384 
# 
_atom_sites.entry_id                    3DT5 
_atom_sites.fract_transf_matrix[1][1]   0.00026670 
_atom_sites.fract_transf_matrix[1][2]   -0.01496498 
_atom_sites.fract_transf_matrix[1][3]   0.00310976 
_atom_sites.fract_transf_matrix[2][1]   0.01518286 
_atom_sites.fract_transf_matrix[2][2]   -0.00009901 
_atom_sites.fract_transf_matrix[2][3]   -0.00177860 
_atom_sites.fract_transf_matrix[3][1]   0.00150447 
_atom_sites.fract_transf_matrix[3][2]   0.00266474 
_atom_sites.fract_transf_matrix[3][3]   0.01269437 
_atom_sites.fract_transf_vector[1]      0.263814 
_atom_sites.fract_transf_vector[2]      0.406345 
_atom_sites.fract_transf_vector[3]      0.167183 
# 
loop_
_atom_type.symbol 
C  
CA 
N  
O  
S  
SE 
# 
loop_
_atom_site.group_PDB 
_atom_site.id 
_atom_site.type_symbol 
_atom_site.label_atom_id 
_atom_site.label_alt_id 
_atom_site.label_comp_id 
_atom_site.label_asym_id 
_atom_site.label_entity_id 
_atom_site.label_seq_id 
_atom_site.pdbx_PDB_ins_code 
_atom_site.Cartn_x 
_atom_site.Cartn_y 
_atom_site.Cartn_z 
_atom_site.occupancy 
_atom_site.B_iso_or_equiv 
_atom_site.pdbx_formal_charge 
_atom_site.auth_seq_id 
_atom_site.auth_comp_id 
_atom_site.auth_asym_id 
_atom_site.auth_atom_id 
_atom_site.pdbx_PDB_model_num 
ATOM   1    N  N   . ARG A 1 15  ? -17.602 -15.423 5.164   0.80 37.13 ? 77  ARG A N   1 
ATOM   2    C  CA  . ARG A 1 15  ? -16.138 -15.733 4.916   0.80 37.23 ? 77  ARG A CA  1 
ATOM   3    C  C   . ARG A 1 15  ? -15.084 -14.809 5.550   0.80 36.37 ? 77  ARG A C   1 
ATOM   4    O  O   . ARG A 1 15  ? -14.622 -13.787 4.939   0.80 36.10 ? 77  ARG A O   1 
ATOM   5    C  CB  . ARG A 1 15  ? -15.826 -15.917 3.422   0.80 37.66 ? 77  ARG A CB  1 
ATOM   6    C  CG  . ARG A 1 15  ? -14.602 -16.824 3.190   0.80 38.71 ? 77  ARG A CG  1 
ATOM   7    C  CD  . ARG A 1 15  ? -14.106 -16.765 1.765   0.80 40.38 ? 77  ARG A CD  1 
ATOM   8    N  NE  . ARG A 1 15  ? -13.194 -17.864 1.449   0.80 42.64 ? 77  ARG A NE  1 
ATOM   9    C  CZ  . ARG A 1 15  ? -12.132 -17.774 0.645   0.80 43.77 ? 77  ARG A CZ  1 
ATOM   10   N  NH1 . ARG A 1 15  ? -11.794 -16.617 0.073   0.80 44.07 ? 77  ARG A NH1 1 
ATOM   11   N  NH2 . ARG A 1 15  ? -11.385 -18.855 0.430   0.80 44.38 ? 77  ARG A NH2 1 
ATOM   12   N  N   . LEU A 1 16  ? -14.668 -15.209 6.756   1.00 35.51 ? 78  LEU A N   1 
ATOM   13   C  CA  . LEU A 1 16  ? -13.498 -14.599 7.394   1.00 34.53 ? 78  LEU A CA  1 
ATOM   14   C  C   . LEU A 1 16  ? -12.235 -14.735 6.527   1.00 34.40 ? 78  LEU A C   1 
ATOM   15   O  O   . LEU A 1 16  ? -11.454 -13.807 6.468   1.00 32.66 ? 78  LEU A O   1 
ATOM   16   C  CB  . LEU A 1 16  ? -13.259 -15.131 8.811   1.00 34.10 ? 78  LEU A CB  1 
ATOM   17   C  CG  . LEU A 1 16  ? -14.140 -14.683 10.008  1.00 34.18 ? 78  LEU A CG  1 
ATOM   18   C  CD1 . LEU A 1 16  ? -13.525 -15.269 11.261  1.00 36.94 ? 78  LEU A CD1 1 
ATOM   19   C  CD2 . LEU A 1 16  ? -14.302 -13.174 10.210  1.00 34.96 ? 78  LEU A CD2 1 
ATOM   20   N  N   . LYS A 1 17  ? -12.067 -15.872 5.849   1.00 34.86 ? 79  LYS A N   1 
ATOM   21   C  CA  . LYS A 1 17  ? -10.911 -16.131 4.964   1.00 35.94 ? 79  LYS A CA  1 
ATOM   22   C  C   . LYS A 1 17  ? -10.780 -15.121 3.823   1.00 35.92 ? 79  LYS A C   1 
ATOM   23   O  O   . LYS A 1 17  ? -9.696  -14.600 3.574   1.00 35.47 ? 79  LYS A O   1 
ATOM   24   C  CB  . LYS A 1 17  ? -11.004 -17.548 4.371   1.00 36.88 ? 79  LYS A CB  1 
ATOM   25   C  CG  . LYS A 1 17  ? -9.886  -17.908 3.379   1.00 39.66 ? 79  LYS A CG  1 
ATOM   26   C  CD  . LYS A 1 17  ? -8.714  -18.607 4.069   1.00 44.00 ? 79  LYS A CD  1 
ATOM   27   C  CE  . LYS A 1 17  ? -7.592  -17.619 4.400   1.00 45.24 ? 79  LYS A CE  1 
ATOM   28   N  NZ  . LYS A 1 17  ? -6.672  -18.193 5.437   1.00 46.54 ? 79  LYS A NZ  1 
ATOM   29   N  N   . ALA A 1 18  ? -11.876 -14.852 3.115   1.00 36.55 ? 80  ALA A N   1 
ATOM   30   C  CA  . ALA A 1 18  ? -11.849 -13.900 1.983   1.00 37.92 ? 80  ALA A CA  1 
ATOM   31   C  C   . ALA A 1 18  ? -11.337 -12.531 2.419   1.00 38.29 ? 80  ALA A C   1 
ATOM   32   O  O   . ALA A 1 18  ? -10.475 -11.920 1.776   1.00 39.26 ? 80  ALA A O   1 
ATOM   33   C  CB  . ALA A 1 18  ? -13.252 -13.775 1.340   1.00 38.13 ? 80  ALA A CB  1 
ATOM   34   N  N   . ILE A 1 19  ? -11.847 -12.054 3.542   1.00 39.14 ? 81  ILE A N   1 
ATOM   35   C  CA  . ILE A 1 19  ? -11.430 -10.754 4.053   1.00 40.33 ? 81  ILE A CA  1 
ATOM   36   C  C   . ILE A 1 19  ? -9.978  -10.785 4.603   1.00 40.02 ? 81  ILE A C   1 
ATOM   37   O  O   . ILE A 1 19  ? -9.205  -9.851  4.344   1.00 40.53 ? 81  ILE A O   1 
ATOM   38   C  CB  . ILE A 1 19  ? -12.505 -10.200 5.007   1.00 41.46 ? 81  ILE A CB  1 
ATOM   39   C  CG1 . ILE A 1 19  ? -12.207 -8.770  5.451   1.00 45.07 ? 81  ILE A CG1 1 
ATOM   40   C  CG2 . ILE A 1 19  ? -12.776 -11.125 6.177   1.00 42.11 ? 81  ILE A CG2 1 
ATOM   41   C  CD1 . ILE A 1 19  ? -13.522 -7.931  5.359   1.00 47.24 ? 81  ILE A CD1 1 
ATOM   42   N  N   . GLU A 1 20  ? -9.599  -11.878 5.258   1.00 39.01 ? 82  GLU A N   1 
ATOM   43   C  CA  A GLU A 1 20  ? -8.215  -12.081 5.720   0.60 38.80 ? 82  GLU A CA  1 
ATOM   44   C  CA  B GLU A 1 20  ? -8.218  -12.086 5.708   0.40 39.38 ? 82  GLU A CA  1 
ATOM   45   C  C   . GLU A 1 20  ? -7.224  -12.050 4.546   1.00 39.64 ? 82  GLU A C   1 
ATOM   46   O  O   . GLU A 1 20  ? -6.151  -11.485 4.679   1.00 40.30 ? 82  GLU A O   1 
ATOM   47   C  CB  A GLU A 1 20  ? -8.072  -13.393 6.517   0.60 38.47 ? 82  GLU A CB  1 
ATOM   48   C  CB  B GLU A 1 20  ? -8.087  -13.420 6.443   0.40 39.06 ? 82  GLU A CB  1 
ATOM   49   C  CG  A GLU A 1 20  ? -8.636  -13.344 7.973   0.60 37.60 ? 82  GLU A CG  1 
ATOM   50   C  CG  B GLU A 1 20  ? -6.776  -13.585 7.191   0.40 38.97 ? 82  GLU A CG  1 
ATOM   51   C  CD  A GLU A 1 20  ? -8.822  -14.739 8.644   0.60 37.09 ? 82  GLU A CD  1 
ATOM   52   C  CD  B GLU A 1 20  ? -6.496  -15.020 7.623   0.40 39.18 ? 82  GLU A CD  1 
ATOM   53   O  OE1 A GLU A 1 20  ? -8.337  -15.752 8.096   0.60 34.23 ? 82  GLU A OE1 1 
ATOM   54   O  OE1 B GLU A 1 20  ? -7.105  -15.959 7.071   0.40 39.53 ? 82  GLU A OE1 1 
ATOM   55   O  OE2 A GLU A 1 20  ? -9.461  -14.822 9.731   0.60 33.27 ? 82  GLU A OE2 1 
ATOM   56   O  OE2 B GLU A 1 20  ? -5.645  -15.209 8.515   0.40 38.00 ? 82  GLU A OE2 1 
ATOM   57   N  N   . ASP A 1 21  ? -7.587  -12.650 3.399   1.00 39.76 ? 83  ASP A N   1 
ATOM   58   C  CA  . ASP A 1 21  ? -6.720  -12.652 2.200   1.00 40.53 ? 83  ASP A CA  1 
ATOM   59   C  C   . ASP A 1 21  ? -6.499  -11.221 1.667   1.00 41.49 ? 83  ASP A C   1 
ATOM   60   O  O   . ASP A 1 21  ? -5.401  -10.904 1.236   1.00 42.31 ? 83  ASP A O   1 
ATOM   61   C  CB  . ASP A 1 21  ? -7.261  -13.507 1.051   1.00 40.15 ? 83  ASP A CB  1 
ATOM   62   C  CG  . ASP A 1 21  ? -7.180  -15.000 1.325   1.00 41.80 ? 83  ASP A CG  1 
ATOM   63   O  OD1 . ASP A 1 21  ? -6.485  -15.407 2.280   1.00 42.87 ? 83  ASP A OD1 1 
ATOM   64   O  OD2 . ASP A 1 21  ? -7.820  -15.770 0.580   1.00 43.99 ? 83  ASP A OD2 1 
ATOM   65   N  N   . ARG A 1 22  ? -7.538  -10.389 1.678   1.00 40.52 ? 84  ARG A N   1 
ATOM   66   C  CA  . ARG A 1 22  ? -7.369  -9.008  1.254   1.00 41.59 ? 84  ARG A CA  1 
ATOM   67   C  C   . ARG A 1 22  ? -6.335  -8.312  2.175   1.00 41.85 ? 84  ARG A C   1 
ATOM   68   O  O   . ARG A 1 22  ? -5.415  -7.642  1.673   1.00 42.51 ? 84  ARG A O   1 
ATOM   69   C  CB  . ARG A 1 22  ? -8.710  -8.250  1.246   1.00 38.29 ? 84  ARG A CB  1 
ATOM   70   C  CG  . ARG A 1 22  ? -9.772  -8.813  0.298   1.00 40.97 ? 84  ARG A CG  1 
ATOM   71   C  CD  . ARG A 1 22  ? -11.005 -7.855  0.357   1.00 41.78 ? 84  ARG A CD  1 
ATOM   72   N  NE  . ARG A 1 22  ? -10.742 -6.630  -0.399  1.00 40.16 ? 84  ARG A NE  1 
ATOM   73   C  CZ  . ARG A 1 22  ? -11.397 -5.472  -0.261  1.00 40.71 ? 84  ARG A CZ  1 
ATOM   74   N  NH1 . ARG A 1 22  ? -12.454 -5.347  0.544   1.00 39.72 ? 84  ARG A NH1 1 
ATOM   75   N  NH2 . ARG A 1 22  ? -11.031 -4.438  -1.000  1.00 39.54 ? 84  ARG A NH2 1 
ATOM   76   N  N   . LEU A 1 23  ? -6.517  -8.404  3.492   1.00 41.38 ? 85  LEU A N   1 
ATOM   77   C  CA  . LEU A 1 23  ? -5.583  -7.801  4.446   1.00 41.41 ? 85  LEU A CA  1 
ATOM   78   C  C   . LEU A 1 23  ? -4.171  -8.350  4.291   1.00 41.11 ? 85  LEU A C   1 
ATOM   79   O  O   . LEU A 1 23  ? -3.187  -7.589  4.234   1.00 40.78 ? 85  LEU A O   1 
ATOM   80   C  CB  . LEU A 1 23  ? -6.048  -7.997  5.894   1.00 40.95 ? 85  LEU A CB  1 
ATOM   81   C  CG  . LEU A 1 23  ? -7.390  -7.314  6.207   1.00 43.73 ? 85  LEU A CG  1 
ATOM   82   C  CD1 . LEU A 1 23  ? -7.884  -7.777  7.594   1.00 42.15 ? 85  LEU A CD1 1 
ATOM   83   C  CD2 . LEU A 1 23  ? -7.259  -5.773  6.171   1.00 40.28 ? 85  LEU A CD2 1 
ATOM   84   N  N   . GLU A 1 24  ? -4.049  -9.676  4.234   1.00 40.60 ? 86  GLU A N   1 
ATOM   85   C  CA  . GLU A 1 24  ? -2.735  -10.287 4.288   1.00 41.21 ? 86  GLU A CA  1 
ATOM   86   C  C   . GLU A 1 24  ? -2.007  -10.244 2.955   1.00 40.10 ? 86  GLU A C   1 
ATOM   87   O  O   . GLU A 1 24  ? -0.791  -10.246 2.938   1.00 39.52 ? 86  GLU A O   1 
ATOM   88   C  CB  . GLU A 1 24  ? -2.795  -11.728 4.768   1.00 40.71 ? 86  GLU A CB  1 
ATOM   89   C  CG  . GLU A 1 24  ? -3.177  -11.860 6.248   1.00 44.57 ? 86  GLU A CG  1 
ATOM   90   C  CD  . GLU A 1 24  ? -3.381  -13.322 6.670   1.00 46.85 ? 86  GLU A CD  1 
ATOM   91   O  OE1 . GLU A 1 24  ? -3.104  -14.254 5.856   1.00 54.26 ? 86  GLU A OE1 1 
ATOM   92   O  OE2 . GLU A 1 24  ? -3.797  -13.548 7.836   1.00 54.86 ? 86  GLU A OE2 1 
ATOM   93   N  N   . LYS A 1 25  ? -2.727  -10.252 1.845   1.00 37.59 ? 87  LYS A N   1 
ATOM   94   C  CA  . LYS A 1 25  ? -2.036  -10.391 0.549   1.00 38.48 ? 87  LYS A CA  1 
ATOM   95   C  C   . LYS A 1 25  ? -1.950  -9.027  -0.149  1.00 37.48 ? 87  LYS A C   1 
ATOM   96   O  O   . LYS A 1 25  ? -1.222  -8.883  -1.122  1.00 37.98 ? 87  LYS A O   1 
ATOM   97   C  CB  . LYS A 1 25  ? -2.722  -11.424 -0.377  1.00 37.08 ? 87  LYS A CB  1 
ATOM   98   C  CG  . LYS A 1 25  ? -2.684  -12.899 0.170   1.00 39.07 ? 87  LYS A CG  1 
ATOM   99   C  CD  . LYS A 1 25  ? -3.472  -13.793 -0.781  1.00 41.05 ? 87  LYS A CD  1 
ATOM   100  C  CE  . LYS A 1 25  ? -3.454  -15.216 -0.326  1.00 44.84 ? 87  LYS A CE  1 
ATOM   101  N  NZ  . LYS A 1 25  ? -3.380  -16.133 -1.518  1.00 52.40 ? 87  LYS A NZ  1 
ATOM   102  N  N   . PHE A 1 26  ? -2.724  -8.057  0.312   1.00 36.63 ? 88  PHE A N   1 
ATOM   103  C  CA  . PHE A 1 26  ? -2.753  -6.769  -0.373  1.00 36.56 ? 88  PHE A CA  1 
ATOM   104  C  C   . PHE A 1 26  ? -2.474  -5.608  0.583   1.00 36.49 ? 88  PHE A C   1 
ATOM   105  O  O   . PHE A 1 26  ? -1.426  -4.988  0.477   1.00 36.04 ? 88  PHE A O   1 
ATOM   106  C  CB  . PHE A 1 26  ? -4.093  -6.547  -1.137  1.00 34.56 ? 88  PHE A CB  1 
ATOM   107  C  CG  . PHE A 1 26  ? -4.087  -5.244  -1.921  1.00 35.23 ? 88  PHE A CG  1 
ATOM   108  C  CD1 . PHE A 1 26  ? -3.573  -5.193  -3.224  1.00 34.93 ? 88  PHE A CD1 1 
ATOM   109  C  CD2 . PHE A 1 26  ? -4.507  -4.080  -1.315  1.00 35.33 ? 88  PHE A CD2 1 
ATOM   110  C  CE1 . PHE A 1 26  ? -3.505  -3.990  -3.955  1.00 34.41 ? 88  PHE A CE1 1 
ATOM   111  C  CE2 . PHE A 1 26  ? -4.447  -2.834  -2.023  1.00 34.59 ? 88  PHE A CE2 1 
ATOM   112  C  CZ  . PHE A 1 26  ? -3.935  -2.807  -3.330  1.00 35.77 ? 88  PHE A CZ  1 
ATOM   113  N  N   . TYR A 1 27  ? -3.381  -5.353  1.529   1.00 34.98 ? 89  TYR A N   1 
ATOM   114  C  CA  . TYR A 1 27  ? -3.280  -4.119  2.326   1.00 36.35 ? 89  TYR A CA  1 
ATOM   115  C  C   . TYR A 1 27  ? -2.010  -4.088  3.180   1.00 36.72 ? 89  TYR A C   1 
ATOM   116  O  O   . TYR A 1 27  ? -1.250  -3.141  3.130   1.00 35.35 ? 89  TYR A O   1 
ATOM   117  C  CB  . TYR A 1 27  ? -4.515  -3.935  3.205   1.00 35.89 ? 89  TYR A CB  1 
ATOM   118  C  CG  . TYR A 1 27  ? -5.704  -3.564  2.355   1.00 36.02 ? 89  TYR A CG  1 
ATOM   119  C  CD1 . TYR A 1 27  ? -5.821  -2.265  1.827   1.00 36.21 ? 89  TYR A CD1 1 
ATOM   120  C  CD2 . TYR A 1 27  ? -6.622  -4.530  1.961   1.00 35.54 ? 89  TYR A CD2 1 
ATOM   121  C  CE1 . TYR A 1 27  ? -6.891  -1.939  0.954   1.00 33.59 ? 89  TYR A CE1 1 
ATOM   122  C  CE2 . TYR A 1 27  ? -7.689  -4.219  1.094   1.00 35.52 ? 89  TYR A CE2 1 
ATOM   123  C  CZ  . TYR A 1 27  ? -7.811  -2.914  0.612   1.00 35.68 ? 89  TYR A CZ  1 
ATOM   124  O  OH  . TYR A 1 27  ? -8.823  -2.565  -0.236  1.00 35.87 ? 89  TYR A OH  1 
ATOM   125  N  N   . ILE A 1 28  ? -1.809  -5.128  3.978   1.00 36.72 ? 90  ILE A N   1 
ATOM   126  C  CA  . ILE A 1 28  ? -0.656  -5.144  4.887   1.00 37.30 ? 90  ILE A CA  1 
ATOM   127  C  C   . ILE A 1 28  ? 0.695   -5.106  4.138   1.00 37.66 ? 90  ILE A C   1 
ATOM   128  O  O   . ILE A 1 28  ? 1.543   -4.275  4.460   1.00 38.22 ? 90  ILE A O   1 
ATOM   129  C  CB  . ILE A 1 28  ? -0.756  -6.306  5.903   1.00 37.18 ? 90  ILE A CB  1 
ATOM   130  C  CG1 . ILE A 1 28  ? -1.976  -6.061  6.812   1.00 40.45 ? 90  ILE A CG1 1 
ATOM   131  C  CG2 . ILE A 1 28  ? 0.599   -6.461  6.740   1.00 38.17 ? 90  ILE A CG2 1 
ATOM   132  C  CD1 . ILE A 1 28  ? -2.418  -7.250  7.636   1.00 45.02 ? 90  ILE A CD1 1 
ATOM   133  N  N   . PRO A 1 29  ? 0.912   -5.997  3.132   1.00 37.46 ? 91  PRO A N   1 
ATOM   134  C  CA  . PRO A 1 29  ? 2.210   -5.864  2.453   1.00 37.87 ? 91  PRO A CA  1 
ATOM   135  C  C   . PRO A 1 29  ? 2.428   -4.524  1.771   1.00 37.25 ? 91  PRO A C   1 
ATOM   136  O  O   . PRO A 1 29  ? 3.542   -4.025  1.794   1.00 36.03 ? 91  PRO A O   1 
ATOM   137  C  CB  . PRO A 1 29  ? 2.242   -7.013  1.426   1.00 38.03 ? 91  PRO A CB  1 
ATOM   138  C  CG  . PRO A 1 29  ? 0.959   -7.699  1.537   1.00 39.01 ? 91  PRO A CG  1 
ATOM   139  C  CD  . PRO A 1 29  ? 0.134   -7.148  2.658   1.00 37.05 ? 91  PRO A CD  1 
ATOM   140  N  N   . LEU A 1 30  ? 1.395   -3.938  1.148   1.00 37.60 ? 92  LEU A N   1 
ATOM   141  C  CA  . LEU A 1 30  ? 1.637   -2.680  0.416   1.00 37.02 ? 92  LEU A CA  1 
ATOM   142  C  C   . LEU A 1 30  ? 1.886   -1.533  1.420   1.00 36.71 ? 92  LEU A C   1 
ATOM   143  O  O   . LEU A 1 30  ? 2.787   -0.667  1.205   1.00 36.86 ? 92  LEU A O   1 
ATOM   144  C  CB  . LEU A 1 30  ? 0.403   -2.327  -0.447  1.00 37.67 ? 92  LEU A CB  1 
ATOM   145  C  CG  . LEU A 1 30  ? 0.627   -1.142  -1.418  1.00 37.54 ? 92  LEU A CG  1 
ATOM   146  C  CD1 . LEU A 1 30  ? 1.839   -1.430  -2.364  1.00 39.05 ? 92  LEU A CD1 1 
ATOM   147  C  CD2 . LEU A 1 30  ? -0.661  -0.955  -2.248  1.00 38.48 ? 92  LEU A CD2 1 
ATOM   148  N  N   . ILE A 1 31  ? 1.091   -1.516  2.501   1.00 35.96 ? 93  ILE A N   1 
ATOM   149  C  CA  . ILE A 1 31  ? 1.335   -0.537  3.588   1.00 36.39 ? 93  ILE A CA  1 
ATOM   150  C  C   . ILE A 1 31  ? 2.792   -0.656  4.128   1.00 37.42 ? 93  ILE A C   1 
ATOM   151  O  O   . ILE A 1 31  ? 3.504   0.374   4.267   1.00 38.04 ? 93  ILE A O   1 
ATOM   152  C  CB  . ILE A 1 31  ? 0.249   -0.616  4.733   1.00 36.54 ? 93  ILE A CB  1 
ATOM   153  C  CG1 . ILE A 1 31  ? -1.117  -0.149  4.192   1.00 36.36 ? 93  ILE A CG1 1 
ATOM   154  C  CG2 . ILE A 1 31  ? 0.653   0.264   5.950   1.00 36.76 ? 93  ILE A CG2 1 
ATOM   155  C  CD1 . ILE A 1 31  ? -2.322  -0.518  5.109   1.00 36.21 ? 93  ILE A CD1 1 
ATOM   156  N  N   . LYS A 1 32  ? 3.212   -1.865  4.492   1.00 38.17 ? 94  LYS A N   1 
ATOM   157  C  CA  . LYS A 1 32  ? 4.598   -2.096  4.939   1.00 38.75 ? 94  LYS A CA  1 
ATOM   158  C  C   . LYS A 1 32  ? 5.662   -1.643  3.938   1.00 38.30 ? 94  LYS A C   1 
ATOM   159  O  O   . LYS A 1 32  ? 6.653   -1.063  4.320   1.00 37.99 ? 94  LYS A O   1 
ATOM   160  C  CB  . LYS A 1 32  ? 4.805   -3.554  5.308   1.00 39.50 ? 94  LYS A CB  1 
ATOM   161  C  CG  . LYS A 1 32  ? 4.111   -3.842  6.647   1.00 45.66 ? 94  LYS A CG  1 
ATOM   162  C  CD  . LYS A 1 32  ? 4.723   -4.975  7.411   1.00 54.33 ? 94  LYS A CD  1 
ATOM   163  C  CE  . LYS A 1 32  ? 4.094   -6.287  7.017   1.00 57.18 ? 94  LYS A CE  1 
ATOM   164  N  NZ  . LYS A 1 32  ? 3.903   -7.287  8.151   1.00 54.82 ? 94  LYS A NZ  1 
ATOM   165  N  N   . ALA A 1 33  ? 5.482   -1.941  2.664   1.00 37.26 ? 95  ALA A N   1 
ATOM   166  C  CA  . ALA A 1 33  ? 6.445   -1.519  1.630   1.00 36.68 ? 95  ALA A CA  1 
ATOM   167  C  C   . ALA A 1 33  ? 6.696   -0.023  1.636   1.00 37.03 ? 95  ALA A C   1 
ATOM   168  O  O   . ALA A 1 33  ? 7.782   0.412   1.247   1.00 36.99 ? 95  ALA A O   1 
ATOM   169  C  CB  . ALA A 1 33  ? 5.946   -1.965  0.193   1.00 35.43 ? 95  ALA A CB  1 
ATOM   170  N  N   . PHE A 1 34  ? 5.688   0.765   2.018   1.00 36.46 ? 96  PHE A N   1 
ATOM   171  C  CA  . PHE A 1 34  ? 5.828   2.238   2.020   1.00 37.03 ? 96  PHE A CA  1 
ATOM   172  C  C   . PHE A 1 34  ? 5.942   2.871   3.403   1.00 37.11 ? 96  PHE A C   1 
ATOM   173  O  O   . PHE A 1 34  ? 5.980   4.085   3.511   1.00 37.28 ? 96  PHE A O   1 
ATOM   174  C  CB  . PHE A 1 34  ? 4.671   2.861   1.217   1.00 36.99 ? 96  PHE A CB  1 
ATOM   175  C  CG  . PHE A 1 34  ? 4.844   2.654   -0.268  1.00 37.58 ? 96  PHE A CG  1 
ATOM   176  C  CD1 . PHE A 1 34  ? 5.653   3.517   -0.999  1.00 35.28 ? 96  PHE A CD1 1 
ATOM   177  C  CD2 . PHE A 1 34  ? 4.279   1.551   -0.905  1.00 37.19 ? 96  PHE A CD2 1 
ATOM   178  C  CE1 . PHE A 1 34  ? 5.840   3.308   -2.393  1.00 34.80 ? 96  PHE A CE1 1 
ATOM   179  C  CE2 . PHE A 1 34  ? 4.469   1.339   -2.285  1.00 37.78 ? 96  PHE A CE2 1 
ATOM   180  C  CZ  . PHE A 1 34  ? 5.260   2.226   -3.010  1.00 37.94 ? 96  PHE A CZ  1 
ATOM   181  N  N   . SER A 1 35  ? 6.020   2.044   4.444   1.00 37.30 ? 97  SER A N   1 
ATOM   182  C  CA  . SER A 1 35  ? 6.069   2.575   5.800   1.00 39.34 ? 97  SER A CA  1 
ATOM   183  C  C   . SER A 1 35  ? 7.014   1.850   6.775   1.00 41.58 ? 97  SER A C   1 
ATOM   184  O  O   . SER A 1 35  ? 7.374   2.404   7.813   1.00 40.87 ? 97  SER A O   1 
ATOM   185  C  CB  . SER A 1 35  ? 4.655   2.651   6.384   1.00 37.84 ? 97  SER A CB  1 
ATOM   186  O  OG  . SER A 1 35  ? 4.143   1.368   6.660   1.00 39.65 ? 97  SER A OG  1 
ATOM   187  N  N   . SER A 1 36  ? 7.413   0.629   6.465   1.00 43.45 ? 98  SER A N   1 
ATOM   188  C  CA  . SER A 1 36  ? 8.304   -0.057  7.363   1.00 46.29 ? 98  SER A CA  1 
ATOM   189  C  C   . SER A 1 36  ? 9.729   -0.071  6.754   1.00 47.41 ? 98  SER A C   1 
ATOM   190  O  O   . SER A 1 36  ? 9.904   0.088   5.543   1.00 46.80 ? 98  SER A O   1 
ATOM   191  C  CB  . SER A 1 36  ? 7.741   -1.438  7.705   1.00 47.77 ? 98  SER A CB  1 
ATOM   192  O  OG  . SER A 1 36  ? 8.431   -2.463  7.048   1.00 55.20 ? 98  SER A OG  1 
ATOM   193  N  N   . TYR A 1 37  ? 10.751  -0.191  7.581   1.00 47.88 ? 99  TYR A N   1 
ATOM   194  C  CA  . TYR A 1 37  ? 12.135  -0.099  7.073   1.00 50.48 ? 99  TYR A CA  1 
ATOM   195  C  C   . TYR A 1 37  ? 12.627  -1.299  6.255   1.00 51.80 ? 99  TYR A C   1 
ATOM   196  O  O   . TYR A 1 37  ? 13.692  -1.240  5.622   1.00 53.51 ? 99  TYR A O   1 
ATOM   197  C  CB  . TYR A 1 37  ? 13.090  0.148   8.237   1.00 51.12 ? 99  TYR A CB  1 
ATOM   198  C  CG  . TYR A 1 37  ? 12.952  1.515   8.836   1.00 51.59 ? 99  TYR A CG  1 
ATOM   199  C  CD1 . TYR A 1 37  ? 12.264  2.520   8.168   1.00 50.78 ? 99  TYR A CD1 1 
ATOM   200  C  CD2 . TYR A 1 37  ? 13.537  1.818   10.069  1.00 55.63 ? 99  TYR A CD2 1 
ATOM   201  C  CE1 . TYR A 1 37  ? 12.139  3.788   8.704   1.00 52.21 ? 99  TYR A CE1 1 
ATOM   202  C  CE2 . TYR A 1 37  ? 13.416  3.097   10.618  1.00 56.29 ? 99  TYR A CE2 1 
ATOM   203  C  CZ  . TYR A 1 37  ? 12.718  4.069   9.914   1.00 55.23 ? 99  TYR A CZ  1 
ATOM   204  O  OH  . TYR A 1 37  ? 12.564  5.321   10.437  1.00 55.74 ? 99  TYR A OH  1 
ATOM   205  N  N   . VAL A 1 38  ? 11.856  -2.375  6.258   1.00 52.83 ? 100 VAL A N   1 
ATOM   206  C  CA  . VAL A 1 38  ? 12.163  -3.588  5.488   1.00 53.59 ? 100 VAL A CA  1 
ATOM   207  C  C   . VAL A 1 38  ? 12.302  -3.312  3.985   1.00 51.97 ? 100 VAL A C   1 
ATOM   208  O  O   . VAL A 1 38  ? 11.465  -2.665  3.379   1.00 53.96 ? 100 VAL A O   1 
ATOM   209  C  CB  . VAL A 1 38  ? 11.086  -4.656  5.726   1.00 54.24 ? 100 VAL A CB  1 
ATOM   210  C  CG1 . VAL A 1 38  ? 11.297  -5.859  4.812   1.00 56.80 ? 100 VAL A CG1 1 
ATOM   211  C  CG2 . VAL A 1 38  ? 11.104  -5.102  7.227   1.00 55.55 ? 100 VAL A CG2 1 
ATOM   212  N  N   . TYR A 1 39  ? 13.385  -3.781  3.392   1.00 49.52 ? 101 TYR A N   1 
ATOM   213  C  CA  . TYR A 1 39  ? 13.664  -3.513  1.994   1.00 46.86 ? 101 TYR A CA  1 
ATOM   214  C  C   . TYR A 1 39  ? 14.640  -4.576  1.582   1.00 45.70 ? 101 TYR A C   1 
ATOM   215  O  O   . TYR A 1 39  ? 15.573  -4.875  2.343   1.00 45.11 ? 101 TYR A O   1 
ATOM   216  C  CB  . TYR A 1 39  ? 14.314  -2.120  1.788   1.00 46.77 ? 101 TYR A CB  1 
ATOM   217  C  CG  . TYR A 1 39  ? 14.805  -1.963  0.371   1.00 45.01 ? 101 TYR A CG  1 
ATOM   218  C  CD1 . TYR A 1 39  ? 13.928  -1.581  -0.660  1.00 45.52 ? 101 TYR A CD1 1 
ATOM   219  C  CD2 . TYR A 1 39  ? 16.128  -2.286  0.028   1.00 47.38 ? 101 TYR A CD2 1 
ATOM   220  C  CE1 . TYR A 1 39  ? 14.378  -1.480  -2.011  1.00 44.70 ? 101 TYR A CE1 1 
ATOM   221  C  CE2 . TYR A 1 39  ? 16.578  -2.212  -1.319  1.00 45.66 ? 101 TYR A CE2 1 
ATOM   222  C  CZ  . TYR A 1 39  ? 15.694  -1.791  -2.319  1.00 48.23 ? 101 TYR A CZ  1 
ATOM   223  O  OH  . TYR A 1 39  ? 16.110  -1.728  -3.640  1.00 48.48 ? 101 TYR A OH  1 
ATOM   224  N  N   . THR A 1 40  ? 14.417  -5.170  0.409   1.00 44.40 ? 102 THR A N   1 
ATOM   225  C  CA  . THR A 1 40  ? 15.266  -6.254  -0.124  1.00 44.36 ? 102 THR A CA  1 
ATOM   226  C  C   . THR A 1 40  ? 15.436  -5.997  -1.590  1.00 44.47 ? 102 THR A C   1 
ATOM   227  O  O   . THR A 1 40  ? 14.788  -5.093  -2.124  1.00 45.18 ? 102 THR A O   1 
ATOM   228  C  CB  . THR A 1 40  ? 14.583  -7.630  0.004   1.00 44.71 ? 102 THR A CB  1 
ATOM   229  O  OG1 . THR A 1 40  ? 13.417  -7.676  -0.856  1.00 40.69 ? 102 THR A OG1 1 
ATOM   230  C  CG2 . THR A 1 40  ? 14.180  -7.860  1.448   1.00 46.11 ? 102 THR A CG2 1 
ATOM   231  N  N   . ALA A 1 41  ? 16.270  -6.795  -2.255  1.00 43.52 ? 103 ALA A N   1 
ATOM   232  C  CA  . ALA A 1 41  ? 16.411  -6.664  -3.693  1.00 44.09 ? 103 ALA A CA  1 
ATOM   233  C  C   . ALA A 1 41  ? 15.112  -7.042  -4.433  1.00 43.98 ? 103 ALA A C   1 
ATOM   234  O  O   . ALA A 1 41  ? 15.030  -6.910  -5.664  1.00 44.83 ? 103 ALA A O   1 
ATOM   235  C  CB  . ALA A 1 41  ? 17.556  -7.569  -4.178  1.00 43.06 ? 103 ALA A CB  1 
ATOM   236  N  N   . GLN A 1 42  ? 14.128  -7.573  -3.703  1.00 42.57 ? 104 GLN A N   1 
ATOM   237  C  CA  . GLN A 1 42  ? 12.886  -8.024  -4.322  1.00 42.68 ? 104 GLN A CA  1 
ATOM   238  C  C   . GLN A 1 42  ? 11.713  -7.066  -4.062  1.00 40.93 ? 104 GLN A C   1 
ATOM   239  O  O   . GLN A 1 42  ? 10.640  -7.239  -4.633  1.00 40.57 ? 104 GLN A O   1 
ATOM   240  C  CB  . GLN A 1 42  ? 12.526  -9.421  -3.820  1.00 42.61 ? 104 GLN A CB  1 
ATOM   241  C  CG  . GLN A 1 42  ? 13.376  -10.524 -4.445  1.00 46.73 ? 104 GLN A CG  1 
ATOM   242  C  CD  . GLN A 1 42  ? 14.758  -10.571 -3.832  1.00 50.98 ? 104 GLN A CD  1 
ATOM   243  O  OE1 . GLN A 1 42  ? 14.915  -10.566 -2.604  1.00 52.49 ? 104 GLN A OE1 1 
ATOM   244  N  NE2 . GLN A 1 42  ? 15.771  -10.595 -4.678  1.00 50.11 ? 104 GLN A NE2 1 
ATOM   245  N  N   . THR A 1 43  ? 11.919  -6.067  -3.213  1.00 40.05 ? 105 THR A N   1 
ATOM   246  C  CA  . THR A 1 43  ? 10.837  -5.173  -2.816  1.00 39.99 ? 105 THR A CA  1 
ATOM   247  C  C   . THR A 1 43  ? 10.202  -4.404  -3.973  1.00 40.04 ? 105 THR A C   1 
ATOM   248  O  O   . THR A 1 43  ? 8.988   -4.325  -4.040  1.00 38.00 ? 105 THR A O   1 
ATOM   249  C  CB  . THR A 1 43  ? 11.264  -4.204  -1.720  1.00 40.76 ? 105 THR A CB  1 
ATOM   250  O  OG1 . THR A 1 43  ? 11.776  -4.985  -0.634  1.00 41.33 ? 105 THR A OG1 1 
ATOM   251  C  CG2 . THR A 1 43  ? 10.027  -3.379  -1.175  1.00 39.01 ? 105 THR A CG2 1 
ATOM   252  N  N   . GLU A 1 44  ? 10.993  -3.823  -4.872  1.00 39.19 ? 106 GLU A N   1 
ATOM   253  C  CA  . GLU A 1 44  ? 10.351  -3.096  -5.977  1.00 39.13 ? 106 GLU A CA  1 
ATOM   254  C  C   . GLU A 1 44  ? 9.486   -4.050  -6.797  1.00 38.72 ? 106 GLU A C   1 
ATOM   255  O  O   . GLU A 1 44  ? 8.379   -3.680  -7.231  1.00 37.82 ? 106 GLU A O   1 
ATOM   256  C  CB  . GLU A 1 44  ? 11.425  -2.458  -6.883  1.00 39.00 ? 106 GLU A CB  1 
ATOM   257  C  CG  . GLU A 1 44  ? 12.240  -1.342  -6.208  1.00 39.11 ? 106 GLU A CG  1 
ATOM   258  C  CD  . GLU A 1 44  ? 12.867  -0.376  -7.235  1.00 39.86 ? 106 GLU A CD  1 
ATOM   259  O  OE1 . GLU A 1 44  ? 12.591  -0.498  -8.457  1.00 41.73 ? 106 GLU A OE1 1 
ATOM   260  O  OE2 . GLU A 1 44  ? 13.636  0.525   -6.833  1.00 40.36 ? 106 GLU A OE2 1 
ATOM   261  N  N   . ASP A 1 45  ? 9.987   -5.275  -7.040  1.00 39.35 ? 107 ASP A N   1 
ATOM   262  C  CA  . ASP A 1 45  ? 9.204   -6.237  -7.823  1.00 40.04 ? 107 ASP A CA  1 
ATOM   263  C  C   . ASP A 1 45  ? 7.954   -6.701  -7.061  1.00 40.40 ? 107 ASP A C   1 
ATOM   264  O  O   . ASP A 1 45  ? 6.864   -6.914  -7.674  1.00 40.81 ? 107 ASP A O   1 
ATOM   265  C  CB  . ASP A 1 45  ? 10.030  -7.440  -8.248  1.00 41.63 ? 107 ASP A CB  1 
ATOM   266  C  CG  . ASP A 1 45  ? 11.084  -7.093  -9.299  1.00 46.25 ? 107 ASP A CG  1 
ATOM   267  O  OD1 . ASP A 1 45  ? 10.817  -6.278  -10.219 1.00 50.31 ? 107 ASP A OD1 1 
ATOM   268  O  OD2 . ASP A 1 45  ? 12.186  -7.654  -9.185  1.00 51.81 ? 107 ASP A OD2 1 
ATOM   269  N  N   . GLU A 1 46  ? 8.079   -6.846  -5.743  1.00 39.79 ? 108 GLU A N   1 
ATOM   270  C  CA  . GLU A 1 46  ? 6.902   -7.160  -4.919  1.00 41.00 ? 108 GLU A CA  1 
ATOM   271  C  C   . GLU A 1 46  ? 5.826   -6.071  -4.966  1.00 39.55 ? 108 GLU A C   1 
ATOM   272  O  O   . GLU A 1 46  ? 4.650   -6.376  -5.062  1.00 39.38 ? 108 GLU A O   1 
ATOM   273  C  CB  . GLU A 1 46  ? 7.277   -7.462  -3.461  1.00 40.52 ? 108 GLU A CB  1 
ATOM   274  C  CG  . GLU A 1 46  ? 8.115   -8.728  -3.285  1.00 45.42 ? 108 GLU A CG  1 
ATOM   275  C  CD  . GLU A 1 46  ? 8.806   -8.765  -1.923  1.00 50.37 ? 108 GLU A CD  1 
ATOM   276  O  OE1 . GLU A 1 46  ? 8.606   -7.816  -1.115  1.00 52.46 ? 108 GLU A OE1 1 
ATOM   277  O  OE2 . GLU A 1 46  ? 9.549   -9.729  -1.663  1.00 49.86 ? 108 GLU A OE2 1 
ATOM   278  N  N   . ILE A 1 47  ? 6.225   -4.798  -4.927  1.00 38.49 ? 109 ILE A N   1 
ATOM   279  C  CA  . ILE A 1 47  ? 5.290   -3.717  -5.123  1.00 38.23 ? 109 ILE A CA  1 
ATOM   280  C  C   . ILE A 1 47  ? 4.679   -3.791  -6.534  1.00 38.75 ? 109 ILE A C   1 
ATOM   281  O  O   . ILE A 1 47  ? 3.462   -3.653  -6.684  1.00 38.32 ? 109 ILE A O   1 
ATOM   282  C  CB  . ILE A 1 47  ? 5.966   -2.315  -4.898  1.00 38.01 ? 109 ILE A CB  1 
ATOM   283  C  CG1 . ILE A 1 47  ? 6.416   -2.176  -3.418  1.00 38.35 ? 109 ILE A CG1 1 
ATOM   284  C  CG2 . ILE A 1 47  ? 5.012   -1.138  -5.285  1.00 34.66 ? 109 ILE A CG2 1 
ATOM   285  C  CD1 . ILE A 1 47  ? 7.314   -1.011  -3.216  1.00 38.90 ? 109 ILE A CD1 1 
ATOM   286  N  N   . GLU A 1 48  ? 5.503   -3.973  -7.568  1.00 38.05 ? 110 GLU A N   1 
ATOM   287  C  CA  . GLU A 1 48  ? 4.943   -4.103  -8.921  1.00 39.33 ? 110 GLU A CA  1 
ATOM   288  C  C   . GLU A 1 48  ? 3.892   -5.182  -8.992  1.00 38.68 ? 110 GLU A C   1 
ATOM   289  O  O   . GLU A 1 48  ? 2.831   -4.998  -9.613  1.00 38.69 ? 110 GLU A O   1 
ATOM   290  C  CB  . GLU A 1 48  ? 6.039   -4.471  -9.944  1.00 39.39 ? 110 GLU A CB  1 
ATOM   291  C  CG  . GLU A 1 48  ? 6.856   -3.326  -10.339 1.00 46.42 ? 110 GLU A CG  1 
ATOM   292  C  CD  . GLU A 1 48  ? 6.108   -2.423  -11.297 1.00 50.63 ? 110 GLU A CD  1 
ATOM   293  O  OE1 . GLU A 1 48  ? 5.402   -2.926  -12.203 1.00 55.52 ? 110 GLU A OE1 1 
ATOM   294  O  OE2 . GLU A 1 48  ? 6.231   -1.215  -11.125 1.00 48.95 ? 110 GLU A OE2 1 
ATOM   295  N  N   . THR A 1 49  ? 4.198   -6.321  -8.373  1.00 38.64 ? 111 THR A N   1 
ATOM   296  C  CA  . THR A 1 49  ? 3.276   -7.435  -8.304  1.00 39.96 ? 111 THR A CA  1 
ATOM   297  C  C   . THR A 1 49  ? 1.995   -7.110  -7.580  1.00 38.65 ? 111 THR A C   1 
ATOM   298  O  O   . THR A 1 49  ? 0.888   -7.412  -8.083  1.00 37.51 ? 111 THR A O   1 
ATOM   299  C  CB  . THR A 1 49  ? 3.947   -8.641  -7.633  1.00 41.33 ? 111 THR A CB  1 
ATOM   300  O  OG1 . THR A 1 49  ? 4.997   -9.052  -8.495  1.00 39.53 ? 111 THR A OG1 1 
ATOM   301  C  CG2 . THR A 1 49  ? 2.935   -9.838  -7.480  1.00 42.61 ? 111 THR A CG2 1 
ATOM   302  N  N   . ILE A 1 50  ? 2.112   -6.455  -6.425  1.00 38.78 ? 112 ILE A N   1 
ATOM   303  C  CA  . ILE A 1 50  ? 0.879   -6.040  -5.691  1.00 38.38 ? 112 ILE A CA  1 
ATOM   304  C  C   . ILE A 1 50  ? -0.039  -5.143  -6.531  1.00 38.80 ? 112 ILE A C   1 
ATOM   305  O  O   . ILE A 1 50  ? -1.264  -5.309  -6.528  1.00 38.46 ? 112 ILE A O   1 
ATOM   306  C  CB  . ILE A 1 50  ? 1.216   -5.387  -4.315  1.00 38.79 ? 112 ILE A CB  1 
ATOM   307  C  CG1 . ILE A 1 50  ? 1.794   -6.445  -3.386  1.00 38.28 ? 112 ILE A CG1 1 
ATOM   308  C  CG2 . ILE A 1 50  ? -0.023  -4.735  -3.687  1.00 38.56 ? 112 ILE A CG2 1 
ATOM   309  C  CD1 . ILE A 1 50  ? 2.520   -5.826  -2.147  1.00 37.92 ? 112 ILE A CD1 1 
ATOM   310  N  N   . ILE A 1 51  ? 0.550   -4.184  -7.245  1.00 37.81 ? 113 ILE A N   1 
ATOM   311  C  CA  . ILE A 1 51  ? -0.251  -3.168  -7.909  1.00 37.09 ? 113 ILE A CA  1 
ATOM   312  C  C   . ILE A 1 51  ? -0.675  -3.618  -9.303  1.00 38.34 ? 113 ILE A C   1 
ATOM   313  O  O   . ILE A 1 51  ? -1.380  -2.881  -10.003 1.00 40.88 ? 113 ILE A O   1 
ATOM   314  C  CB  . ILE A 1 51  ? 0.416   -1.770  -7.877  1.00 37.56 ? 113 ILE A CB  1 
ATOM   315  C  CG1 . ILE A 1 51  ? 1.610   -1.742  -8.885  1.00 36.58 ? 113 ILE A CG1 1 
ATOM   316  C  CG2 . ILE A 1 51  ? 0.730   -1.397  -6.379  1.00 36.04 ? 113 ILE A CG2 1 
ATOM   317  C  CD1 . ILE A 1 51  ? 2.479   -0.427  -8.898  1.00 36.57 ? 113 ILE A CD1 1 
ATOM   318  N  N   . THR A 1 52  ? -0.315  -4.841  -9.676  1.00 38.25 ? 114 THR A N   1 
ATOM   319  C  CA  . THR A 1 52  ? -0.802  -5.410  -10.942 1.00 38.84 ? 114 THR A CA  1 
ATOM   320  C  C   . THR A 1 52  ? -1.589  -6.669  -10.619 1.00 41.00 ? 114 THR A C   1 
ATOM   321  O  O   . THR A 1 52  ? -2.828  -6.677  -10.630 1.00 39.50 ? 114 THR A O   1 
ATOM   322  C  CB  . THR A 1 52  ? 0.344   -5.673  -11.953 1.00 39.74 ? 114 THR A CB  1 
ATOM   323  O  OG1 . THR A 1 52  ? 1.388   -6.444  -11.331 1.00 37.92 ? 114 THR A OG1 1 
ATOM   324  C  CG2 . THR A 1 52  ? 0.948   -4.345  -12.437 1.00 37.44 ? 114 THR A CG2 1 
ATOM   325  N  N   . CYS A 1 53  ? -0.844  -7.693  -10.289 1.00 42.65 ? 115 CYS A N   1 
ATOM   326  C  CA  A CYS A 1 53  ? -1.360  -9.020  -10.008 0.60 43.85 ? 115 CYS A CA  1 
ATOM   327  C  CA  B CYS A 1 53  ? -1.394  -9.023  -10.005 0.40 43.22 ? 115 CYS A CA  1 
ATOM   328  C  C   . CYS A 1 53  ? -2.317  -9.101  -8.801  1.00 43.56 ? 115 CYS A C   1 
ATOM   329  O  O   . CYS A 1 53  ? -3.118  -10.019 -8.716  1.00 45.53 ? 115 CYS A O   1 
ATOM   330  C  CB  A CYS A 1 53  ? -0.161  -9.924  -9.755  0.60 43.74 ? 115 CYS A CB  1 
ATOM   331  C  CB  B CYS A 1 53  ? -0.264  -10.012 -9.767  0.40 43.10 ? 115 CYS A CB  1 
ATOM   332  S  SG  A CYS A 1 53  ? -0.591  -11.521 -9.183  0.60 48.34 ? 115 CYS A SG  1 
ATOM   333  S  SG  B CYS A 1 53  ? 0.781   -10.169 -11.168 0.40 44.16 ? 115 CYS A SG  1 
ATOM   334  N  N   . ARG A 1 54  ? -2.187  -8.179  -7.847  1.00 41.88 ? 116 ARG A N   1 
ATOM   335  C  CA  . ARG A 1 54  ? -3.074  -8.229  -6.660  1.00 40.01 ? 116 ARG A CA  1 
ATOM   336  C  C   . ARG A 1 54  ? -4.103  -7.129  -6.619  1.00 38.68 ? 116 ARG A C   1 
ATOM   337  O  O   . ARG A 1 54  ? -4.811  -6.993  -5.615  1.00 37.99 ? 116 ARG A O   1 
ATOM   338  C  CB  . ARG A 1 54  ? -2.275  -8.303  -5.359  1.00 40.23 ? 116 ARG A CB  1 
ATOM   339  C  CG  . ARG A 1 54  ? -1.300  -9.466  -5.409  1.00 43.70 ? 116 ARG A CG  1 
ATOM   340  C  CD  . ARG A 1 54  ? -0.761  -9.819  -4.080  1.00 46.82 ? 116 ARG A CD  1 
ATOM   341  N  NE  . ARG A 1 54  ? 0.386   -10.723 -4.188  1.00 51.58 ? 116 ARG A NE  1 
ATOM   342  C  CZ  . ARG A 1 54  ? 1.218   -11.002 -3.175  1.00 53.99 ? 116 ARG A CZ  1 
ATOM   343  N  NH1 . ARG A 1 54  ? 1.025   -10.468 -1.947  1.00 48.08 ? 116 ARG A NH1 1 
ATOM   344  N  NH2 . ARG A 1 54  ? 2.243   -11.825 -3.389  1.00 53.19 ? 116 ARG A NH2 1 
ATOM   345  N  N   . ARG A 1 55  ? -4.273  -6.402  -7.726  1.00 37.89 ? 117 ARG A N   1 
ATOM   346  C  CA  A ARG A 1 55  ? -5.374  -5.418  -7.805  0.60 39.04 ? 117 ARG A CA  1 
ATOM   347  C  CA  B ARG A 1 55  ? -5.375  -5.424  -7.851  0.40 39.15 ? 117 ARG A CA  1 
ATOM   348  C  C   . ARG A 1 55  ? -6.740  -6.012  -7.562  1.00 38.86 ? 117 ARG A C   1 
ATOM   349  O  O   . ARG A 1 55  ? -7.637  -5.322  -7.089  1.00 39.71 ? 117 ARG A O   1 
ATOM   350  C  CB  A ARG A 1 55  ? -5.376  -4.726  -9.183  0.60 39.63 ? 117 ARG A CB  1 
ATOM   351  C  CB  B ARG A 1 55  ? -5.398  -4.798  -9.266  0.40 39.50 ? 117 ARG A CB  1 
ATOM   352  C  CG  A ARG A 1 55  ? -4.268  -3.715  -9.319  0.60 39.47 ? 117 ARG A CG  1 
ATOM   353  C  CG  B ARG A 1 55  ? -4.701  -3.454  -9.326  0.40 40.76 ? 117 ARG A CG  1 
ATOM   354  C  CD  A ARG A 1 55  ? -4.325  -3.082  -10.686 0.60 35.25 ? 117 ARG A CD  1 
ATOM   355  C  CD  B ARG A 1 55  ? -4.860  -2.765  -10.670 0.40 41.12 ? 117 ARG A CD  1 
ATOM   356  N  NE  A ARG A 1 55  ? -5.002  -1.786  -10.674 0.60 36.38 ? 117 ARG A NE  1 
ATOM   357  N  NE  B ARG A 1 55  ? -3.998  -1.585  -10.689 0.40 45.04 ? 117 ARG A NE  1 
ATOM   358  C  CZ  A ARG A 1 55  ? -4.419  -0.611  -10.406 0.60 37.53 ? 117 ARG A CZ  1 
ATOM   359  C  CZ  B ARG A 1 55  ? -4.388  -0.310  -10.743 0.40 45.03 ? 117 ARG A CZ  1 
ATOM   360  N  NH1 A ARG A 1 55  ? -3.116  -0.541  -10.101 0.60 32.38 ? 117 ARG A NH1 1 
ATOM   361  N  NH1 B ARG A 1 55  ? -3.450  0.625   -10.720 0.40 43.27 ? 117 ARG A NH1 1 
ATOM   362  N  NH2 A ARG A 1 55  ? -5.161  0.507   -10.472 0.60 41.07 ? 117 ARG A NH2 1 
ATOM   363  N  NH2 B ARG A 1 55  ? -5.678  0.045   -10.852 0.40 45.17 ? 117 ARG A NH2 1 
ATOM   364  N  N   . TYR A 1 56  ? -6.921  -7.296  -7.865  1.00 38.04 ? 118 TYR A N   1 
ATOM   365  C  CA  . TYR A 1 56  ? -8.225  -7.897  -7.632  1.00 36.48 ? 118 TYR A CA  1 
ATOM   366  C  C   . TYR A 1 56  ? -8.609  -7.902  -6.144  1.00 37.09 ? 118 TYR A C   1 
ATOM   367  O  O   . TYR A 1 56  ? -9.746  -8.203  -5.811  1.00 37.62 ? 118 TYR A O   1 
ATOM   368  C  CB  . TYR A 1 56  ? -8.308  -9.302  -8.216  1.00 36.47 ? 118 TYR A CB  1 
ATOM   369  C  CG  . TYR A 1 56  ? -7.523  -10.336 -7.445  1.00 35.89 ? 118 TYR A CG  1 
ATOM   370  C  CD1 . TYR A 1 56  ? -8.159  -11.178 -6.532  1.00 38.40 ? 118 TYR A CD1 1 
ATOM   371  C  CD2 . TYR A 1 56  ? -6.135  -10.478 -7.633  1.00 34.65 ? 118 TYR A CD2 1 
ATOM   372  C  CE1 . TYR A 1 56  ? -7.432  -12.119 -5.777  1.00 38.80 ? 118 TYR A CE1 1 
ATOM   373  C  CE2 . TYR A 1 56  ? -5.417  -11.409 -6.899  1.00 35.31 ? 118 TYR A CE2 1 
ATOM   374  C  CZ  . TYR A 1 56  ? -6.086  -12.229 -5.990  1.00 38.36 ? 118 TYR A CZ  1 
ATOM   375  O  OH  . TYR A 1 56  ? -5.371  -13.145 -5.253  1.00 42.00 ? 118 TYR A OH  1 
ATOM   376  N  N   . LEU A 1 57  ? -7.677  -7.548  -5.258  1.00 35.33 ? 119 LEU A N   1 
ATOM   377  C  CA  . LEU A 1 57  ? -7.967  -7.531  -3.827  1.00 34.99 ? 119 LEU A CA  1 
ATOM   378  C  C   . LEU A 1 57  ? -8.302  -6.102  -3.317  1.00 35.12 ? 119 LEU A C   1 
ATOM   379  O  O   . LEU A 1 57  ? -8.789  -5.925  -2.184  1.00 36.66 ? 119 LEU A O   1 
ATOM   380  C  CB  . LEU A 1 57  ? -6.796  -8.131  -3.048  1.00 34.88 ? 119 LEU A CB  1 
ATOM   381  C  CG  . LEU A 1 57  ? -6.591  -9.629  -3.316  1.00 34.69 ? 119 LEU A CG  1 
ATOM   382  C  CD1 . LEU A 1 57  ? -5.220  -10.005 -2.793  1.00 34.97 ? 119 LEU A CD1 1 
ATOM   383  C  CD2 . LEU A 1 57  ? -7.735  -10.489 -2.660  1.00 37.57 ? 119 LEU A CD2 1 
ATOM   384  N  N   . ALA A 1 58  ? -8.097  -5.111  -4.181  1.00 34.79 ? 120 ALA A N   1 
ATOM   385  C  CA  . ALA A 1 58  ? -8.260  -3.691  -3.801  1.00 34.91 ? 120 ALA A CA  1 
ATOM   386  C  C   . ALA A 1 58  ? -9.768  -3.287  -3.967  1.00 34.78 ? 120 ALA A C   1 
ATOM   387  O  O   . ALA A 1 58  ? -10.475 -3.846  -4.831  1.00 34.47 ? 120 ALA A O   1 
ATOM   388  C  CB  . ALA A 1 58  ? -7.387  -2.817  -4.693  1.00 33.80 ? 120 ALA A CB  1 
ATOM   389  N  N   . GLY A 1 59  ? -10.202 -2.306  -3.181  1.00 33.72 ? 121 GLY A N   1 
ATOM   390  C  CA  . GLY A 1 59  ? -11.522 -1.684  -3.344  1.00 33.93 ? 121 GLY A CA  1 
ATOM   391  C  C   . GLY A 1 59  ? -11.548 -0.763  -4.561  1.00 34.10 ? 121 GLY A C   1 
ATOM   392  O  O   . GLY A 1 59  ? -10.495 -0.334  -5.072  1.00 33.41 ? 121 GLY A O   1 
ATOM   393  N  N   . ASN A 1 60  ? -12.735 -0.515  -5.088  1.00 33.97 ? 122 ASN A N   1 
ATOM   394  C  CA  . ASN A 1 60  ? -12.849 0.267   -6.332  1.00 34.11 ? 122 ASN A CA  1 
ATOM   395  C  C   . ASN A 1 60  ? -12.331 1.691   -6.147  1.00 34.62 ? 122 ASN A C   1 
ATOM   396  O  O   . ASN A 1 60  ? -11.771 2.233   -7.088  1.00 35.08 ? 122 ASN A O   1 
ATOM   397  C  CB  . ASN A 1 60  ? -14.318 0.293   -6.839  1.00 33.64 ? 122 ASN A CB  1 
ATOM   398  C  CG  . ASN A 1 60  ? -14.762 -1.058  -7.436  1.00 35.09 ? 122 ASN A CG  1 
ATOM   399  O  OD1 . ASN A 1 60  ? -14.083 -2.088  -7.215  1.00 37.81 ? 122 ASN A OD1 1 
ATOM   400  N  ND2 . ASN A 1 60  ? -15.872 -1.058  -8.233  1.00 33.26 ? 122 ASN A ND2 1 
ATOM   401  N  N   . ASN A 1 61  ? -12.467 2.270   -4.925  1.00 34.82 ? 123 ASN A N   1 
ATOM   402  C  CA  . ASN A 1 61  ? -12.020 3.655   -4.679  1.00 35.57 ? 123 ASN A CA  1 
ATOM   403  C  C   . ASN A 1 61  ? -10.487 3.727   -4.889  1.00 35.10 ? 123 ASN A C   1 
ATOM   404  O  O   . ASN A 1 61  ? -9.967  4.614   -5.581  1.00 34.70 ? 123 ASN A O   1 
ATOM   405  C  CB  . ASN A 1 61  ? -12.268 4.140   -3.236  1.00 36.67 ? 123 ASN A CB  1 
ATOM   406  C  CG  . ASN A 1 61  ? -13.706 4.247   -2.880  1.00 40.55 ? 123 ASN A CG  1 
ATOM   407  O  OD1 . ASN A 1 61  ? -14.575 4.094   -3.713  1.00 45.15 ? 123 ASN A OD1 1 
ATOM   408  N  ND2 . ASN A 1 61  ? -13.971 4.514   -1.572  1.00 49.13 ? 123 ASN A ND2 1 
ATOM   409  N  N   . LEU A 1 62  ? -9.774  2.803   -4.266  1.00 33.80 ? 124 LEU A N   1 
ATOM   410  C  CA  . LEU A 1 62  ? -8.321  2.733   -4.424  1.00 33.10 ? 124 LEU A CA  1 
ATOM   411  C  C   . LEU A 1 62  ? -7.874  2.441   -5.865  1.00 34.10 ? 124 LEU A C   1 
ATOM   412  O  O   . LEU A 1 62  ? -6.935  3.073   -6.350  1.00 35.40 ? 124 LEU A O   1 
ATOM   413  C  CB  . LEU A 1 62  ? -7.729  1.653   -3.455  1.00 33.15 ? 124 LEU A CB  1 
ATOM   414  C  CG  . LEU A 1 62  ? -6.200  1.512   -3.560  1.00 32.91 ? 124 LEU A CG  1 
ATOM   415  C  CD1 . LEU A 1 62  ? -5.437  2.854   -3.276  1.00 34.74 ? 124 LEU A CD1 1 
ATOM   416  C  CD2 . LEU A 1 62  ? -5.726  0.415   -2.618  1.00 31.22 ? 124 LEU A CD2 1 
ATOM   417  N  N   . LEU A 1 63  ? -8.559  1.526   -6.560  1.00 33.72 ? 125 LEU A N   1 
ATOM   418  C  CA  . LEU A 1 63  ? -8.197  1.222   -7.946  1.00 35.17 ? 125 LEU A CA  1 
ATOM   419  C  C   . LEU A 1 63  ? -8.273  2.472   -8.808  1.00 35.71 ? 125 LEU A C   1 
ATOM   420  O  O   . LEU A 1 63  ? -7.520  2.595   -9.766  1.00 35.62 ? 125 LEU A O   1 
ATOM   421  C  CB  . LEU A 1 63  ? -9.095  0.111   -8.519  1.00 34.71 ? 125 LEU A CB  1 
ATOM   422  C  CG  . LEU A 1 63  ? -8.860  -1.221  -7.806  1.00 36.58 ? 125 LEU A CG  1 
ATOM   423  C  CD1 . LEU A 1 63  ? -9.820  -2.238  -8.397  1.00 38.07 ? 125 LEU A CD1 1 
ATOM   424  C  CD2 . LEU A 1 63  ? -7.407  -1.695  -8.109  1.00 37.07 ? 125 LEU A CD2 1 
ATOM   425  N  N   . ARG A 1 64  ? -9.192  3.396   -8.512  1.00 35.43 ? 126 ARG A N   1 
ATOM   426  C  CA  . ARG A 1 64  ? -9.237  4.660   -9.273  1.00 35.56 ? 126 ARG A CA  1 
ATOM   427  C  C   . ARG A 1 64  ? -7.922  5.439   -9.283  1.00 36.16 ? 126 ARG A C   1 
ATOM   428  O  O   . ARG A 1 64  ? -7.628  6.153   -10.245 1.00 34.64 ? 126 ARG A O   1 
ATOM   429  C  CB  . ARG A 1 64  ? -10.376 5.549   -8.770  1.00 36.30 ? 126 ARG A CB  1 
ATOM   430  C  CG  . ARG A 1 64  ? -11.667 4.998   -9.406  1.00 39.21 ? 126 ARG A CG  1 
ATOM   431  C  CD  . ARG A 1 64  ? -12.905 5.494   -8.869  1.00 49.17 ? 126 ARG A CD  1 
ATOM   432  N  NE  . ARG A 1 64  ? -13.874 5.277   -9.934  1.00 56.40 ? 126 ARG A NE  1 
ATOM   433  C  CZ  . ARG A 1 64  ? -15.191 5.235   -9.775  1.00 61.30 ? 126 ARG A CZ  1 
ATOM   434  N  NH1 . ARG A 1 64  ? -15.732 5.369   -8.568  1.00 61.66 ? 126 ARG A NH1 1 
ATOM   435  N  NH2 . ARG A 1 64  ? -15.970 5.060   -10.845 1.00 62.46 ? 126 ARG A NH2 1 
ATOM   436  N  N   . VAL A 1 65  ? -7.183  5.365   -8.179  1.00 35.35 ? 127 VAL A N   1 
ATOM   437  C  CA  . VAL A 1 65  ? -6.013  6.239   -7.999  1.00 37.00 ? 127 VAL A CA  1 
ATOM   438  C  C   . VAL A 1 65  ? -4.712  5.470   -7.901  1.00 36.26 ? 127 VAL A C   1 
ATOM   439  O  O   . VAL A 1 65  ? -3.644  6.070   -7.964  1.00 37.08 ? 127 VAL A O   1 
ATOM   440  C  CB  . VAL A 1 65  ? -6.151  7.213   -6.741  1.00 36.00 ? 127 VAL A CB  1 
ATOM   441  C  CG1 . VAL A 1 65  ? -7.371  8.162   -6.912  1.00 38.62 ? 127 VAL A CG1 1 
ATOM   442  C  CG2 . VAL A 1 65  ? -6.291  6.415   -5.453  1.00 35.05 ? 127 VAL A CG2 1 
ATOM   443  N  N   . LEU A 1 66  ? -4.769  4.145   -7.753  1.00 37.00 ? 128 LEU A N   1 
ATOM   444  C  CA  . LEU A 1 66  ? -3.535  3.388   -7.512  1.00 35.79 ? 128 LEU A CA  1 
ATOM   445  C  C   . LEU A 1 66  ? -2.721  3.320   -8.820  1.00 35.27 ? 128 LEU A C   1 
ATOM   446  O  O   . LEU A 1 66  ? -3.270  2.859   -9.843  1.00 36.27 ? 128 LEU A O   1 
ATOM   447  C  CB  . LEU A 1 66  ? -3.874  1.957   -7.041  1.00 36.64 ? 128 LEU A CB  1 
ATOM   448  C  CG  . LEU A 1 66  ? -2.702  1.007   -6.716  1.00 36.69 ? 128 LEU A CG  1 
ATOM   449  C  CD1 . LEU A 1 66  ? -1.935  1.508   -5.443  1.00 36.12 ? 128 LEU A CD1 1 
ATOM   450  C  CD2 . LEU A 1 66  ? -3.268  -0.432  -6.523  1.00 35.29 ? 128 LEU A CD2 1 
ATOM   451  N  N   . PRO A 1 67  ? -1.448  3.800   -8.825  1.00 33.50 ? 129 PRO A N   1 
ATOM   452  C  CA  . PRO A 1 67  ? -0.653  3.733   -10.051 1.00 32.56 ? 129 PRO A CA  1 
ATOM   453  C  C   . PRO A 1 67  ? -0.446  2.275   -10.526 1.00 32.05 ? 129 PRO A C   1 
ATOM   454  O  O   . PRO A 1 67  ? -0.519  1.325   -9.727  1.00 28.16 ? 129 PRO A O   1 
ATOM   455  C  CB  . PRO A 1 67  ? 0.727   4.318   -9.619  1.00 34.84 ? 129 PRO A CB  1 
ATOM   456  C  CG  . PRO A 1 67  ? 0.374   5.244   -8.422  1.00 35.86 ? 129 PRO A CG  1 
ATOM   457  C  CD  . PRO A 1 67  ? -0.690  4.420   -7.719  1.00 34.70 ? 129 PRO A CD  1 
HETATM 458  N  N   . MSE A 1 68  ? -0.205  2.136   -11.829 1.00 31.30 ? 130 MSE A N   1 
HETATM 459  C  CA  A MSE A 1 68  ? 0.014   0.843   -12.479 0.60 32.36 ? 130 MSE A CA  1 
HETATM 460  C  CA  B MSE A 1 68  ? -0.005  0.839   -12.447 0.40 31.59 ? 130 MSE A CA  1 
HETATM 461  C  C   . MSE A 1 68  ? 1.478   0.426   -12.472 1.00 31.90 ? 130 MSE A C   1 
HETATM 462  O  O   . MSE A 1 68  ? 1.799   -0.743  -12.657 1.00 32.05 ? 130 MSE A O   1 
HETATM 463  C  CB  A MSE A 1 68  ? -0.355  0.974   -13.962 0.60 32.11 ? 130 MSE A CB  1 
HETATM 464  C  CB  B MSE A 1 68  ? -0.565  0.894   -13.872 0.40 30.97 ? 130 MSE A CB  1 
HETATM 465  C  CG  A MSE A 1 68  ? -0.976  -0.263  -14.513 0.60 35.88 ? 130 MSE A CG  1 
HETATM 466  C  CG  B MSE A 1 68  ? -2.047  0.577   -13.961 0.40 30.51 ? 130 MSE A CG  1 
HETATM 467  SE SE  A MSE A 1 68  ? -2.780  -0.284  -13.804 0.42 39.75 ? 130 MSE A SE  1 
HETATM 468  SE SE  B MSE A 1 68  ? -2.275  -1.291  -14.460 0.28 29.13 ? 130 MSE A SE  1 
HETATM 469  C  CE  A MSE A 1 68  ? -3.086  1.644   -13.511 0.60 36.67 ? 130 MSE A CE  1 
HETATM 470  C  CE  B MSE A 1 68  ? -1.271  -2.141  -13.023 0.40 25.29 ? 130 MSE A CE  1 
ATOM   471  N  N   . HIS A 1 69  ? 2.352   1.405   -12.322 1.00 32.90 ? 131 HIS A N   1 
ATOM   472  C  CA  . HIS A 1 69  ? 3.786   1.232   -12.502 1.00 34.52 ? 131 HIS A CA  1 
ATOM   473  C  C   . HIS A 1 69  ? 4.515   1.858   -11.332 1.00 36.50 ? 131 HIS A C   1 
ATOM   474  O  O   . HIS A 1 69  ? 4.062   2.850   -10.791 1.00 37.96 ? 131 HIS A O   1 
ATOM   475  C  CB  . HIS A 1 69  ? 4.268   1.913   -13.784 1.00 34.08 ? 131 HIS A CB  1 
ATOM   476  C  CG  . HIS A 1 69  ? 3.666   1.356   -15.035 1.00 35.42 ? 131 HIS A CG  1 
ATOM   477  N  ND1 . HIS A 1 69  ? 3.971   0.102   -15.513 1.00 38.31 ? 131 HIS A ND1 1 
ATOM   478  C  CD2 . HIS A 1 69  ? 2.778   1.884   -15.914 1.00 37.49 ? 131 HIS A CD2 1 
ATOM   479  C  CE1 . HIS A 1 69  ? 3.289   -0.127  -16.625 1.00 36.99 ? 131 HIS A CE1 1 
ATOM   480  N  NE2 . HIS A 1 69  ? 2.548   0.934   -16.884 1.00 37.72 ? 131 HIS A NE2 1 
ATOM   481  N  N   . PHE A 1 70  ? 5.654   1.303   -10.942 1.00 36.60 ? 132 PHE A N   1 
ATOM   482  C  CA  . PHE A 1 70  ? 6.369   1.855   -9.781  1.00 38.64 ? 132 PHE A CA  1 
ATOM   483  C  C   . PHE A 1 70  ? 7.904   1.761   -9.934  1.00 40.08 ? 132 PHE A C   1 
ATOM   484  O  O   . PHE A 1 70  ? 8.606   2.728   -9.622  1.00 42.56 ? 132 PHE A O   1 
ATOM   485  C  CB  . PHE A 1 70  ? 5.965   1.139   -8.482  1.00 38.11 ? 132 PHE A CB  1 
ATOM   486  C  CG  . PHE A 1 70  ? 6.818   1.541   -7.295  1.00 38.63 ? 132 PHE A CG  1 
ATOM   487  C  CD1 . PHE A 1 70  ? 6.665   2.801   -6.720  1.00 38.91 ? 132 PHE A CD1 1 
ATOM   488  C  CD2 . PHE A 1 70  ? 7.811   0.684   -6.809  1.00 39.92 ? 132 PHE A CD2 1 
ATOM   489  C  CE1 . PHE A 1 70  ? 7.486   3.194   -5.635  1.00 40.81 ? 132 PHE A CE1 1 
ATOM   490  C  CE2 . PHE A 1 70  ? 8.634   1.082   -5.728  1.00 40.07 ? 132 PHE A CE2 1 
ATOM   491  C  CZ  . PHE A 1 70  ? 8.444   2.340   -5.156  1.00 38.13 ? 132 PHE A CZ  1 
ATOM   492  N  N   . LYS A 1 71  ? 8.383   0.597   -10.362 1.00 40.28 ? 133 LYS A N   1 
ATOM   493  C  CA  . LYS A 1 71  ? 9.813   0.246   -10.390 1.00 42.99 ? 133 LYS A CA  1 
ATOM   494  C  C   . LYS A 1 71  ? 10.704  1.350   -10.939 1.00 43.59 ? 133 LYS A C   1 
ATOM   495  O  O   . LYS A 1 71  ? 11.761  1.634   -10.385 1.00 42.33 ? 133 LYS A O   1 
ATOM   496  C  CB  . LYS A 1 71  ? 10.041  -0.918  -11.365 1.00 43.29 ? 133 LYS A CB  1 
ATOM   497  C  CG  . LYS A 1 71  ? 9.886   -2.275  -10.810 1.00 47.82 ? 133 LYS A CG  1 
ATOM   498  C  CD  . LYS A 1 71  ? 10.203  -3.331  -11.888 1.00 46.08 ? 133 LYS A CD  1 
ATOM   499  C  CE  . LYS A 1 71  ? 11.680  -3.363  -12.268 1.00 52.04 ? 133 LYS A CE  1 
ATOM   500  N  NZ  . LYS A 1 71  ? 12.390  -4.620  -11.804 1.00 53.16 ? 133 LYS A NZ  1 
ATOM   501  N  N   . PHE A 1 72  ? 10.333  1.882   -12.102 1.00 41.33 ? 134 PHE A N   1 
ATOM   502  C  CA  . PHE A 1 72  ? 11.200  2.834   -12.748 1.00 42.05 ? 134 PHE A CA  1 
ATOM   503  C  C   . PHE A 1 72  ? 10.910  4.286   -12.371 1.00 42.36 ? 134 PHE A C   1 
ATOM   504  O  O   . PHE A 1 72  ? 11.432  5.203   -12.993 1.00 43.93 ? 134 PHE A O   1 
ATOM   505  C  CB  . PHE A 1 72  ? 11.205  2.574   -14.260 1.00 42.63 ? 134 PHE A CB  1 
ATOM   506  C  CG  . PHE A 1 72  ? 11.694  1.193   -14.612 1.00 44.17 ? 134 PHE A CG  1 
ATOM   507  C  CD1 . PHE A 1 72  ? 13.006  0.806   -14.311 1.00 45.70 ? 134 PHE A CD1 1 
ATOM   508  C  CD2 . PHE A 1 72  ? 10.840  0.253   -15.198 1.00 46.64 ? 134 PHE A CD2 1 
ATOM   509  C  CE1 . PHE A 1 72  ? 13.478  -0.496  -14.618 1.00 45.62 ? 134 PHE A CE1 1 
ATOM   510  C  CE2 . PHE A 1 72  ? 11.285  -1.066  -15.504 1.00 47.34 ? 134 PHE A CE2 1 
ATOM   511  C  CZ  . PHE A 1 72  ? 12.611  -1.435  -15.228 1.00 47.39 ? 134 PHE A CZ  1 
ATOM   512  N  N   . LYS A 1 73  ? 10.107  4.490   -11.332 1.00 41.52 ? 135 LYS A N   1 
ATOM   513  C  CA  . LYS A 1 73  ? 9.750   5.832   -10.894 1.00 42.40 ? 135 LYS A CA  1 
ATOM   514  C  C   . LYS A 1 73  ? 10.461  6.223   -9.624  1.00 40.56 ? 135 LYS A C   1 
ATOM   515  O  O   . LYS A 1 73  ? 10.456  7.393   -9.243  1.00 40.57 ? 135 LYS A O   1 
ATOM   516  C  CB  . LYS A 1 73  ? 8.229   5.968   -10.616 1.00 42.92 ? 135 LYS A CB  1 
ATOM   517  C  CG  . LYS A 1 73  ? 7.266   5.444   -11.687 1.00 45.67 ? 135 LYS A CG  1 
ATOM   518  C  CD  . LYS A 1 73  ? 7.399   6.143   -12.952 1.00 48.46 ? 135 LYS A CD  1 
ATOM   519  C  CE  . LYS A 1 73  ? 6.005   6.330   -13.537 1.00 56.27 ? 135 LYS A CE  1 
ATOM   520  N  NZ  . LYS A 1 73  ? 5.849   5.483   -14.700 1.00 58.18 ? 135 LYS A NZ  1 
ATOM   521  N  N   . ALA A 1 74  ? 11.082  5.258   -8.951  1.00 41.08 ? 136 ALA A N   1 
ATOM   522  C  CA  . ALA A 1 74  ? 11.654  5.528   -7.621  1.00 39.14 ? 136 ALA A CA  1 
ATOM   523  C  C   . ALA A 1 74  ? 12.730  4.491   -7.276  1.00 38.40 ? 136 ALA A C   1 
ATOM   524  O  O   . ALA A 1 74  ? 12.804  3.461   -7.919  1.00 38.23 ? 136 ALA A O   1 
ATOM   525  C  CB  . ALA A 1 74  ? 10.532  5.507   -6.562  1.00 39.02 ? 136 ALA A CB  1 
ATOM   526  N  N   . ASP A 1 75  ? 13.564  4.807   -6.283  1.00 37.78 ? 137 ASP A N   1 
ATOM   527  C  CA  . ASP A 1 75  ? 14.638  3.955   -5.768  1.00 37.43 ? 137 ASP A CA  1 
ATOM   528  C  C   . ASP A 1 75  ? 14.840  4.289   -4.318  1.00 36.77 ? 137 ASP A C   1 
ATOM   529  O  O   . ASP A 1 75  ? 14.609  5.425   -3.913  1.00 35.79 ? 137 ASP A O   1 
ATOM   530  C  CB  . ASP A 1 75  ? 16.001  4.235   -6.464  1.00 37.15 ? 137 ASP A CB  1 
ATOM   531  C  CG  . ASP A 1 75  ? 16.077  3.690   -7.867  1.00 38.49 ? 137 ASP A CG  1 
ATOM   532  O  OD1 . ASP A 1 75  ? 15.719  2.510   -8.074  1.00 37.66 ? 137 ASP A OD1 1 
ATOM   533  O  OD2 . ASP A 1 75  ? 16.585  4.411   -8.759  1.00 37.53 ? 137 ASP A OD2 1 
ATOM   534  N  N   . LYS A 1 76  ? 15.354  3.323   -3.546  1.00 35.81 ? 138 LYS A N   1 
ATOM   535  C  CA  . LYS A 1 76  ? 15.962  3.616   -2.227  1.00 36.76 ? 138 LYS A CA  1 
ATOM   536  C  C   . LYS A 1 76  ? 17.496  3.770   -2.466  1.00 37.23 ? 138 LYS A C   1 
ATOM   537  O  O   . LYS A 1 76  ? 18.127  2.891   -3.042  1.00 37.36 ? 138 LYS A O   1 
ATOM   538  C  CB  . LYS A 1 76  ? 15.701  2.483   -1.208  1.00 35.10 ? 138 LYS A CB  1 
ATOM   539  C  CG  . LYS A 1 76  ? 14.223  2.399   -0.858  1.00 38.21 ? 138 LYS A CG  1 
ATOM   540  C  CD  . LYS A 1 76  ? 13.998  1.860   0.534   1.00 36.62 ? 138 LYS A CD  1 
ATOM   541  C  CE  . LYS A 1 76  ? 12.469  1.634   0.834   1.00 36.05 ? 138 LYS A CE  1 
ATOM   542  N  NZ  . LYS A 1 76  ? 12.258  1.403   2.316   1.00 36.70 ? 138 LYS A NZ  1 
ATOM   543  N  N   . ILE A 1 77  ? 18.041  4.906   -2.036  1.00 37.13 ? 139 ILE A N   1 
ATOM   544  C  CA  . ILE A 1 77  ? 19.423  5.291   -2.337  1.00 37.96 ? 139 ILE A CA  1 
ATOM   545  C  C   . ILE A 1 77  ? 20.122  5.595   -1.024  1.00 37.22 ? 139 ILE A C   1 
ATOM   546  O  O   . ILE A 1 77  ? 19.450  6.017   -0.063  1.00 36.54 ? 139 ILE A O   1 
ATOM   547  C  CB  . ILE A 1 77  ? 19.384  6.560   -3.191  1.00 37.41 ? 139 ILE A CB  1 
ATOM   548  C  CG1 . ILE A 1 77  ? 18.657  6.251   -4.526  1.00 39.93 ? 139 ILE A CG1 1 
ATOM   549  C  CG2 . ILE A 1 77  ? 20.768  7.139   -3.424  1.00 39.00 ? 139 ILE A CG2 1 
ATOM   550  C  CD1 . ILE A 1 77  ? 18.077  7.547   -5.232  1.00 41.41 ? 139 ILE A CD1 1 
ATOM   551  N  N   . ALA A 1 78  ? 21.452  5.346   -0.971  1.00 36.04 ? 140 ALA A N   1 
ATOM   552  C  CA  . ALA A 1 78  ? 22.334  5.820   0.106   1.00 36.18 ? 140 ALA A CA  1 
ATOM   553  C  C   . ALA A 1 78  ? 22.066  5.166   1.449   1.00 37.00 ? 140 ALA A C   1 
ATOM   554  O  O   . ALA A 1 78  ? 22.472  5.725   2.478   1.00 35.82 ? 140 ALA A O   1 
ATOM   555  C  CB  . ALA A 1 78  ? 22.268  7.344   0.249   1.00 35.49 ? 140 ALA A CB  1 
ATOM   556  N  N   . GLY A 1 79  ? 21.350  4.035   1.441   1.00 35.42 ? 141 GLY A N   1 
ATOM   557  C  CA  . GLY A 1 79  ? 20.980  3.363   2.704   1.00 36.78 ? 141 GLY A CA  1 
ATOM   558  C  C   . GLY A 1 79  ? 19.712  3.930   3.347   1.00 37.00 ? 141 GLY A C   1 
ATOM   559  O  O   . GLY A 1 79  ? 19.318  3.477   4.410   1.00 36.93 ? 141 GLY A O   1 
ATOM   560  N  N   . SER A 1 80  ? 19.082  4.925   2.707   1.00 36.55 ? 142 SER A N   1 
ATOM   561  C  CA  . SER A 1 80  ? 17.852  5.524   3.237   1.00 37.56 ? 142 SER A CA  1 
ATOM   562  C  C   . SER A 1 80  ? 16.675  4.520   3.230   1.00 38.91 ? 142 SER A C   1 
ATOM   563  O  O   . SER A 1 80  ? 16.585  3.626   2.360   1.00 39.12 ? 142 SER A O   1 
ATOM   564  C  CB  . SER A 1 80  ? 17.469  6.775   2.412   1.00 36.43 ? 142 SER A CB  1 
ATOM   565  O  OG  . SER A 1 80  ? 16.291  7.382   2.950   1.00 35.12 ? 142 SER A OG  1 
ATOM   566  N  N   . ALA A 1 81  ? 15.767  4.657   4.198   1.00 38.29 ? 143 ALA A N   1 
ATOM   567  C  CA  . ALA A 1 81  ? 14.501  3.963   4.162   1.00 37.63 ? 143 ALA A CA  1 
ATOM   568  C  C   . ALA A 1 81  ? 13.498  4.666   3.233   1.00 40.09 ? 143 ALA A C   1 
ATOM   569  O  O   . ALA A 1 81  ? 12.402  4.131   2.993   1.00 38.89 ? 143 ALA A O   1 
ATOM   570  C  CB  . ALA A 1 81  ? 13.905  3.825   5.611   1.00 37.59 ? 143 ALA A CB  1 
ATOM   571  N  N   . ASN A 1 82  ? 13.831  5.859   2.724   1.00 39.69 ? 144 ASN A N   1 
ATOM   572  C  CA  . ASN A 1 82  ? 12.847  6.578   1.907   1.00 41.32 ? 144 ASN A CA  1 
ATOM   573  C  C   . ASN A 1 82  ? 12.920  6.124   0.487   1.00 40.50 ? 144 ASN A C   1 
ATOM   574  O  O   . ASN A 1 82  ? 14.015  5.847   -0.015  1.00 38.65 ? 144 ASN A O   1 
ATOM   575  C  CB  . ASN A 1 82  ? 13.082  8.092   1.904   1.00 42.09 ? 144 ASN A CB  1 
ATOM   576  C  CG  . ASN A 1 82  ? 12.794  8.718   3.256   1.00 48.59 ? 144 ASN A CG  1 
ATOM   577  O  OD1 . ASN A 1 82  ? 11.883  8.291   3.996   1.00 51.50 ? 144 ASN A OD1 1 
ATOM   578  N  ND2 . ASN A 1 82  ? 13.628  9.687   3.628   1.00 55.67 ? 144 ASN A ND2 1 
ATOM   579  N  N   . TRP A 1 83  ? 11.744  6.054   -0.149  1.00 39.80 ? 145 TRP A N   1 
ATOM   580  C  CA  . TRP A 1 83  ? 11.660  5.889   -1.586  1.00 39.82 ? 145 TRP A CA  1 
ATOM   581  C  C   . TRP A 1 83  ? 11.874  7.288   -2.200  1.00 40.10 ? 145 TRP A C   1 
ATOM   582  O  O   . TRP A 1 83  ? 11.159  8.223   -1.877  1.00 39.67 ? 145 TRP A O   1 
ATOM   583  C  CB  . TRP A 1 83  ? 10.280  5.352   -2.005  1.00 38.59 ? 145 TRP A CB  1 
ATOM   584  C  CG  . TRP A 1 83  ? 10.043  3.921   -1.613  1.00 38.40 ? 145 TRP A CG  1 
ATOM   585  C  CD1 . TRP A 1 83  ? 9.238   3.468   -0.574  1.00 36.01 ? 145 TRP A CD1 1 
ATOM   586  C  CD2 . TRP A 1 83  ? 10.615  2.772   -2.223  1.00 37.01 ? 145 TRP A CD2 1 
ATOM   587  N  NE1 . TRP A 1 83  ? 9.274   2.080   -0.528  1.00 37.73 ? 145 TRP A NE1 1 
ATOM   588  C  CE2 . TRP A 1 83  ? 10.085  1.633   -1.552  1.00 37.65 ? 145 TRP A CE2 1 
ATOM   589  C  CE3 . TRP A 1 83  ? 11.486  2.581   -3.325  1.00 37.22 ? 145 TRP A CE3 1 
ATOM   590  C  CZ2 . TRP A 1 83  ? 10.458  0.315   -1.891  1.00 39.35 ? 145 TRP A CZ2 1 
ATOM   591  C  CZ3 . TRP A 1 83  ? 11.813  1.250   -3.694  1.00 36.78 ? 145 TRP A CZ3 1 
ATOM   592  C  CH2 . TRP A 1 83  ? 11.295  0.146   -2.979  1.00 37.43 ? 145 TRP A CH2 1 
ATOM   593  N  N   . THR A 1 84  ? 12.885  7.412   -3.058  1.00 40.27 ? 146 THR A N   1 
ATOM   594  C  CA  . THR A 1 84  ? 13.163  8.688   -3.721  1.00 41.67 ? 146 THR A CA  1 
ATOM   595  C  C   . THR A 1 84  ? 12.476  8.627   -5.072  1.00 43.00 ? 146 THR A C   1 
ATOM   596  O  O   . THR A 1 84  ? 12.800  7.757   -5.893  1.00 42.17 ? 146 THR A O   1 
ATOM   597  C  CB  . THR A 1 84  ? 14.679  8.908   -3.951  1.00 41.87 ? 146 THR A CB  1 
ATOM   598  O  OG1 . THR A 1 84  ? 15.304  9.109   -2.681  1.00 40.34 ? 146 THR A OG1 1 
ATOM   599  C  CG2 . THR A 1 84  ? 14.945  10.185  -4.828  1.00 43.27 ? 146 THR A CG2 1 
ATOM   600  N  N   . PHE A 1 85  ? 11.538  9.541   -5.301  1.00 43.33 ? 147 PHE A N   1 
ATOM   601  C  CA  . PHE A 1 85  ? 10.866  9.646   -6.601  1.00 43.84 ? 147 PHE A CA  1 
ATOM   602  C  C   . PHE A 1 85  ? 11.625  10.634  -7.473  1.00 44.69 ? 147 PHE A C   1 
ATOM   603  O  O   . PHE A 1 85  ? 12.076  11.677  -6.983  1.00 45.84 ? 147 PHE A O   1 
ATOM   604  C  CB  . PHE A 1 85  ? 9.424   10.126  -6.440  1.00 43.13 ? 147 PHE A CB  1 
ATOM   605  C  CG  . PHE A 1 85  ? 8.498   9.051   -6.007  1.00 43.51 ? 147 PHE A CG  1 
ATOM   606  C  CD1 . PHE A 1 85  ? 8.370   8.730   -4.640  1.00 44.05 ? 147 PHE A CD1 1 
ATOM   607  C  CD2 . PHE A 1 85  ? 7.822   8.272   -6.943  1.00 43.40 ? 147 PHE A CD2 1 
ATOM   608  C  CE1 . PHE A 1 85  ? 7.537   7.698   -4.220  1.00 40.55 ? 147 PHE A CE1 1 
ATOM   609  C  CE2 . PHE A 1 85  ? 6.977   7.248   -6.518  1.00 44.19 ? 147 PHE A CE2 1 
ATOM   610  C  CZ  . PHE A 1 85  ? 6.828   6.959   -5.148  1.00 41.50 ? 147 PHE A CZ  1 
ATOM   611  N  N   . TYR A 1 86  ? 11.740  10.331  -8.754  1.00 45.04 ? 148 TYR A N   1 
ATOM   612  C  CA  . TYR A 1 86  ? 12.429  11.249  -9.671  1.00 46.85 ? 148 TYR A CA  1 
ATOM   613  C  C   . TYR A 1 86  ? 11.539  12.354  -10.205 1.00 47.30 ? 148 TYR A C   1 
ATOM   614  O  O   . TYR A 1 86  ? 12.032  13.410  -10.504 1.00 48.69 ? 148 TYR A O   1 
ATOM   615  C  CB  . TYR A 1 86  ? 13.151  10.498  -10.785 1.00 45.68 ? 148 TYR A CB  1 
ATOM   616  C  CG  . TYR A 1 86  ? 14.174  9.543   -10.200 1.00 47.55 ? 148 TYR A CG  1 
ATOM   617  C  CD1 . TYR A 1 86  ? 15.295  10.027  -9.527  1.00 46.26 ? 148 TYR A CD1 1 
ATOM   618  C  CD2 . TYR A 1 86  ? 13.975  8.150   -10.261 1.00 44.00 ? 148 TYR A CD2 1 
ATOM   619  C  CE1 . TYR A 1 86  ? 16.195  9.177   -8.952  1.00 46.43 ? 148 TYR A CE1 1 
ATOM   620  C  CE2 . TYR A 1 86  ? 14.869  7.294   -9.701  1.00 47.26 ? 148 TYR A CE2 1 
ATOM   621  C  CZ  . TYR A 1 86  ? 15.991  7.805   -9.037  1.00 46.35 ? 148 TYR A CZ  1 
ATOM   622  O  OH  . TYR A 1 86  ? 16.921  6.902   -8.484  1.00 46.82 ? 148 TYR A OH  1 
ATOM   623  N  N   . ALA A 1 87  ? 10.247  12.084  -10.353 1.00 47.95 ? 149 ALA A N   1 
ATOM   624  C  CA  . ALA A 1 87  ? 9.308   13.091  -10.829 1.00 47.61 ? 149 ALA A CA  1 
ATOM   625  C  C   . ALA A 1 87  ? 8.338   13.439  -9.716  1.00 47.60 ? 149 ALA A C   1 
ATOM   626  O  O   . ALA A 1 87  ? 7.766   12.552  -9.080  1.00 46.49 ? 149 ALA A O   1 
ATOM   627  C  CB  . ALA A 1 87  ? 8.572   12.585  -12.036 1.00 47.93 ? 149 ALA A CB  1 
ATOM   628  N  N   . LYS A 1 88  ? 8.176   14.736  -9.476  1.00 46.90 ? 150 LYS A N   1 
ATOM   629  C  CA  . LYS A 1 88  ? 7.292   15.223  -8.438  1.00 47.40 ? 150 LYS A CA  1 
ATOM   630  C  C   . LYS A 1 88  ? 5.877   14.651  -8.585  1.00 47.64 ? 150 LYS A C   1 
ATOM   631  O  O   . LYS A 1 88  ? 5.247   14.309  -7.586  1.00 46.79 ? 150 LYS A O   1 
ATOM   632  C  CB  . LYS A 1 88  ? 7.255   16.746  -8.457  1.00 47.48 ? 150 LYS A CB  1 
ATOM   633  C  CG  . LYS A 1 88  ? 6.211   17.368  -7.533  1.00 49.03 ? 150 LYS A CG  1 
ATOM   634  C  CD  . LYS A 1 88  ? 6.509   18.873  -7.348  1.00 53.77 ? 150 LYS A CD  1 
ATOM   635  C  CE  . LYS A 1 88  ? 5.354   19.633  -6.684  1.00 55.75 ? 150 LYS A CE  1 
ATOM   636  N  NZ  . LYS A 1 88  ? 5.585   21.118  -6.738  1.00 59.73 ? 150 LYS A NZ  1 
ATOM   637  N  N   . GLU A 1 89  ? 5.411   14.552  -9.838  1.00 47.49 ? 151 GLU A N   1 
ATOM   638  C  CA  A GLU A 1 89  ? 4.079   14.053  -10.195 0.60 47.32 ? 151 GLU A CA  1 
ATOM   639  C  CA  B GLU A 1 89  ? 4.057   14.091  -10.098 0.40 47.08 ? 151 GLU A CA  1 
ATOM   640  C  C   . GLU A 1 89  ? 3.845   12.601  -9.730  1.00 46.93 ? 151 GLU A C   1 
ATOM   641  O  O   . GLU A 1 89  ? 2.757   12.211  -9.351  1.00 45.92 ? 151 GLU A O   1 
ATOM   642  C  CB  A GLU A 1 89  ? 3.857   14.168  -11.721 0.60 47.56 ? 151 GLU A CB  1 
ATOM   643  C  CB  B GLU A 1 89  ? 3.665   14.416  -11.545 0.40 47.32 ? 151 GLU A CB  1 
ATOM   644  C  CG  A GLU A 1 89  ? 4.878   13.423  -12.634 0.60 49.40 ? 151 GLU A CG  1 
ATOM   645  C  CG  B GLU A 1 89  ? 3.463   15.943  -11.821 0.40 47.77 ? 151 GLU A CG  1 
ATOM   646  C  CD  A GLU A 1 89  ? 5.896   14.334  -13.399 0.60 51.87 ? 151 GLU A CD  1 
ATOM   647  C  CD  B GLU A 1 89  ? 4.756   16.798  -11.778 0.40 47.85 ? 151 GLU A CD  1 
ATOM   648  O  OE1 A GLU A 1 89  ? 6.111   14.068  -14.603 0.60 52.56 ? 151 GLU A OE1 1 
ATOM   649  O  OE1 B GLU A 1 89  ? 5.879   16.248  -11.923 0.40 48.72 ? 151 GLU A OE1 1 
ATOM   650  O  OE2 A GLU A 1 89  ? 6.493   15.284  -12.821 0.60 49.80 ? 151 GLU A OE2 1 
ATOM   651  O  OE2 B GLU A 1 89  ? 4.645   18.034  -11.609 0.40 44.84 ? 151 GLU A OE2 1 
ATOM   652  N  N   . ASP A 1 90  ? 4.881   11.778  -9.811  1.00 46.32 ? 152 ASP A N   1 
ATOM   653  C  CA  . ASP A 1 90  ? 4.776   10.404  -9.346  1.00 46.21 ? 152 ASP A CA  1 
ATOM   654  C  C   . ASP A 1 90  ? 4.723   10.365  -7.817  1.00 45.22 ? 152 ASP A C   1 
ATOM   655  O  O   . ASP A 1 90  ? 3.972   9.572   -7.234  1.00 44.06 ? 152 ASP A O   1 
ATOM   656  C  CB  . ASP A 1 90  ? 5.952   9.596   -9.834  1.00 46.63 ? 152 ASP A CB  1 
ATOM   657  C  CG  . ASP A 1 90  ? 5.908   9.350   -11.331 1.00 47.40 ? 152 ASP A CG  1 
ATOM   658  O  OD1 . ASP A 1 90  ? 4.852   8.912   -11.838 1.00 50.16 ? 152 ASP A OD1 1 
ATOM   659  O  OD2 . ASP A 1 90  ? 6.943   9.569   -11.979 1.00 49.84 ? 152 ASP A OD2 1 
ATOM   660  N  N   . PHE A 1 91  ? 5.529   11.206  -7.172  1.00 44.91 ? 153 PHE A N   1 
ATOM   661  C  CA  . PHE A 1 91  ? 5.481   11.333  -5.715  1.00 44.05 ? 153 PHE A CA  1 
ATOM   662  C  C   . PHE A 1 91  ? 4.046   11.711  -5.287  1.00 43.59 ? 153 PHE A C   1 
ATOM   663  O  O   . PHE A 1 91  ? 3.501   11.149  -4.339  1.00 41.93 ? 153 PHE A O   1 
ATOM   664  C  CB  . PHE A 1 91  ? 6.477   12.412  -5.254  1.00 44.08 ? 153 PHE A CB  1 
ATOM   665  C  CG  . PHE A 1 91  ? 6.258   12.863  -3.840  1.00 46.69 ? 153 PHE A CG  1 
ATOM   666  C  CD1 . PHE A 1 91  ? 6.788   12.135  -2.770  1.00 45.10 ? 153 PHE A CD1 1 
ATOM   667  C  CD2 . PHE A 1 91  ? 5.516   13.998  -3.567  1.00 46.25 ? 153 PHE A CD2 1 
ATOM   668  C  CE1 . PHE A 1 91  ? 6.569   12.544  -1.436  1.00 47.05 ? 153 PHE A CE1 1 
ATOM   669  C  CE2 . PHE A 1 91  ? 5.312   14.425  -2.228  1.00 48.02 ? 153 PHE A CE2 1 
ATOM   670  C  CZ  . PHE A 1 91  ? 5.842   13.686  -1.168  1.00 47.56 ? 153 PHE A CZ  1 
ATOM   671  N  N   . GLU A 1 92  ? 3.462   12.682  -5.998  1.00 43.69 ? 154 GLU A N   1 
ATOM   672  C  CA  A GLU A 1 92  ? 2.140   13.177  -5.637  0.60 43.99 ? 154 GLU A CA  1 
ATOM   673  C  CA  B GLU A 1 92  ? 2.119   13.204  -5.708  0.40 44.21 ? 154 GLU A CA  1 
ATOM   674  C  C   . GLU A 1 92  ? 1.069   12.099  -5.851  1.00 44.65 ? 154 GLU A C   1 
ATOM   675  O  O   . GLU A 1 92  ? 0.170   11.953  -4.983  1.00 44.03 ? 154 GLU A O   1 
ATOM   676  C  CB  A GLU A 1 92  ? 1.792   14.486  -6.371  0.60 44.27 ? 154 GLU A CB  1 
ATOM   677  C  CB  B GLU A 1 92  ? 1.745   14.380  -6.642  0.40 44.15 ? 154 GLU A CB  1 
ATOM   678  C  CG  A GLU A 1 92  ? 2.684   15.684  -5.999  0.60 44.49 ? 154 GLU A CG  1 
ATOM   679  C  CG  B GLU A 1 92  ? 2.654   15.618  -6.575  0.40 44.03 ? 154 GLU A CG  1 
ATOM   680  C  CD  A GLU A 1 92  ? 2.573   16.121  -4.523  0.60 48.16 ? 154 GLU A CD  1 
ATOM   681  C  CD  B GLU A 1 92  ? 2.178   16.784  -7.458  0.40 45.51 ? 154 GLU A CD  1 
ATOM   682  O  OE1 A GLU A 1 92  ? 1.565   15.803  -3.857  0.60 47.08 ? 154 GLU A OE1 1 
ATOM   683  O  OE1 B GLU A 1 92  ? 1.793   16.581  -8.642  0.40 45.69 ? 154 GLU A OE1 1 
ATOM   684  O  OE2 A GLU A 1 92  ? 3.487   16.827  -4.033  0.60 50.94 ? 154 GLU A OE2 1 
ATOM   685  O  OE2 B GLU A 1 92  ? 2.198   17.934  -6.964  0.40 49.37 ? 154 GLU A OE2 1 
ATOM   686  N  N   . GLN A 1 93  ? 1.157   11.353  -6.971  1.00 43.31 ? 155 GLN A N   1 
ATOM   687  C  CA  . GLN A 1 93  ? 0.212   10.228  -7.265  1.00 42.68 ? 155 GLN A CA  1 
ATOM   688  C  C   . GLN A 1 93  ? 0.277   9.195   -6.151  1.00 41.52 ? 155 GLN A C   1 
ATOM   689  O  O   . GLN A 1 93  ? -0.747  8.742   -5.657  1.00 40.19 ? 155 GLN A O   1 
ATOM   690  C  CB  . GLN A 1 93  ? 0.570   9.471   -8.548  1.00 43.29 ? 155 GLN A CB  1 
ATOM   691  C  CG  . GLN A 1 93  ? 0.378   10.231  -9.810  1.00 50.44 ? 155 GLN A CG  1 
ATOM   692  C  CD  . GLN A 1 93  ? -0.114  9.339   -10.939 1.00 59.66 ? 155 GLN A CD  1 
ATOM   693  O  OE1 . GLN A 1 93  ? 0.263   8.154   -11.041 1.00 60.78 ? 155 GLN A OE1 1 
ATOM   694  N  NE2 . GLN A 1 93  ? -0.990  9.901   -11.790 1.00 60.61 ? 155 GLN A NE2 1 
ATOM   695  N  N   . TRP A 1 94  ? 1.495   8.834   -5.767  1.00 40.01 ? 156 TRP A N   1 
ATOM   696  C  CA  . TRP A 1 94  ? 1.683   7.836   -4.715  1.00 41.16 ? 156 TRP A CA  1 
ATOM   697  C  C   . TRP A 1 94  ? 1.260   8.345   -3.368  1.00 41.42 ? 156 TRP A C   1 
ATOM   698  O  O   . TRP A 1 94  ? 0.657   7.597   -2.599  1.00 42.19 ? 156 TRP A O   1 
ATOM   699  C  CB  . TRP A 1 94  ? 3.141   7.288   -4.670  1.00 41.55 ? 156 TRP A CB  1 
ATOM   700  C  CG  . TRP A 1 94  ? 3.290   6.165   -5.614  1.00 39.65 ? 156 TRP A CG  1 
ATOM   701  C  CD1 . TRP A 1 94  ? 3.746   6.219   -6.891  1.00 40.04 ? 156 TRP A CD1 1 
ATOM   702  C  CD2 . TRP A 1 94  ? 2.858   4.801   -5.391  1.00 42.00 ? 156 TRP A CD2 1 
ATOM   703  N  NE1 . TRP A 1 94  ? 3.639   4.988   -7.473  1.00 40.58 ? 156 TRP A NE1 1 
ATOM   704  C  CE2 . TRP A 1 94  ? 3.098   4.095   -6.581  1.00 39.89 ? 156 TRP A CE2 1 
ATOM   705  C  CE3 . TRP A 1 94  ? 2.255   4.133   -4.309  1.00 39.75 ? 156 TRP A CE3 1 
ATOM   706  C  CZ2 . TRP A 1 94  ? 2.789   2.725   -6.728  1.00 40.69 ? 156 TRP A CZ2 1 
ATOM   707  C  CZ3 . TRP A 1 94  ? 1.938   2.748   -4.462  1.00 42.31 ? 156 TRP A CZ3 1 
ATOM   708  C  CH2 . TRP A 1 94  ? 2.222   2.077   -5.653  1.00 39.01 ? 156 TRP A CH2 1 
ATOM   709  N  N   . LYS A 1 95  ? 1.535   9.612   -3.050  1.00 40.79 ? 157 LYS A N   1 
ATOM   710  C  CA  . LYS A 1 95  ? 1.066   10.106  -1.752  1.00 40.93 ? 157 LYS A CA  1 
ATOM   711  C  C   . LYS A 1 95  ? -0.480  10.020  -1.636  1.00 40.05 ? 157 LYS A C   1 
ATOM   712  O  O   . LYS A 1 95  ? -1.036  9.585   -0.637  1.00 39.27 ? 157 LYS A O   1 
ATOM   713  C  CB  . LYS A 1 95  ? 1.541   11.538  -1.529  1.00 41.62 ? 157 LYS A CB  1 
ATOM   714  C  CG  . LYS A 1 95  ? 1.274   11.988  -0.083  1.00 45.73 ? 157 LYS A CG  1 
ATOM   715  C  CD  . LYS A 1 95  ? 1.053   13.497  0.047   1.00 55.53 ? 157 LYS A CD  1 
ATOM   716  C  CE  . LYS A 1 95  ? -0.048  13.752  1.109   1.00 57.95 ? 157 LYS A CE  1 
ATOM   717  N  NZ  . LYS A 1 95  ? -0.568  15.164  1.014   1.00 62.81 ? 157 LYS A NZ  1 
ATOM   718  N  N   . GLU A 1 96  ? -1.160  10.455  -2.688  1.00 40.58 ? 158 GLU A N   1 
ATOM   719  C  CA  . GLU A 1 96  ? -2.611  10.395  -2.766  1.00 40.79 ? 158 GLU A CA  1 
ATOM   720  C  C   . GLU A 1 96  ? -3.117  8.937   -2.652  1.00 40.09 ? 158 GLU A C   1 
ATOM   721  O  O   . GLU A 1 96  ? -4.067  8.639   -1.922  1.00 39.87 ? 158 GLU A O   1 
ATOM   722  C  CB  . GLU A 1 96  ? -3.005  11.033  -4.090  1.00 42.11 ? 158 GLU A CB  1 
ATOM   723  C  CG  . GLU A 1 96  ? -4.393  10.814  -4.531  1.00 49.24 ? 158 GLU A CG  1 
ATOM   724  C  CD  . GLU A 1 96  ? -4.744  11.699  -5.744  1.00 58.81 ? 158 GLU A CD  1 
ATOM   725  O  OE1 . GLU A 1 96  ? -4.139  12.807  -5.905  1.00 62.72 ? 158 GLU A OE1 1 
ATOM   726  O  OE2 . GLU A 1 96  ? -5.636  11.281  -6.520  1.00 62.51 ? 158 GLU A OE2 1 
ATOM   727  N  N   . ALA A 1 97  ? -2.485  8.030   -3.385  1.00 38.59 ? 159 ALA A N   1 
ATOM   728  C  CA  . ALA A 1 97  ? -2.919  6.630   -3.372  1.00 38.95 ? 159 ALA A CA  1 
ATOM   729  C  C   . ALA A 1 97  ? -2.669  5.965   -2.021  1.00 37.49 ? 159 ALA A C   1 
ATOM   730  O  O   . ALA A 1 97  ? -3.513  5.186   -1.582  1.00 38.49 ? 159 ALA A O   1 
ATOM   731  C  CB  . ALA A 1 97  ? -2.264  5.837   -4.503  1.00 39.07 ? 159 ALA A CB  1 
ATOM   732  N  N   . LEU A 1 98  ? -1.521  6.243   -1.391  1.00 36.37 ? 160 LEU A N   1 
ATOM   733  C  CA  . LEU A 1 98  ? -1.232  5.678   -0.068  1.00 37.28 ? 160 LEU A CA  1 
ATOM   734  C  C   . LEU A 1 98  ? -2.259  6.129   0.967   1.00 36.74 ? 160 LEU A C   1 
ATOM   735  O  O   . LEU A 1 98  ? -2.679  5.329   1.807   1.00 37.08 ? 160 LEU A O   1 
ATOM   736  C  CB  . LEU A 1 98  ? 0.209   6.003   0.411   1.00 35.86 ? 160 LEU A CB  1 
ATOM   737  C  CG  . LEU A 1 98  ? 1.287   5.303   -0.432  1.00 35.03 ? 160 LEU A CG  1 
ATOM   738  C  CD1 . LEU A 1 98  ? 2.677   5.875   -0.105  1.00 37.38 ? 160 LEU A CD1 1 
ATOM   739  C  CD2 . LEU A 1 98  ? 1.252   3.828   -0.150  1.00 35.66 ? 160 LEU A CD2 1 
ATOM   740  N  N   . ASP A 1 99  ? -2.681  7.380   0.877   1.00 37.53 ? 161 ASP A N   1 
ATOM   741  C  CA  . ASP A 1 99  ? -3.714  7.907   1.811   1.00 38.84 ? 161 ASP A CA  1 
ATOM   742  C  C   . ASP A 1 99  ? -5.055  7.187   1.608   1.00 38.97 ? 161 ASP A C   1 
ATOM   743  O  O   . ASP A 1 99  ? -5.737  6.809   2.587   1.00 39.76 ? 161 ASP A O   1 
ATOM   744  C  CB  . ASP A 1 99  ? -3.856  9.404   1.647   1.00 38.47 ? 161 ASP A CB  1 
ATOM   745  C  CG  . ASP A 1 99  ? -2.707  10.195  2.332   1.00 42.84 ? 161 ASP A CG  1 
ATOM   746  O  OD1 . ASP A 1 99  ? -2.016  9.660   3.268   1.00 43.64 ? 161 ASP A OD1 1 
ATOM   747  O  OD2 . ASP A 1 99  ? -2.530  11.378  1.940   1.00 46.57 ? 161 ASP A OD2 1 
ATOM   748  N  N   . VAL A 1 100 ? -5.424  6.981   0.335   1.00 37.90 ? 162 VAL A N   1 
ATOM   749  C  CA  . VAL A 1 100 ? -6.607  6.144   0.014   1.00 37.30 ? 162 VAL A CA  1 
ATOM   750  C  C   . VAL A 1 100 ? -6.439  4.686   0.475   1.00 37.08 ? 162 VAL A C   1 
ATOM   751  O  O   . VAL A 1 100 ? -7.371  4.115   1.026   1.00 37.09 ? 162 VAL A O   1 
ATOM   752  C  CB  . VAL A 1 100 ? -6.986  6.182   -1.500  1.00 36.51 ? 162 VAL A CB  1 
ATOM   753  C  CG1 . VAL A 1 100 ? -8.190  5.280   -1.775  1.00 35.32 ? 162 VAL A CG1 1 
ATOM   754  C  CG2 . VAL A 1 100 ? -7.345  7.625   -1.903  1.00 38.67 ? 162 VAL A CG2 1 
ATOM   755  N  N   . LEU A 1 101 ? -5.277  4.088   0.225   1.00 36.60 ? 163 LEU A N   1 
ATOM   756  C  CA  . LEU A 1 101 ? -4.981  2.745   0.721   1.00 37.02 ? 163 LEU A CA  1 
ATOM   757  C  C   . LEU A 1 101 ? -5.199  2.617   2.246   1.00 38.85 ? 163 LEU A C   1 
ATOM   758  O  O   . LEU A 1 101 ? -5.796  1.642   2.754   1.00 39.32 ? 163 LEU A O   1 
ATOM   759  C  CB  . LEU A 1 101 ? -3.516  2.432   0.387   1.00 36.95 ? 163 LEU A CB  1 
ATOM   760  C  CG  . LEU A 1 101 ? -2.850  1.159   0.981   1.00 37.47 ? 163 LEU A CG  1 
ATOM   761  C  CD1 . LEU A 1 101 ? -3.431  -0.057  0.321   1.00 37.25 ? 163 LEU A CD1 1 
ATOM   762  C  CD2 . LEU A 1 101 ? -1.303  1.237   0.718   1.00 36.42 ? 163 LEU A CD2 1 
ATOM   763  N  N   . TRP A 1 102 ? -4.705  3.612   2.987   1.00 39.59 ? 164 TRP A N   1 
ATOM   764  C  CA  . TRP A 1 102 ? -4.845  3.602   4.437   1.00 40.36 ? 164 TRP A CA  1 
ATOM   765  C  C   . TRP A 1 102 ? -6.337  3.694   4.816   1.00 39.92 ? 164 TRP A C   1 
ATOM   766  O  O   . TRP A 1 102 ? -6.837  2.927   5.643   1.00 39.63 ? 164 TRP A O   1 
ATOM   767  C  CB  . TRP A 1 102 ? -4.061  4.759   5.076   1.00 40.47 ? 164 TRP A CB  1 
ATOM   768  C  CG  . TRP A 1 102 ? -4.188  4.684   6.588   1.00 41.19 ? 164 TRP A CG  1 
ATOM   769  C  CD1 . TRP A 1 102 ? -4.985  5.473   7.419   1.00 42.33 ? 164 TRP A CD1 1 
ATOM   770  C  CD2 . TRP A 1 102 ? -3.572  3.708   7.429   1.00 40.74 ? 164 TRP A CD2 1 
ATOM   771  N  NE1 . TRP A 1 102 ? -4.843  5.043   8.731   1.00 41.19 ? 164 TRP A NE1 1 
ATOM   772  C  CE2 . TRP A 1 102 ? -3.985  3.974   8.764   1.00 42.55 ? 164 TRP A CE2 1 
ATOM   773  C  CE3 . TRP A 1 102 ? -2.657  2.666   7.197   1.00 40.88 ? 164 TRP A CE3 1 
ATOM   774  C  CZ2 . TRP A 1 102 ? -3.547  3.205   9.849   1.00 40.52 ? 164 TRP A CZ2 1 
ATOM   775  C  CZ3 . TRP A 1 102 ? -2.225  1.898   8.293   1.00 42.23 ? 164 TRP A CZ3 1 
ATOM   776  C  CH2 . TRP A 1 102 ? -2.668  2.182   9.591   1.00 42.88 ? 164 TRP A CH2 1 
ATOM   777  N  N   . GLU A 1 103 ? -7.083  4.622   4.226   1.00 41.11 ? 165 GLU A N   1 
ATOM   778  C  CA  A GLU A 1 103 ? -8.529  4.692   4.523   0.60 41.24 ? 165 GLU A CA  1 
ATOM   779  C  CA  B GLU A 1 103 ? -8.519  4.668   4.561   0.40 41.14 ? 165 GLU A CA  1 
ATOM   780  C  C   . GLU A 1 103 ? -9.241  3.357   4.224   1.00 41.15 ? 165 GLU A C   1 
ATOM   781  O  O   . GLU A 1 103 ? -10.071 2.870   5.033   1.00 41.66 ? 165 GLU A O   1 
ATOM   782  C  CB  A GLU A 1 103 ? -9.186  5.867   3.796   0.60 42.10 ? 165 GLU A CB  1 
ATOM   783  C  CB  B GLU A 1 103 ? -9.239  5.893   3.992   0.40 41.93 ? 165 GLU A CB  1 
ATOM   784  C  CG  A GLU A 1 103 ? -8.657  7.261   4.237   0.60 44.76 ? 165 GLU A CG  1 
ATOM   785  C  CG  B GLU A 1 103 ? -9.112  6.127   2.515   0.40 43.32 ? 165 GLU A CG  1 
ATOM   786  C  CD  A GLU A 1 103 ? -8.667  7.507   5.763   0.60 50.64 ? 165 GLU A CD  1 
ATOM   787  C  CD  B GLU A 1 103 ? -9.495  7.558   2.133   0.40 46.41 ? 165 GLU A CD  1 
ATOM   788  O  OE1 A GLU A 1 103 ? -7.640  7.981   6.333   0.60 50.03 ? 165 GLU A OE1 1 
ATOM   789  O  OE1 B GLU A 1 103 ? -9.271  8.475   2.958   0.40 49.53 ? 165 GLU A OE1 1 
ATOM   790  O  OE2 A GLU A 1 103 ? -9.710  7.243   6.402   0.60 53.98 ? 165 GLU A OE2 1 
ATOM   791  O  OE2 B GLU A 1 103 ? -10.017 7.763   1.015   0.40 44.49 ? 165 GLU A OE2 1 
ATOM   792  N  N   . GLU A 1 104 ? -8.954  2.762   3.070   1.00 39.85 ? 166 GLU A N   1 
ATOM   793  C  CA  . GLU A 1 104 ? -9.581  1.448   2.743   1.00 39.90 ? 166 GLU A CA  1 
ATOM   794  C  C   . GLU A 1 104 ? -9.198  0.385   3.751   1.00 39.48 ? 166 GLU A C   1 
ATOM   795  O  O   . GLU A 1 104 ? -10.020 -0.400  4.165   1.00 41.28 ? 166 GLU A O   1 
ATOM   796  C  CB  . GLU A 1 104 ? -9.179  0.892   1.374   1.00 39.41 ? 166 GLU A CB  1 
ATOM   797  C  CG  . GLU A 1 104 ? -9.848  1.581   0.232   1.00 40.47 ? 166 GLU A CG  1 
ATOM   798  C  CD  . GLU A 1 104 ? -9.875  0.769   -1.035  1.00 41.23 ? 166 GLU A CD  1 
ATOM   799  O  OE1 . GLU A 1 104 ? -10.635 1.226   -1.910  1.00 40.85 ? 166 GLU A OE1 1 
ATOM   800  O  OE2 . GLU A 1 104 ? -9.148  -0.260  -1.243  1.00 42.49 ? 166 GLU A OE2 1 
ATOM   801  N  N   . PHE A 1 105 ? -7.920  0.337   4.079   1.00 39.53 ? 167 PHE A N   1 
ATOM   802  C  CA  . PHE A 1 105 ? -7.405  -0.617  5.054   1.00 39.90 ? 167 PHE A CA  1 
ATOM   803  C  C   . PHE A 1 105 ? -8.183  -0.534  6.361   1.00 39.71 ? 167 PHE A C   1 
ATOM   804  O  O   . PHE A 1 105 ? -8.586  -1.548  6.885   1.00 39.06 ? 167 PHE A O   1 
ATOM   805  C  CB  . PHE A 1 105 ? -5.899  -0.378  5.274   1.00 39.80 ? 167 PHE A CB  1 
ATOM   806  C  CG  . PHE A 1 105 ? -5.302  -1.152  6.441   1.00 39.91 ? 167 PHE A CG  1 
ATOM   807  C  CD1 . PHE A 1 105 ? -5.307  -2.548  6.459   1.00 40.24 ? 167 PHE A CD1 1 
ATOM   808  C  CD2 . PHE A 1 105 ? -4.733  -0.464  7.515   1.00 43.06 ? 167 PHE A CD2 1 
ATOM   809  C  CE1 . PHE A 1 105 ? -4.724  -3.277  7.538   1.00 40.54 ? 167 PHE A CE1 1 
ATOM   810  C  CE2 . PHE A 1 105 ? -4.159  -1.184  8.628   1.00 39.44 ? 167 PHE A CE2 1 
ATOM   811  C  CZ  . PHE A 1 105 ? -4.142  -2.586  8.608   1.00 41.64 ? 167 PHE A CZ  1 
ATOM   812  N  N   . LEU A 1 106 ? -8.355  0.654   6.913   1.00 40.10 ? 168 LEU A N   1 
ATOM   813  C  CA  . LEU A 1 106 ? -9.071  0.762   8.187   1.00 40.75 ? 168 LEU A CA  1 
ATOM   814  C  C   . LEU A 1 106 ? -10.511 0.281   8.037   1.00 40.50 ? 168 LEU A C   1 
ATOM   815  O  O   . LEU A 1 106 ? -11.077 -0.290  8.971   1.00 40.75 ? 168 LEU A O   1 
ATOM   816  C  CB  . LEU A 1 106 ? -9.129  2.203   8.656   1.00 41.51 ? 168 LEU A CB  1 
ATOM   817  C  CG  . LEU A 1 106 ? -7.796  2.842   9.056   1.00 43.64 ? 168 LEU A CG  1 
ATOM   818  C  CD1 . LEU A 1 106 ? -8.032  4.344   9.312   1.00 46.22 ? 168 LEU A CD1 1 
ATOM   819  C  CD2 . LEU A 1 106 ? -7.143  2.127   10.229  1.00 41.90 ? 168 LEU A CD2 1 
ATOM   820  N  N   . GLU A 1 107 ? -11.125 0.523   6.874   1.00 40.26 ? 169 GLU A N   1 
ATOM   821  C  CA  . GLU A 1 107 ? -12.500 0.047   6.685   1.00 40.58 ? 169 GLU A CA  1 
ATOM   822  C  C   . GLU A 1 107 ? -12.505 -1.486  6.588   1.00 39.93 ? 169 GLU A C   1 
ATOM   823  O  O   . GLU A 1 107 ? -13.352 -2.149  7.160   1.00 41.53 ? 169 GLU A O   1 
ATOM   824  C  CB  . GLU A 1 107 ? -13.150 0.674   5.435   1.00 41.12 ? 169 GLU A CB  1 
ATOM   825  C  CG  . GLU A 1 107 ? -14.519 -0.005  5.161   1.00 43.38 ? 169 GLU A CG  1 
ATOM   826  C  CD  . GLU A 1 107 ? -15.421 0.805   4.250   1.00 45.14 ? 169 GLU A CD  1 
ATOM   827  O  OE1 . GLU A 1 107 ? -16.370 0.206   3.690   1.00 45.66 ? 169 GLU A OE1 1 
ATOM   828  O  OE2 . GLU A 1 107 ? -15.191 2.029   4.097   1.00 44.19 ? 169 GLU A OE2 1 
ATOM   829  N  N   . VAL A 1 108 ? -11.555 -2.070  5.872   1.00 39.79 ? 170 VAL A N   1 
ATOM   830  C  CA  . VAL A 1 108 ? -11.520 -3.542  5.764   1.00 40.58 ? 170 VAL A CA  1 
ATOM   831  C  C   . VAL A 1 108 ? -11.252 -4.146  7.146   1.00 41.54 ? 170 VAL A C   1 
ATOM   832  O  O   . VAL A 1 108 ? -11.861 -5.168  7.534   1.00 42.63 ? 170 VAL A O   1 
ATOM   833  C  CB  . VAL A 1 108 ? -10.478 -4.036  4.691   1.00 40.13 ? 170 VAL A CB  1 
ATOM   834  C  CG1 . VAL A 1 108 ? -10.417 -5.587  4.653   1.00 41.57 ? 170 VAL A CG1 1 
ATOM   835  C  CG2 . VAL A 1 108 ? -10.883 -3.529  3.299   1.00 40.83 ? 170 VAL A CG2 1 
ATOM   836  N  N   . LEU A 1 109 ? -10.369 -3.527  7.920   1.00 42.45 ? 171 LEU A N   1 
ATOM   837  C  CA  . LEU A 1 109 ? -10.176 -3.991  9.315   1.00 44.64 ? 171 LEU A CA  1 
ATOM   838  C  C   . LEU A 1 109 ? -11.521 -3.962  10.099  1.00 45.49 ? 171 LEU A C   1 
ATOM   839  O  O   . LEU A 1 109 ? -11.857 -4.940  10.783  1.00 46.77 ? 171 LEU A O   1 
ATOM   840  C  CB  . LEU A 1 109 ? -9.186  -3.095  10.050  1.00 44.15 ? 171 LEU A CB  1 
ATOM   841  C  CG  . LEU A 1 109 ? -7.736  -3.476  10.029  1.00 45.69 ? 171 LEU A CG  1 
ATOM   842  C  CD1 . LEU A 1 109 ? -7.034  -2.559  11.018  1.00 47.61 ? 171 LEU A CD1 1 
ATOM   843  C  CD2 . LEU A 1 109 ? -7.611  -4.962  10.443  1.00 46.38 ? 171 LEU A CD2 1 
ATOM   844  N  N   . LYS A 1 110 ? -12.250 -2.834  10.014  1.00 47.08 ? 172 LYS A N   1 
ATOM   845  C  CA  . LYS A 1 110 ? -13.581 -2.687  10.700  1.00 48.45 ? 172 LYS A CA  1 
ATOM   846  C  C   . LYS A 1 110 ? -14.544 -3.787  10.246  1.00 47.49 ? 172 LYS A C   1 
ATOM   847  O  O   . LYS A 1 110 ? -15.225 -4.406  11.063  1.00 46.62 ? 172 LYS A O   1 
ATOM   848  C  CB  . LYS A 1 110 ? -14.242 -1.314  10.493  1.00 48.55 ? 172 LYS A CB  1 
ATOM   849  C  CG  . LYS A 1 110 ? -13.449 -0.081  10.981  1.00 52.26 ? 172 LYS A CG  1 
ATOM   850  C  CD  . LYS A 1 110 ? -14.276 1.264   10.922  1.00 52.72 ? 172 LYS A CD  1 
ATOM   851  C  CE  . LYS A 1 110 ? -13.473 2.487   10.298  1.00 57.46 ? 172 LYS A CE  1 
ATOM   852  N  NZ  . LYS A 1 110 ? -13.750 2.802   8.757   1.00 55.14 ? 172 LYS A NZ  1 
ATOM   853  N  N   . GLU A 1 111 ? -14.570 -4.039  8.937   1.00 46.04 ? 173 GLU A N   1 
ATOM   854  C  CA  . GLU A 1 111 ? -15.402 -5.096  8.363   1.00 45.94 ? 173 GLU A CA  1 
ATOM   855  C  C   . GLU A 1 111 ? -15.013 -6.497  8.864   1.00 47.35 ? 173 GLU A C   1 
ATOM   856  O  O   . GLU A 1 111 ? -15.886 -7.362  9.103   1.00 47.42 ? 173 GLU A O   1 
ATOM   857  C  CB  . GLU A 1 111 ? -15.339 -5.006  6.837   1.00 45.00 ? 173 GLU A CB  1 
ATOM   858  C  CG  . GLU A 1 111 ? -15.960 -3.680  6.365   1.00 43.46 ? 173 GLU A CG  1 
ATOM   859  C  CD  . GLU A 1 111 ? -15.903 -3.495  4.855   1.00 43.29 ? 173 GLU A CD  1 
ATOM   860  O  OE1 . GLU A 1 111 ? -14.884 -3.898  4.227   1.00 43.10 ? 173 GLU A OE1 1 
ATOM   861  O  OE2 . GLU A 1 111 ? -16.844 -2.911  4.310   1.00 42.95 ? 173 GLU A OE2 1 
ATOM   862  N  N   . TYR A 1 112 ? -13.712 -6.719  9.012   1.00 47.58 ? 174 TYR A N   1 
ATOM   863  C  CA  . TYR A 1 112 ? -13.219 -7.965  9.551   1.00 49.41 ? 174 TYR A CA  1 
ATOM   864  C  C   . TYR A 1 112 ? -13.742 -8.184  10.983  1.00 50.57 ? 174 TYR A C   1 
ATOM   865  O  O   . TYR A 1 112 ? -14.211 -9.282  11.319  1.00 50.51 ? 174 TYR A O   1 
ATOM   866  C  CB  . TYR A 1 112 ? -11.676 -7.979  9.558   1.00 51.40 ? 174 TYR A CB  1 
ATOM   867  C  CG  . TYR A 1 112 ? -11.188 -9.277  10.175  1.00 53.20 ? 174 TYR A CG  1 
ATOM   868  C  CD1 . TYR A 1 112 ? -11.160 -10.446 9.420   1.00 52.62 ? 174 TYR A CD1 1 
ATOM   869  C  CD2 . TYR A 1 112 ? -10.853 -9.350  11.531  1.00 56.43 ? 174 TYR A CD2 1 
ATOM   870  C  CE1 . TYR A 1 112 ? -10.761 -11.654 9.967   1.00 54.30 ? 174 TYR A CE1 1 
ATOM   871  C  CE2 . TYR A 1 112 ? -10.447 -10.570 12.107  1.00 56.42 ? 174 TYR A CE2 1 
ATOM   872  C  CZ  . TYR A 1 112 ? -10.415 -11.712 11.299  1.00 55.68 ? 174 TYR A CZ  1 
ATOM   873  O  OH  . TYR A 1 112 ? -10.032 -12.933 11.810  1.00 57.91 ? 174 TYR A OH  1 
ATOM   874  N  N   . TYR A 1 113 ? -13.656 -7.146  11.820  1.00 50.68 ? 175 TYR A N   1 
ATOM   875  C  CA  . TYR A 1 113 ? -14.112 -7.228  13.201  1.00 52.19 ? 175 TYR A CA  1 
ATOM   876  C  C   . TYR A 1 113 ? -15.635 -7.279  13.323  1.00 52.57 ? 175 TYR A C   1 
ATOM   877  O  O   . TYR A 1 113 ? -16.157 -7.916  14.222  1.00 52.03 ? 175 TYR A O   1 
ATOM   878  C  CB  . TYR A 1 113 ? -13.562 -6.064  14.031  1.00 53.24 ? 175 TYR A CB  1 
ATOM   879  C  CG  . TYR A 1 113 ? -12.051 -5.989  14.110  1.00 56.27 ? 175 TYR A CG  1 
ATOM   880  C  CD1 . TYR A 1 113 ? -11.283 -7.126  14.356  1.00 59.56 ? 175 TYR A CD1 1 
ATOM   881  C  CD2 . TYR A 1 113 ? -11.388 -4.757  13.968  1.00 57.52 ? 175 TYR A CD2 1 
ATOM   882  C  CE1 . TYR A 1 113 ? -9.871  -7.040  14.446  1.00 61.08 ? 175 TYR A CE1 1 
ATOM   883  C  CE2 . TYR A 1 113 ? -10.008 -4.655  14.050  1.00 57.38 ? 175 TYR A CE2 1 
ATOM   884  C  CZ  . TYR A 1 113 ? -9.246  -5.795  14.288  1.00 59.03 ? 175 TYR A CZ  1 
ATOM   885  O  OH  . TYR A 1 113 ? -7.867  -5.681  14.380  1.00 59.26 ? 175 TYR A OH  1 
ATOM   886  N  N   . THR A 1 114 ? -16.346 -6.614  12.414  1.00 53.07 ? 176 THR A N   1 
ATOM   887  C  CA  . THR A 1 114 ? -17.809 -6.679  12.359  1.00 54.15 ? 176 THR A CA  1 
ATOM   888  C  C   . THR A 1 114 ? -18.236 -8.106  12.133  1.00 54.46 ? 176 THR A C   1 
ATOM   889  O  O   . THR A 1 114 ? -19.176 -8.586  12.761  1.00 53.86 ? 176 THR A O   1 
ATOM   890  C  CB  . THR A 1 114 ? -18.351 -5.815  11.206  1.00 54.40 ? 176 THR A CB  1 
ATOM   891  O  OG1 . THR A 1 114 ? -18.002 -4.459  11.464  1.00 56.51 ? 176 THR A OG1 1 
ATOM   892  C  CG2 . THR A 1 114 ? -19.896 -5.922  11.052  1.00 54.70 ? 176 THR A CG2 1 
ATOM   893  N  N   . LEU A 1 115 ? -17.534 -8.766  11.213  1.00 54.50 ? 177 LEU A N   1 
ATOM   894  C  CA  . LEU A 1 115 ? -17.814 -10.141 10.844  1.00 55.01 ? 177 LEU A CA  1 
ATOM   895  C  C   . LEU A 1 115 ? -17.332 -11.110 11.925  1.00 53.66 ? 177 LEU A C   1 
ATOM   896  O  O   . LEU A 1 115 ? -18.070 -12.025 12.295  1.00 55.43 ? 177 LEU A O   1 
ATOM   897  C  CB  . LEU A 1 115 ? -17.184 -10.477 9.483   1.00 56.02 ? 177 LEU A CB  1 
ATOM   898  C  CG  . LEU A 1 115 ? -17.446 -11.872 8.891   1.00 58.12 ? 177 LEU A CG  1 
ATOM   899  C  CD1 . LEU A 1 115 ? -18.933 -12.054 8.573   1.00 59.53 ? 177 LEU A CD1 1 
ATOM   900  C  CD2 . LEU A 1 115 ? -16.585 -12.137 7.628   1.00 57.13 ? 177 LEU A CD2 1 
ATOM   901  N  N   . SER A 1 116 ? -16.121 -10.911 12.440  1.00 50.21 ? 178 SER A N   1 
ATOM   902  C  CA  . SER A 1 116 ? -15.545 -11.813 13.430  1.00 46.80 ? 178 SER A CA  1 
ATOM   903  C  C   . SER A 1 116 ? -16.151 -11.628 14.820  1.00 45.25 ? 178 SER A C   1 
ATOM   904  O  O   . SER A 1 116 ? -16.079 -12.528 15.657  1.00 44.83 ? 178 SER A O   1 
ATOM   905  C  CB  . SER A 1 116 ? -14.040 -11.607 13.508  1.00 46.31 ? 178 SER A CB  1 
ATOM   906  O  OG  . SER A 1 116 ? -13.755 -10.445 14.251  1.00 44.40 ? 178 SER A OG  1 
ATOM   907  N  N   . GLY A 1 117 ? -16.712 -10.450 15.064  1.00 43.38 ? 179 GLY A N   1 
ATOM   908  C  CA  . GLY A 1 117 ? -17.365 -10.121 16.321  1.00 41.31 ? 179 GLY A CA  1 
ATOM   909  C  C   . GLY A 1 117 ? -16.419 -9.753  17.444  1.00 39.94 ? 179 GLY A C   1 
ATOM   910  O  O   . GLY A 1 117 ? -16.845 -9.616  18.582  1.00 39.66 ? 179 GLY A O   1 
ATOM   911  N  N   . THR A 1 118 ? -15.137 -9.592  17.127  1.00 38.68 ? 180 THR A N   1 
ATOM   912  C  CA  . THR A 1 118 ? -14.122 -9.289  18.138  1.00 37.56 ? 180 THR A CA  1 
ATOM   913  C  C   . THR A 1 118 ? -13.887 -7.780  18.288  1.00 36.88 ? 180 THR A C   1 
ATOM   914  O  O   . THR A 1 118 ? -14.531 -6.974  17.616  1.00 36.52 ? 180 THR A O   1 
ATOM   915  C  CB  . THR A 1 118 ? -12.790 -10.057 17.888  1.00 37.50 ? 180 THR A CB  1 
ATOM   916  O  OG1 . THR A 1 118 ? -12.278 -9.727  16.595  1.00 37.81 ? 180 THR A OG1 1 
ATOM   917  C  CG2 . THR A 1 118 ? -12.994 -11.570 17.981  1.00 36.84 ? 180 THR A CG2 1 
ATOM   918  N  N   . GLU A 1 119 ? -12.984 -7.405  19.190  1.00 36.43 ? 181 GLU A N   1 
ATOM   919  C  CA  . GLU A 1 119 ? -12.761 -6.000  19.535  1.00 35.90 ? 181 GLU A CA  1 
ATOM   920  C  C   . GLU A 1 119 ? -11.743 -5.297  18.650  1.00 35.61 ? 181 GLU A C   1 
ATOM   921  O  O   . GLU A 1 119 ? -10.684 -5.844  18.320  1.00 35.38 ? 181 GLU A O   1 
ATOM   922  C  CB  . GLU A 1 119 ? -12.378 -5.837  21.010  1.00 35.81 ? 181 GLU A CB  1 
ATOM   923  C  CG  . GLU A 1 119 ? -13.563 -5.692  21.951  1.00 35.39 ? 181 GLU A CG  1 
ATOM   924  C  CD  . GLU A 1 119 ? -14.117 -7.024  22.426  1.00 34.90 ? 181 GLU A CD  1 
ATOM   925  O  OE1 . GLU A 1 119 ? -14.322 -7.934  21.594  1.00 34.03 ? 181 GLU A OE1 1 
ATOM   926  O  OE2 . GLU A 1 119 ? -14.354 -7.160  23.644  1.00 35.01 ? 181 GLU A OE2 1 
ATOM   927  N  N   . ILE A 1 120 ? -12.083 -4.054  18.317  1.00 35.44 ? 182 ILE A N   1 
ATOM   928  C  CA  . ILE A 1 120 ? -11.339 -3.228  17.380  1.00 35.32 ? 182 ILE A CA  1 
ATOM   929  C  C   . ILE A 1 120 ? -10.084 -2.644  18.022  1.00 34.92 ? 182 ILE A C   1 
ATOM   930  O  O   . ILE A 1 120 ? -10.163 -1.946  19.030  1.00 34.94 ? 182 ILE A O   1 
ATOM   931  C  CB  . ILE A 1 120 ? -12.218 -2.039  16.880  1.00 35.39 ? 182 ILE A CB  1 
ATOM   932  C  CG1 . ILE A 1 120 ? -13.703 -2.439  16.740  1.00 35.89 ? 182 ILE A CG1 1 
ATOM   933  C  CG2 . ILE A 1 120 ? -11.650 -1.432  15.604  1.00 35.72 ? 182 ILE A CG2 1 
ATOM   934  C  CD1 . ILE A 1 120 ? -14.101 -3.110  15.423  1.00 36.32 ? 182 ILE A CD1 1 
ATOM   935  N  N   . SER A 1 121 ? -8.930  -2.937  17.440  1.00 34.60 ? 183 SER A N   1 
ATOM   936  C  CA  . SER A 1 121 ? -7.725  -2.191  17.751  1.00 34.38 ? 183 SER A CA  1 
ATOM   937  C  C   . SER A 1 121 ? -7.275  -1.531  16.455  1.00 34.34 ? 183 SER A C   1 
ATOM   938  O  O   . SER A 1 121 ? -6.588  -2.156  15.641  1.00 34.35 ? 183 SER A O   1 
ATOM   939  C  CB  . SER A 1 121 ? -6.640  -3.113  18.312  1.00 34.37 ? 183 SER A CB  1 
ATOM   940  O  OG  . SER A 1 121 ? -5.527  -2.366  18.772  1.00 34.20 ? 183 SER A OG  1 
ATOM   941  N  N   . LEU A 1 122 ? -7.699  -0.288  16.237  1.00 33.99 ? 184 LEU A N   1 
ATOM   942  C  CA  . LEU A 1 122 ? -7.328  0.418   14.998  1.00 34.66 ? 184 LEU A CA  1 
ATOM   943  C  C   . LEU A 1 122 ? -5.970  1.085   15.126  1.00 35.03 ? 184 LEU A C   1 
ATOM   944  O  O   . LEU A 1 122 ? -5.773  1.929   16.012  1.00 35.23 ? 184 LEU A O   1 
ATOM   945  C  CB  . LEU A 1 122 ? -8.397  1.416   14.503  1.00 34.38 ? 184 LEU A CB  1 
ATOM   946  C  CG  . LEU A 1 122 ? -9.697  0.902   13.856  1.00 34.72 ? 184 LEU A CG  1 
ATOM   947  C  CD1 . LEU A 1 122 ? -10.420 2.041   13.169  1.00 35.98 ? 184 LEU A CD1 1 
ATOM   948  C  CD2 . LEU A 1 122 ? -9.492  -0.237  12.864  1.00 34.21 ? 184 LEU A CD2 1 
ATOM   949  N  N   . PRO A 1 123 ? -5.027  0.704   14.240  1.00 35.34 ? 185 PRO A N   1 
ATOM   950  C  CA  . PRO A 1 123 ? -3.644  1.165   14.301  1.00 35.25 ? 185 PRO A CA  1 
ATOM   951  C  C   . PRO A 1 123 ? -3.571  2.631   13.949  1.00 36.46 ? 185 PRO A C   1 
ATOM   952  O  O   . PRO A 1 123 ? -4.459  3.128   13.281  1.00 36.58 ? 185 PRO A O   1 
ATOM   953  C  CB  . PRO A 1 123 ? -2.939  0.318   13.239  1.00 35.48 ? 185 PRO A CB  1 
ATOM   954  C  CG  . PRO A 1 123 ? -4.006  -0.116  12.284  1.00 34.74 ? 185 PRO A CG  1 
ATOM   955  C  CD  . PRO A 1 123 ? -5.280  -0.191  13.088  1.00 35.08 ? 185 PRO A CD  1 
ATOM   956  N  N   . GLU A 1 124 ? -2.532  3.320   14.405  1.00 38.30 ? 186 GLU A N   1 
ATOM   957  C  CA  . GLU A 1 124 ? -2.277  4.723   14.063  1.00 40.41 ? 186 GLU A CA  1 
ATOM   958  C  C   . GLU A 1 124 ? -1.690  4.792   12.648  1.00 39.60 ? 186 GLU A C   1 
ATOM   959  O  O   . GLU A 1 124 ? -1.020  3.886   12.224  1.00 39.34 ? 186 GLU A O   1 
ATOM   960  C  CB  . GLU A 1 124 ? -1.285  5.330   15.052  1.00 40.53 ? 186 GLU A CB  1 
ATOM   961  C  CG  . GLU A 1 124 ? -1.793  5.307   16.501  1.00 47.72 ? 186 GLU A CG  1 
ATOM   962  C  CD  . GLU A 1 124 ? -2.947  6.290   16.735  1.00 56.92 ? 186 GLU A CD  1 
ATOM   963  O  OE1 . GLU A 1 124 ? -4.143  5.879   16.673  1.00 60.34 ? 186 GLU A OE1 1 
ATOM   964  O  OE2 . GLU A 1 124 ? -2.659  7.486   16.995  1.00 61.35 ? 186 GLU A OE2 1 
ATOM   965  N  N   . LYS A 1 125 ? -1.959  5.862   11.915  1.00 40.54 ? 187 LYS A N   1 
ATOM   966  C  CA  . LYS A 1 125 ? -1.468  5.956   10.544  1.00 40.93 ? 187 LYS A CA  1 
ATOM   967  C  C   . LYS A 1 125 ? 0.046   6.160   10.536  1.00 41.65 ? 187 LYS A C   1 
ATOM   968  O  O   . LYS A 1 125 ? 0.531   7.049   11.238  1.00 40.44 ? 187 LYS A O   1 
ATOM   969  C  CB  . LYS A 1 125 ? -2.130  7.133   9.842   1.00 41.96 ? 187 LYS A CB  1 
ATOM   970  C  CG  . LYS A 1 125 ? -1.832  7.154   8.332   1.00 41.31 ? 187 LYS A CG  1 
ATOM   971  C  CD  . LYS A 1 125 ? -2.549  8.332   7.679   1.00 45.86 ? 187 LYS A CD  1 
ATOM   972  C  CE  . LYS A 1 125 ? -2.025  8.535   6.264   1.00 44.67 ? 187 LYS A CE  1 
ATOM   973  N  NZ  . LYS A 1 125 ? -2.916  9.587   5.681   1.00 47.27 ? 187 LYS A NZ  1 
ATOM   974  N  N   . PRO A 1 126 ? 0.796   5.385   9.716   1.00 42.00 ? 188 PRO A N   1 
ATOM   975  C  CA  . PRO A 1 126 ? 2.238   5.662   9.728   1.00 43.00 ? 188 PRO A CA  1 
ATOM   976  C  C   . PRO A 1 126 ? 2.633   6.829   8.807   1.00 44.22 ? 188 PRO A C   1 
ATOM   977  O  O   . PRO A 1 126 ? 1.814   7.281   7.973   1.00 45.35 ? 188 PRO A O   1 
ATOM   978  C  CB  . PRO A 1 126 ? 2.849   4.351   9.200   1.00 42.62 ? 188 PRO A CB  1 
ATOM   979  C  CG  . PRO A 1 126 ? 1.829   3.856   8.231   1.00 42.83 ? 188 PRO A CG  1 
ATOM   980  C  CD  . PRO A 1 126 ? 0.450   4.292   8.772   1.00 41.63 ? 188 PRO A CD  1 
ATOM   981  N  N   . ASP A 1 127 ? 3.871   7.303   8.959   1.00 43.19 ? 189 ASP A N   1 
ATOM   982  C  CA  . ASP A 1 127 ? 4.477   8.228   8.017   1.00 43.55 ? 189 ASP A CA  1 
ATOM   983  C  C   . ASP A 1 127 ? 4.830   7.432   6.771   1.00 42.21 ? 189 ASP A C   1 
ATOM   984  O  O   . ASP A 1 127 ? 5.399   6.367   6.874   1.00 42.96 ? 189 ASP A O   1 
ATOM   985  C  CB  . ASP A 1 127 ? 5.754   8.849   8.631   1.00 43.33 ? 189 ASP A CB  1 
ATOM   986  C  CG  . ASP A 1 127 ? 5.436   9.663   9.875   1.00 46.78 ? 189 ASP A CG  1 
ATOM   987  O  OD1 . ASP A 1 127 ? 4.321   10.207  9.939   1.00 47.44 ? 189 ASP A OD1 1 
ATOM   988  O  OD2 . ASP A 1 127 ? 6.265   9.733   10.802  1.00 51.81 ? 189 ASP A OD2 1 
ATOM   989  N  N   . TRP A 1 128 ? 4.509   7.964   5.598   1.00 41.99 ? 190 TRP A N   1 
ATOM   990  C  CA  . TRP A 1 128 ? 4.892   7.315   4.339   1.00 41.10 ? 190 TRP A CA  1 
ATOM   991  C  C   . TRP A 1 128 ? 6.381   7.593   4.089   1.00 41.08 ? 190 TRP A C   1 
ATOM   992  O  O   . TRP A 1 128 ? 6.841   8.738   4.256   1.00 42.11 ? 190 TRP A O   1 
ATOM   993  C  CB  . TRP A 1 128 ? 4.041   7.849   3.206   1.00 41.84 ? 190 TRP A CB  1 
ATOM   994  C  CG  . TRP A 1 128 ? 2.575   7.589   3.432   1.00 41.84 ? 190 TRP A CG  1 
ATOM   995  C  CD1 . TRP A 1 128 ? 1.557   8.500   3.374   1.00 43.00 ? 190 TRP A CD1 1 
ATOM   996  C  CD2 . TRP A 1 128 ? 1.979   6.322   3.761   1.00 41.33 ? 190 TRP A CD2 1 
ATOM   997  N  NE1 . TRP A 1 128 ? 0.345   7.872   3.626   1.00 42.02 ? 190 TRP A NE1 1 
ATOM   998  C  CE2 . TRP A 1 128 ? 0.579   6.536   3.868   1.00 42.63 ? 190 TRP A CE2 1 
ATOM   999  C  CE3 . TRP A 1 128 ? 2.481   5.019   3.927   1.00 39.74 ? 190 TRP A CE3 1 
ATOM   1000 C  CZ2 . TRP A 1 128 ? -0.319  5.483   4.139   1.00 41.92 ? 190 TRP A CZ2 1 
ATOM   1001 C  CZ3 . TRP A 1 128 ? 1.575   3.961   4.187   1.00 42.23 ? 190 TRP A CZ3 1 
ATOM   1002 C  CH2 . TRP A 1 128 ? 0.200   4.214   4.302   1.00 40.85 ? 190 TRP A CH2 1 
ATOM   1003 N  N   . LEU A 1 129 ? 7.134   6.569   3.744   1.00 38.77 ? 191 LEU A N   1 
ATOM   1004 C  CA  . LEU A 1 129 ? 8.584   6.734   3.539   1.00 38.68 ? 191 LEU A CA  1 
ATOM   1005 C  C   . LEU A 1 129 ? 8.842   7.104   2.056   1.00 38.59 ? 191 LEU A C   1 
ATOM   1006 O  O   . LEU A 1 129 ? 9.404   6.313   1.284   1.00 38.92 ? 191 LEU A O   1 
ATOM   1007 C  CB  . LEU A 1 129 ? 9.328   5.467   3.943   1.00 39.13 ? 191 LEU A CB  1 
ATOM   1008 C  CG  . LEU A 1 129 ? 9.236   5.158   5.455   1.00 40.86 ? 191 LEU A CG  1 
ATOM   1009 C  CD1 . LEU A 1 129 ? 9.863   3.860   5.766   1.00 40.71 ? 191 LEU A CD1 1 
ATOM   1010 C  CD2 . LEU A 1 129 ? 9.855   6.236   6.371   1.00 45.84 ? 191 LEU A CD2 1 
ATOM   1011 N  N   . ILE A 1 130 ? 8.369   8.291   1.670   1.00 37.64 ? 192 ILE A N   1 
ATOM   1012 C  CA  . ILE A 1 130 ? 8.443   8.731   0.297   1.00 37.79 ? 192 ILE A CA  1 
ATOM   1013 C  C   . ILE A 1 130 ? 8.972   10.175  0.240   1.00 37.26 ? 192 ILE A C   1 
ATOM   1014 O  O   . ILE A 1 130 ? 8.740   10.968  1.158   1.00 35.90 ? 192 ILE A O   1 
ATOM   1015 C  CB  . ILE A 1 130 ? 7.076   8.619   -0.418  1.00 38.82 ? 192 ILE A CB  1 
ATOM   1016 C  CG1 . ILE A 1 130 ? 5.970   9.462   0.279   1.00 39.82 ? 192 ILE A CG1 1 
ATOM   1017 C  CG2 . ILE A 1 130 ? 6.648   7.095   -0.622  1.00 37.68 ? 192 ILE A CG2 1 
ATOM   1018 C  CD1 . ILE A 1 130 ? 4.679   9.586   -0.553  1.00 38.39 ? 192 ILE A CD1 1 
ATOM   1019 N  N   . GLY A 1 131 ? 9.655   10.515  -0.846  1.00 36.49 ? 193 GLY A N   1 
ATOM   1020 C  CA  . GLY A 1 131 ? 10.231  11.876  -1.003  1.00 34.38 ? 193 GLY A CA  1 
ATOM   1021 C  C   . GLY A 1 131 ? 10.520  12.185  -2.450  1.00 33.17 ? 193 GLY A C   1 
ATOM   1022 O  O   . GLY A 1 131 ? 10.534  11.288  -3.284  1.00 31.08 ? 193 GLY A O   1 
ATOM   1023 N  N   . TYR A 1 132 ? 10.713  13.458  -2.778  1.00 32.98 ? 194 TYR A N   1 
ATOM   1024 C  CA  . TYR A 1 132 ? 11.301  13.755  -4.069  1.00 34.34 ? 194 TYR A CA  1 
ATOM   1025 C  C   . TYR A 1 132 ? 12.344  14.887  -4.026  1.00 35.52 ? 194 TYR A C   1 
ATOM   1026 O  O   . TYR A 1 132 ? 13.090  15.036  -4.991  1.00 36.21 ? 194 TYR A O   1 
ATOM   1027 C  CB  . TYR A 1 132 ? 10.216  14.055  -5.115  1.00 34.85 ? 194 TYR A CB  1 
ATOM   1028 C  CG  . TYR A 1 132 ? 9.517   15.342  -4.847  1.00 34.89 ? 194 TYR A CG  1 
ATOM   1029 C  CD1 . TYR A 1 132 ? 9.905   16.533  -5.475  1.00 37.27 ? 194 TYR A CD1 1 
ATOM   1030 C  CD2 . TYR A 1 132 ? 8.491   15.387  -3.918  1.00 36.30 ? 194 TYR A CD2 1 
ATOM   1031 C  CE1 . TYR A 1 132 ? 9.237   17.753  -5.182  1.00 38.83 ? 194 TYR A CE1 1 
ATOM   1032 C  CE2 . TYR A 1 132 ? 7.813   16.580  -3.617  1.00 37.77 ? 194 TYR A CE2 1 
ATOM   1033 C  CZ  . TYR A 1 132 ? 8.179   17.750  -4.239  1.00 37.26 ? 194 TYR A CZ  1 
ATOM   1034 O  OH  . TYR A 1 132 ? 7.491   18.891  -3.906  1.00 37.49 ? 194 TYR A OH  1 
ATOM   1035 N  N   . LYS A 1 133 ? 12.394  15.683  -2.953  1.00 36.69 ? 195 LYS A N   1 
ATOM   1036 C  CA  . LYS A 1 133 ? 13.293  16.867  -2.945  1.00 38.54 ? 195 LYS A CA  1 
ATOM   1037 C  C   . LYS A 1 133 ? 14.490  16.833  -1.981  1.00 39.32 ? 195 LYS A C   1 
ATOM   1038 O  O   . LYS A 1 133 ? 14.389  17.275  -0.819  1.00 41.37 ? 195 LYS A O   1 
ATOM   1039 C  CB  . LYS A 1 133 ? 12.517  18.197  -2.843  1.00 38.39 ? 195 LYS A CB  1 
ATOM   1040 C  CG  . LYS A 1 133 ? 11.504  18.305  -1.706  1.00 38.86 ? 195 LYS A CG  1 
ATOM   1041 C  CD  . LYS A 1 133 ? 11.185  19.787  -1.495  1.00 39.16 ? 195 LYS A CD  1 
ATOM   1042 C  CE  . LYS A 1 133 ? 9.711   20.034  -1.128  1.00 38.38 ? 195 LYS A CE  1 
ATOM   1043 N  NZ  . LYS A 1 133 ? 9.414   21.529  -1.288  1.00 40.45 ? 195 LYS A NZ  1 
HETATM 1044 CA CA  . CA  B 2 .   ? 13.709  1.676   -9.059  1.00 33.44 ? 301 CA  A CA  1 
HETATM 1045 C  C1  . EDO C 3 .   ? -12.936 -1.275  1.943   1.00 37.15 ? 302 EDO A C1  1 
HETATM 1046 O  O1  . EDO C 3 .   ? -13.956 -0.322  1.647   1.00 37.46 ? 302 EDO A O1  1 
HETATM 1047 C  C2  . EDO C 3 .   ? -12.168 -1.521  0.636   1.00 33.96 ? 302 EDO A C2  1 
HETATM 1048 O  O2  . EDO C 3 .   ? -12.914 -2.442  -0.113  1.00 33.73 ? 302 EDO A O2  1 
HETATM 1049 O  O   . HOH D 4 .   ? 18.021  1.431   -5.320  1.00 32.53 ? 303 HOH A O   1 
HETATM 1050 O  O   . HOH D 4 .   ? -12.301 1.154   -9.699  1.00 32.23 ? 304 HOH A O   1 
HETATM 1051 O  O   . HOH D 4 .   ? 14.368  0.324   4.096   1.00 36.11 ? 305 HOH A O   1 
HETATM 1052 O  O   . HOH D 4 .   ? 15.441  0.666   -4.996  1.00 30.69 ? 306 HOH A O   1 
HETATM 1053 O  O   . HOH D 4 .   ? 16.197  6.961   -1.125  1.00 32.91 ? 307 HOH A O   1 
HETATM 1054 O  O   . HOH D 4 .   ? 13.951  -3.782  -4.677  1.00 33.13 ? 308 HOH A O   1 
HETATM 1055 O  O   . HOH D 4 .   ? 7.760   1.954   -13.616 1.00 35.77 ? 309 HOH A O   1 
HETATM 1056 O  O   . HOH D 4 .   ? -13.232 1.305   -2.188  1.00 35.98 ? 310 HOH A O   1 
HETATM 1057 O  O   . HOH D 4 .   ? 12.818  -5.790  -7.096  1.00 38.88 ? 311 HOH A O   1 
HETATM 1058 O  O   . HOH D 4 .   ? 6.914   4.927   8.525   1.00 37.11 ? 312 HOH A O   1 
HETATM 1059 O  O   . HOH D 4 .   ? 3.268   10.555  5.653   1.00 42.63 ? 313 HOH A O   1 
HETATM 1060 O  O   . HOH D 4 .   ? 9.307   9.332   -10.730 1.00 40.69 ? 314 HOH A O   1 
HETATM 1061 O  O   . HOH D 4 .   ? 0.836   4.429   -13.458 1.00 51.00 ? 315 HOH A O   1 
HETATM 1062 O  O   . HOH D 4 .   ? -17.368 3.102   2.942   1.00 42.07 ? 316 HOH A O   1 
HETATM 1063 O  O   . HOH D 4 .   ? 18.144  9.033   -0.082  1.00 38.56 ? 317 HOH A O   1 
HETATM 1064 O  O   . HOH D 4 .   ? -5.244  -7.912  -10.885 0.50 44.90 ? 318 HOH A O   1 
HETATM 1065 O  O   . HOH D 4 .   ? 9.211   16.737  -11.645 1.00 60.01 ? 319 HOH A O   1 
HETATM 1066 O  O   . HOH D 4 .   ? -2.665  -12.986 -4.588  1.00 54.17 ? 320 HOH A O   1 
HETATM 1067 O  O   . HOH D 4 .   ? 7.029   -0.433  -14.210 1.00 48.48 ? 321 HOH A O   1 
HETATM 1068 O  O   . HOH D 4 .   ? -5.546  8.295   4.844   1.00 46.18 ? 322 HOH A O   1 
HETATM 1069 O  O   . HOH D 4 .   ? 11.435  -9.487  -0.012  1.00 46.97 ? 323 HOH A O   1 
HETATM 1070 O  O   . HOH D 4 .   ? 4.148   -9.074  -3.991  1.00 47.92 ? 324 HOH A O   1 
HETATM 1071 O  O   . HOH D 4 .   ? 3.217   -8.521  5.054   1.00 43.23 ? 325 HOH A O   1 
HETATM 1072 O  O   . HOH D 4 .   ? 3.616   0.387   8.979   1.00 43.25 ? 326 HOH A O   1 
HETATM 1073 O  O   . HOH D 4 .   ? 1.172   9.526   6.957   1.00 52.37 ? 327 HOH A O   1 
HETATM 1074 O  O   . HOH D 4 .   ? -11.658 4.432   6.433   1.00 40.02 ? 328 HOH A O   1 
HETATM 1075 O  O   . HOH D 4 .   ? 10.244  9.336   -13.446 1.00 51.30 ? 329 HOH A O   1 
HETATM 1076 O  O   . HOH D 4 .   ? -18.273 -7.237  7.664   1.00 46.51 ? 330 HOH A O   1 
HETATM 1077 O  O   . HOH D 4 .   ? 5.413   -11.110 -5.041  1.00 47.63 ? 331 HOH A O   1 
HETATM 1078 O  O   . HOH D 4 .   ? 13.653  10.782  -0.644  1.00 46.82 ? 332 HOH A O   1 
HETATM 1079 O  O   . HOH D 4 .   ? 7.226   -10.297 -7.046  1.00 43.35 ? 333 HOH A O   1 
HETATM 1080 O  O   . HOH D 4 .   ? -16.845 1.330   -9.918  1.00 42.33 ? 334 HOH A O   1 
HETATM 1081 O  O   . HOH D 4 .   ? 0.834   -12.466 -6.410  1.00 52.59 ? 335 HOH A O   1 
HETATM 1082 O  O   . HOH D 4 .   ? 17.901  -8.661  -0.860  1.00 52.84 ? 336 HOH A O   1 
HETATM 1083 O  O   . HOH D 4 .   ? 10.155  -6.264  0.838   1.00 43.47 ? 337 HOH A O   1 
HETATM 1084 O  O   . HOH D 4 .   ? 10.214  -0.785  10.379  1.00 48.81 ? 338 HOH A O   1 
HETATM 1085 O  O   . HOH D 4 .   ? -16.587 3.448   0.155   1.00 39.87 ? 339 HOH A O   1 
HETATM 1086 O  O   . HOH D 4 .   ? -5.943  6.713   10.823  1.00 46.91 ? 340 HOH A O   1 
HETATM 1087 O  O   . HOH D 4 .   ? 5.550   5.935   10.969  1.00 50.95 ? 341 HOH A O   1 
HETATM 1088 O  O   . HOH D 4 .   ? -1.010  14.064  -3.611  1.00 52.72 ? 342 HOH A O   1 
HETATM 1089 O  O   . HOH D 4 .   ? 8.990   -2.964  3.881   1.00 53.38 ? 343 HOH A O   1 
HETATM 1090 O  O   . HOH D 4 .   ? 3.078   7.061   -10.689 1.00 54.01 ? 344 HOH A O   1 
HETATM 1091 O  O   . HOH D 4 .   ? -6.317  -14.404 -2.750  1.00 60.82 ? 345 HOH A O   1 
HETATM 1092 O  O   . HOH D 4 .   ? 10.867  -8.242  2.328   1.00 53.19 ? 346 HOH A O   1 
HETATM 1093 O  O   . HOH D 4 .   ? -10.527 -12.227 -0.799  1.00 51.56 ? 347 HOH A O   1 
HETATM 1094 O  O   . HOH D 4 .   ? 1.039   0.275   9.770   1.00 49.59 ? 348 HOH A O   1 
HETATM 1095 O  O   . HOH D 4 .   ? -14.293 2.071   0.297   1.00 38.51 ? 349 HOH A O   1 
HETATM 1096 O  O   . HOH D 4 .   ? 7.346   7.764   12.053  1.00 52.03 ? 350 HOH A O   1 
HETATM 1097 O  O   . HOH D 4 .   ? -0.627  -1.480  9.513   1.00 54.03 ? 351 HOH A O   1 
HETATM 1098 O  O   . HOH D 4 .   ? -12.601 3.422   2.086   1.00 52.27 ? 352 HOH A O   1 
HETATM 1099 O  O   . HOH D 4 .   ? 10.412  -0.654  1.809   1.00 50.21 ? 353 HOH A O   1 
HETATM 1100 O  O   . HOH D 4 .   ? 5.789   -5.554  1.985   1.00 42.19 ? 354 HOH A O   1 
HETATM 1101 O  O   . HOH D 4 .   ? 5.934   -7.200  -0.274  1.00 49.67 ? 355 HOH A O   1 
HETATM 1102 O  O   A HOH D 4 .   ? -10.432 7.904   1.096   0.60 74.78 ? 356 HOH A O   1 
HETATM 1103 O  O   B HOH D 4 .   ? -8.087  7.521   7.424   0.40 48.25 ? 356 HOH A O   1 
HETATM 1104 O  O   . HOH D 4 .   ? 13.376  7.479   6.570   1.00 47.33 ? 357 HOH A O   1 
HETATM 1105 O  O   . HOH D 4 .   ? 7.152   -7.909  -10.512 1.00 53.97 ? 358 HOH A O   1 
HETATM 1106 O  O   . HOH D 4 .   ? -3.830  7.667   13.025  1.00 58.56 ? 359 HOH A O   1 
HETATM 1107 O  O   . HOH D 4 .   ? 8.587   -6.175  -11.812 1.00 52.62 ? 360 HOH A O   1 
HETATM 1108 O  O   . HOH D 4 .   ? -11.085 6.943   -4.963  1.00 56.12 ? 361 HOH A O   1 
HETATM 1109 O  O   . HOH D 4 .   ? 0.849   -10.013 5.229   1.00 46.23 ? 362 HOH A O   1 
HETATM 1110 O  O   . HOH D 4 .   ? -3.969  12.564  0.141   1.00 56.39 ? 363 HOH A O   1 
HETATM 1111 O  O   . HOH D 4 .   ? 16.586  -5.492  -7.216  1.00 52.78 ? 364 HOH A O   1 
HETATM 1112 O  O   . HOH D 4 .   ? -7.273  11.117  -3.898  1.00 62.22 ? 365 HOH A O   1 
HETATM 1113 O  O   . HOH D 4 .   ? -7.665  10.134  0.964   1.00 56.24 ? 366 HOH A O   1 
HETATM 1114 O  O   . HOH D 4 .   ? 7.715   3.517   -15.936 1.00 51.12 ? 367 HOH A O   1 
HETATM 1115 O  O   . HOH D 4 .   ? -0.197  -10.368 7.794   1.00 64.75 ? 368 HOH A O   1 
HETATM 1116 O  O   . HOH D 4 .   ? 17.677  10.290  -2.437  1.00 51.01 ? 369 HOH A O   1 
HETATM 1117 O  O   . HOH D 4 .   ? 8.105   9.452   -14.932 1.00 65.31 ? 370 HOH A O   1 
HETATM 1118 O  O   . HOH D 4 .   ? 4.332   -9.076  -1.221  1.00 50.01 ? 371 HOH A O   1 
HETATM 1119 O  O   . HOH D 4 .   ? -11.437 8.426   -1.462  1.00 59.72 ? 372 HOH A O   1 
HETATM 1120 O  O   . HOH D 4 .   ? -6.681  -9.106  11.049  1.00 60.74 ? 373 HOH A O   1 
HETATM 1121 O  O   . HOH D 4 .   ? -5.629  10.942  -1.616  1.00 54.70 ? 374 HOH A O   1 
HETATM 1122 O  O   . HOH D 4 .   ? 0.943   -3.076  8.621   1.00 54.77 ? 375 HOH A O   1 
HETATM 1123 O  O   . HOH D 4 .   ? -5.208  4.070   -11.222 1.00 55.51 ? 376 HOH A O   1 
HETATM 1124 O  O   . HOH D 4 .   ? 8.316   10.336  6.200   1.00 60.45 ? 377 HOH A O   1 
HETATM 1125 O  O   . HOH D 4 .   ? 15.675  -6.127  -10.913 1.00 57.29 ? 378 HOH A O   1 
HETATM 1126 O  O   . HOH D 4 .   ? 1.609   -11.680 1.806   1.00 62.32 ? 379 HOH A O   1 
HETATM 1127 O  O   . HOH D 4 .   ? 10.120  15.249  -0.710  1.00 51.77 ? 380 HOH A O   1 
HETATM 1128 O  O   . HOH D 4 .   ? 3.321   -7.683  -12.842 1.00 59.41 ? 381 HOH A O   1 
HETATM 1129 O  O   . HOH D 4 .   ? 13.065  -11.467 -0.738  1.00 60.98 ? 382 HOH A O   1 
HETATM 1130 O  O   . HOH D 4 .   ? 0.789   -0.442  -18.339 1.00 57.87 ? 383 HOH A O   1 
HETATM 1131 O  O   . HOH D 4 .   ? -2.957  8.657   -7.313  1.00 46.33 ? 384 HOH A O   1 
HETATM 1132 O  O   . HOH D 4 .   ? -2.118  13.046  -8.390  1.00 58.99 ? 385 HOH A O   1 
HETATM 1133 O  O   . HOH D 4 .   ? 13.100  -8.664  4.315   1.00 52.60 ? 386 HOH A O   1 
HETATM 1134 O  O   . HOH D 4 .   ? 9.736   1.834   11.668  1.00 68.46 ? 387 HOH A O   1 
HETATM 1135 O  O   . HOH D 4 .   ? 8.010   -5.098  2.796   1.00 52.66 ? 388 HOH A O   1 
HETATM 1136 O  O   . HOH D 4 .   ? 0.200   -6.052  10.407  1.00 58.03 ? 389 HOH A O   1 
HETATM 1137 O  O   . HOH D 4 .   ? 8.714   6.761   9.824   1.00 56.89 ? 390 HOH A O   1 
HETATM 1138 O  O   . HOH D 4 .   ? -11.098 5.178   0.454   1.00 54.60 ? 391 HOH A O   1 
# 
